data_5ZRP
# 
_entry.id   5ZRP 
# 
_audit_conform.dict_name       mmcif_pdbx.dic 
_audit_conform.dict_version    5.380 
_audit_conform.dict_location   http://mmcif.pdb.org/dictionaries/ascii/mmcif_pdbx.dic 
# 
loop_
_database_2.database_id 
_database_2.database_code 
_database_2.pdbx_database_accession 
_database_2.pdbx_DOI 
PDB   5ZRP         pdb_00005zrp 10.2210/pdb5zrp/pdb 
WWPDB D_1300007551 ?            ?                   
# 
_pdbx_database_related.db_name        PDB 
_pdbx_database_related.details        . 
_pdbx_database_related.db_id          5ZRC 
_pdbx_database_related.content_type   unspecified 
# 
_pdbx_database_status.status_code                     REL 
_pdbx_database_status.status_code_sf                  REL 
_pdbx_database_status.status_code_mr                  ? 
_pdbx_database_status.entry_id                        5ZRP 
_pdbx_database_status.recvd_initial_deposition_date   2018-04-24 
_pdbx_database_status.SG_entry                        N 
_pdbx_database_status.deposit_site                    PDBJ 
_pdbx_database_status.process_site                    PDBJ 
_pdbx_database_status.status_code_cs                  ? 
_pdbx_database_status.methods_development_category    ? 
_pdbx_database_status.pdb_format_compatible           Y 
_pdbx_database_status.status_code_nmr_data            ? 
# 
loop_
_audit_author.name 
_audit_author.pdbx_ordinal 
_audit_author.identifier_ORCID 
'Singh, A.'    1 ? 
'Arif, S.M.'   2 ? 
'Sang, P.B.'   3 ? 
'Varshney, U.' 4 ? 
'Vijayan, M.'  5 ? 
# 
_citation.abstract                  ? 
_citation.abstract_id_CAS           ? 
_citation.book_id_ISBN              ? 
_citation.book_publisher            ? 
_citation.book_publisher_city       ? 
_citation.book_title                ? 
_citation.coordinate_linkage        ? 
_citation.country                   US 
_citation.database_id_Medline       ? 
_citation.details                   ? 
_citation.id                        primary 
_citation.journal_abbrev            J.Struct.Biol. 
_citation.journal_id_ASTM           JSBIEM 
_citation.journal_id_CSD            0803 
_citation.journal_id_ISSN           1095-8657 
_citation.journal_full              ? 
_citation.journal_issue             ? 
_citation.journal_volume            204 
_citation.language                  ? 
_citation.page_first                449 
_citation.page_last                 456 
_citation.title                     
'Structural insights into the specificity and catalytic mechanism of mycobacterial nucleotide pool sanitizing enzyme MutT2.' 
_citation.year                      2018 
_citation.database_id_CSD           ? 
_citation.pdbx_database_id_DOI      10.1016/j.jsb.2018.10.002 
_citation.pdbx_database_id_PubMed   30312643 
_citation.unpublished_flag          ? 
# 
loop_
_citation_author.citation_id 
_citation_author.name 
_citation_author.ordinal 
_citation_author.identifier_ORCID 
primary 'Singh, A.'         1 ? 
primary 'Mohammad Arif, S.' 2 ? 
primary 'Biak Sang, P.'     3 ? 
primary 'Varshney, U.'      4 ? 
primary 'Vijayan, M.'       5 ? 
# 
_cell.angle_alpha                  90.00 
_cell.angle_alpha_esd              ? 
_cell.angle_beta                   90.00 
_cell.angle_beta_esd               ? 
_cell.angle_gamma                  90.00 
_cell.angle_gamma_esd              ? 
_cell.entry_id                     5ZRP 
_cell.details                      ? 
_cell.formula_units_Z              ? 
_cell.length_a                     36.970 
_cell.length_a_esd                 ? 
_cell.length_b                     60.710 
_cell.length_b_esd                 ? 
_cell.length_c                     80.380 
_cell.length_c_esd                 ? 
_cell.volume                       ? 
_cell.volume_esd                   ? 
_cell.Z_PDB                        4 
_cell.reciprocal_angle_alpha       ? 
_cell.reciprocal_angle_beta        ? 
_cell.reciprocal_angle_gamma       ? 
_cell.reciprocal_angle_alpha_esd   ? 
_cell.reciprocal_angle_beta_esd    ? 
_cell.reciprocal_angle_gamma_esd   ? 
_cell.reciprocal_length_a          ? 
_cell.reciprocal_length_b          ? 
_cell.reciprocal_length_c          ? 
_cell.reciprocal_length_a_esd      ? 
_cell.reciprocal_length_b_esd      ? 
_cell.reciprocal_length_c_esd      ? 
_cell.pdbx_unique_axis             ? 
# 
_symmetry.entry_id                         5ZRP 
_symmetry.cell_setting                     ? 
_symmetry.Int_Tables_number                19 
_symmetry.space_group_name_Hall            ? 
_symmetry.space_group_name_H-M             'P 21 21 21' 
_symmetry.pdbx_full_space_group_name_H-M   ? 
# 
loop_
_entity.id 
_entity.type 
_entity.src_method 
_entity.pdbx_description 
_entity.formula_weight 
_entity.pdbx_number_of_molecules 
_entity.pdbx_ec 
_entity.pdbx_mutation 
_entity.pdbx_fragment 
_entity.details 
1 polymer man 'Putative mutator protein MutT2/NUDIX hydrolase' 16081.142 1   ? ? ? ? 
2 water   nat water                                            18.015    178 ? ? ? ? 
# 
_entity_poly.entity_id                      1 
_entity_poly.type                           'polypeptide(L)' 
_entity_poly.nstd_linkage                   no 
_entity_poly.nstd_monomer                   no 
_entity_poly.pdbx_seq_one_letter_code       
;MGSSHHHHHHSSGLVPRGSHMTKQIVVAGALISRGTLLVAQRDRPAELAGLWELPGGKVTPGESDADALARELREELGVD
VAVGERLGADVALNDAMTLRAYRVTLRSGSPHPHDHRALRWVGADEIDGLAWVPADRAWVPDLVAALSGR
;
_entity_poly.pdbx_seq_one_letter_code_can   
;MGSSHHHHHHSSGLVPRGSHMTKQIVVAGALISRGTLLVAQRDRPAELAGLWELPGGKVTPGESDADALARELREELGVD
VAVGERLGADVALNDAMTLRAYRVTLRSGSPHPHDHRALRWVGADEIDGLAWVPADRAWVPDLVAALSGR
;
_entity_poly.pdbx_strand_id                 A 
_entity_poly.pdbx_target_identifier         ? 
# 
loop_
_entity_poly_seq.entity_id 
_entity_poly_seq.num 
_entity_poly_seq.mon_id 
_entity_poly_seq.hetero 
1 1   MET n 
1 2   GLY n 
1 3   SER n 
1 4   SER n 
1 5   HIS n 
1 6   HIS n 
1 7   HIS n 
1 8   HIS n 
1 9   HIS n 
1 10  HIS n 
1 11  SER n 
1 12  SER n 
1 13  GLY n 
1 14  LEU n 
1 15  VAL n 
1 16  PRO n 
1 17  ARG n 
1 18  GLY n 
1 19  SER n 
1 20  HIS n 
1 21  MET n 
1 22  THR n 
1 23  LYS n 
1 24  GLN n 
1 25  ILE n 
1 26  VAL n 
1 27  VAL n 
1 28  ALA n 
1 29  GLY n 
1 30  ALA n 
1 31  LEU n 
1 32  ILE n 
1 33  SER n 
1 34  ARG n 
1 35  GLY n 
1 36  THR n 
1 37  LEU n 
1 38  LEU n 
1 39  VAL n 
1 40  ALA n 
1 41  GLN n 
1 42  ARG n 
1 43  ASP n 
1 44  ARG n 
1 45  PRO n 
1 46  ALA n 
1 47  GLU n 
1 48  LEU n 
1 49  ALA n 
1 50  GLY n 
1 51  LEU n 
1 52  TRP n 
1 53  GLU n 
1 54  LEU n 
1 55  PRO n 
1 56  GLY n 
1 57  GLY n 
1 58  LYS n 
1 59  VAL n 
1 60  THR n 
1 61  PRO n 
1 62  GLY n 
1 63  GLU n 
1 64  SER n 
1 65  ASP n 
1 66  ALA n 
1 67  ASP n 
1 68  ALA n 
1 69  LEU n 
1 70  ALA n 
1 71  ARG n 
1 72  GLU n 
1 73  LEU n 
1 74  ARG n 
1 75  GLU n 
1 76  GLU n 
1 77  LEU n 
1 78  GLY n 
1 79  VAL n 
1 80  ASP n 
1 81  VAL n 
1 82  ALA n 
1 83  VAL n 
1 84  GLY n 
1 85  GLU n 
1 86  ARG n 
1 87  LEU n 
1 88  GLY n 
1 89  ALA n 
1 90  ASP n 
1 91  VAL n 
1 92  ALA n 
1 93  LEU n 
1 94  ASN n 
1 95  ASP n 
1 96  ALA n 
1 97  MET n 
1 98  THR n 
1 99  LEU n 
1 100 ARG n 
1 101 ALA n 
1 102 TYR n 
1 103 ARG n 
1 104 VAL n 
1 105 THR n 
1 106 LEU n 
1 107 ARG n 
1 108 SER n 
1 109 GLY n 
1 110 SER n 
1 111 PRO n 
1 112 HIS n 
1 113 PRO n 
1 114 HIS n 
1 115 ASP n 
1 116 HIS n 
1 117 ARG n 
1 118 ALA n 
1 119 LEU n 
1 120 ARG n 
1 121 TRP n 
1 122 VAL n 
1 123 GLY n 
1 124 ALA n 
1 125 ASP n 
1 126 GLU n 
1 127 ILE n 
1 128 ASP n 
1 129 GLY n 
1 130 LEU n 
1 131 ALA n 
1 132 TRP n 
1 133 VAL n 
1 134 PRO n 
1 135 ALA n 
1 136 ASP n 
1 137 ARG n 
1 138 ALA n 
1 139 TRP n 
1 140 VAL n 
1 141 PRO n 
1 142 ASP n 
1 143 LEU n 
1 144 VAL n 
1 145 ALA n 
1 146 ALA n 
1 147 LEU n 
1 148 SER n 
1 149 GLY n 
1 150 ARG n 
# 
_entity_src_gen.entity_id                          1 
_entity_src_gen.pdbx_src_id                        1 
_entity_src_gen.pdbx_alt_source_flag               sample 
_entity_src_gen.pdbx_seq_type                      'Biological sequence' 
_entity_src_gen.pdbx_beg_seq_num                   1 
_entity_src_gen.pdbx_end_seq_num                   150 
_entity_src_gen.gene_src_common_name               ? 
_entity_src_gen.gene_src_genus                     ? 
_entity_src_gen.pdbx_gene_src_gene                 'mutT2, MSMEI_5016' 
_entity_src_gen.gene_src_species                   ? 
_entity_src_gen.gene_src_strain                    'ATCC 700084 / mc(2)155' 
_entity_src_gen.gene_src_tissue                    ? 
_entity_src_gen.gene_src_tissue_fraction           ? 
_entity_src_gen.gene_src_details                   ? 
_entity_src_gen.pdbx_gene_src_fragment             ? 
_entity_src_gen.pdbx_gene_src_scientific_name      'Mycobacterium smegmatis (strain ATCC 700084 / mc(2)155)' 
_entity_src_gen.pdbx_gene_src_ncbi_taxonomy_id     246196 
_entity_src_gen.pdbx_gene_src_variant              ? 
_entity_src_gen.pdbx_gene_src_cell_line            ? 
_entity_src_gen.pdbx_gene_src_atcc                 ? 
_entity_src_gen.pdbx_gene_src_organ                ? 
_entity_src_gen.pdbx_gene_src_organelle            ? 
_entity_src_gen.pdbx_gene_src_cell                 ? 
_entity_src_gen.pdbx_gene_src_cellular_location    ? 
_entity_src_gen.host_org_common_name               ? 
_entity_src_gen.pdbx_host_org_scientific_name      'Escherichia coli' 
_entity_src_gen.pdbx_host_org_ncbi_taxonomy_id     562 
_entity_src_gen.host_org_genus                     ? 
_entity_src_gen.pdbx_host_org_gene                 ? 
_entity_src_gen.pdbx_host_org_organ                ? 
_entity_src_gen.host_org_species                   ? 
_entity_src_gen.pdbx_host_org_tissue               ? 
_entity_src_gen.pdbx_host_org_tissue_fraction      ? 
_entity_src_gen.pdbx_host_org_strain               BL21 
_entity_src_gen.pdbx_host_org_variant              ? 
_entity_src_gen.pdbx_host_org_cell_line            ? 
_entity_src_gen.pdbx_host_org_atcc                 ? 
_entity_src_gen.pdbx_host_org_culture_collection   ? 
_entity_src_gen.pdbx_host_org_cell                 ? 
_entity_src_gen.pdbx_host_org_organelle            ? 
_entity_src_gen.pdbx_host_org_cellular_location    ? 
_entity_src_gen.pdbx_host_org_vector_type          ? 
_entity_src_gen.pdbx_host_org_vector               ? 
_entity_src_gen.host_org_details                   ? 
_entity_src_gen.expression_system_id               ? 
_entity_src_gen.plasmid_name                       ? 
_entity_src_gen.plasmid_details                    ? 
_entity_src_gen.pdbx_description                   ? 
# 
_struct_ref.id                         1 
_struct_ref.db_name                    UNP 
_struct_ref.db_code                    I7FJF7_MYCS2 
_struct_ref.pdbx_db_accession          I7FJF7 
_struct_ref.pdbx_db_isoform            ? 
_struct_ref.entity_id                  1 
_struct_ref.pdbx_seq_one_letter_code   
;MTKQIVVAGALISRGTLLVAQRDRPAELAGLWELPGGKVTPGESDADALARELREELGVDVAVGERLGADVALNDAMTLR
AYRVTLRSGSPHPHDHRALRWVGADEIDGLAWVPADRAWVPDLVAALSGR
;
_struct_ref.pdbx_align_begin           1 
# 
_struct_ref_seq.align_id                      1 
_struct_ref_seq.ref_id                        1 
_struct_ref_seq.pdbx_PDB_id_code              5ZRP 
_struct_ref_seq.pdbx_strand_id                A 
_struct_ref_seq.seq_align_beg                 21 
_struct_ref_seq.pdbx_seq_align_beg_ins_code   ? 
_struct_ref_seq.seq_align_end                 150 
_struct_ref_seq.pdbx_seq_align_end_ins_code   ? 
_struct_ref_seq.pdbx_db_accession             I7FJF7 
_struct_ref_seq.db_align_beg                  1 
_struct_ref_seq.pdbx_db_align_beg_ins_code    ? 
_struct_ref_seq.db_align_end                  130 
_struct_ref_seq.pdbx_db_align_end_ins_code    ? 
_struct_ref_seq.pdbx_auth_seq_align_beg       1 
_struct_ref_seq.pdbx_auth_seq_align_end       130 
# 
loop_
_struct_ref_seq_dif.align_id 
_struct_ref_seq_dif.pdbx_pdb_id_code 
_struct_ref_seq_dif.mon_id 
_struct_ref_seq_dif.pdbx_pdb_strand_id 
_struct_ref_seq_dif.seq_num 
_struct_ref_seq_dif.pdbx_pdb_ins_code 
_struct_ref_seq_dif.pdbx_seq_db_name 
_struct_ref_seq_dif.pdbx_seq_db_accession_code 
_struct_ref_seq_dif.db_mon_id 
_struct_ref_seq_dif.pdbx_seq_db_seq_num 
_struct_ref_seq_dif.details 
_struct_ref_seq_dif.pdbx_auth_seq_num 
_struct_ref_seq_dif.pdbx_ordinal 
1 5ZRP MET A 1  ? UNP I7FJF7 ? ? 'initiating methionine' -19 1  
1 5ZRP GLY A 2  ? UNP I7FJF7 ? ? 'expression tag'        -18 2  
1 5ZRP SER A 3  ? UNP I7FJF7 ? ? 'expression tag'        -17 3  
1 5ZRP SER A 4  ? UNP I7FJF7 ? ? 'expression tag'        -16 4  
1 5ZRP HIS A 5  ? UNP I7FJF7 ? ? 'expression tag'        -15 5  
1 5ZRP HIS A 6  ? UNP I7FJF7 ? ? 'expression tag'        -14 6  
1 5ZRP HIS A 7  ? UNP I7FJF7 ? ? 'expression tag'        -13 7  
1 5ZRP HIS A 8  ? UNP I7FJF7 ? ? 'expression tag'        -12 8  
1 5ZRP HIS A 9  ? UNP I7FJF7 ? ? 'expression tag'        -11 9  
1 5ZRP HIS A 10 ? UNP I7FJF7 ? ? 'expression tag'        -10 10 
1 5ZRP SER A 11 ? UNP I7FJF7 ? ? 'expression tag'        -9  11 
1 5ZRP SER A 12 ? UNP I7FJF7 ? ? 'expression tag'        -8  12 
1 5ZRP GLY A 13 ? UNP I7FJF7 ? ? 'expression tag'        -7  13 
1 5ZRP LEU A 14 ? UNP I7FJF7 ? ? 'expression tag'        -6  14 
1 5ZRP VAL A 15 ? UNP I7FJF7 ? ? 'expression tag'        -5  15 
1 5ZRP PRO A 16 ? UNP I7FJF7 ? ? 'expression tag'        -4  16 
1 5ZRP ARG A 17 ? UNP I7FJF7 ? ? 'expression tag'        -3  17 
1 5ZRP GLY A 18 ? UNP I7FJF7 ? ? 'expression tag'        -2  18 
1 5ZRP SER A 19 ? UNP I7FJF7 ? ? 'expression tag'        -1  19 
1 5ZRP HIS A 20 ? UNP I7FJF7 ? ? 'expression tag'        0   20 
# 
loop_
_chem_comp.id 
_chem_comp.type 
_chem_comp.mon_nstd_flag 
_chem_comp.name 
_chem_comp.pdbx_synonyms 
_chem_comp.formula 
_chem_comp.formula_weight 
ALA 'L-peptide linking' y ALANINE         ? 'C3 H7 N O2'     89.093  
ARG 'L-peptide linking' y ARGININE        ? 'C6 H15 N4 O2 1' 175.209 
ASN 'L-peptide linking' y ASPARAGINE      ? 'C4 H8 N2 O3'    132.118 
ASP 'L-peptide linking' y 'ASPARTIC ACID' ? 'C4 H7 N O4'     133.103 
GLN 'L-peptide linking' y GLUTAMINE       ? 'C5 H10 N2 O3'   146.144 
GLU 'L-peptide linking' y 'GLUTAMIC ACID' ? 'C5 H9 N O4'     147.129 
GLY 'peptide linking'   y GLYCINE         ? 'C2 H5 N O2'     75.067  
HIS 'L-peptide linking' y HISTIDINE       ? 'C6 H10 N3 O2 1' 156.162 
HOH non-polymer         . WATER           ? 'H2 O'           18.015  
ILE 'L-peptide linking' y ISOLEUCINE      ? 'C6 H13 N O2'    131.173 
LEU 'L-peptide linking' y LEUCINE         ? 'C6 H13 N O2'    131.173 
LYS 'L-peptide linking' y LYSINE          ? 'C6 H15 N2 O2 1' 147.195 
MET 'L-peptide linking' y METHIONINE      ? 'C5 H11 N O2 S'  149.211 
PRO 'L-peptide linking' y PROLINE         ? 'C5 H9 N O2'     115.130 
SER 'L-peptide linking' y SERINE          ? 'C3 H7 N O3'     105.093 
THR 'L-peptide linking' y THREONINE       ? 'C4 H9 N O3'     119.119 
TRP 'L-peptide linking' y TRYPTOPHAN      ? 'C11 H12 N2 O2'  204.225 
TYR 'L-peptide linking' y TYROSINE        ? 'C9 H11 N O3'    181.189 
VAL 'L-peptide linking' y VALINE          ? 'C5 H11 N O2'    117.146 
# 
_exptl.absorpt_coefficient_mu     ? 
_exptl.absorpt_correction_T_max   ? 
_exptl.absorpt_correction_T_min   ? 
_exptl.absorpt_correction_type    ? 
_exptl.absorpt_process_details    ? 
_exptl.entry_id                   5ZRP 
_exptl.crystals_number            1 
_exptl.details                    ? 
_exptl.method                     'X-RAY DIFFRACTION' 
_exptl.method_details             ? 
# 
_exptl_crystal.colour                      ? 
_exptl_crystal.density_diffrn              ? 
_exptl_crystal.density_Matthews            2.87 
_exptl_crystal.density_method              ? 
_exptl_crystal.density_percent_sol         56.14 
_exptl_crystal.description                 ? 
_exptl_crystal.F_000                       ? 
_exptl_crystal.id                          1 
_exptl_crystal.preparation                 ? 
_exptl_crystal.size_max                    ? 
_exptl_crystal.size_mid                    ? 
_exptl_crystal.size_min                    ? 
_exptl_crystal.size_rad                    ? 
_exptl_crystal.colour_lustre               ? 
_exptl_crystal.colour_modifier             ? 
_exptl_crystal.colour_primary              ? 
_exptl_crystal.density_meas                ? 
_exptl_crystal.density_meas_esd            ? 
_exptl_crystal.density_meas_gt             ? 
_exptl_crystal.density_meas_lt             ? 
_exptl_crystal.density_meas_temp           ? 
_exptl_crystal.density_meas_temp_esd       ? 
_exptl_crystal.density_meas_temp_gt        ? 
_exptl_crystal.density_meas_temp_lt        ? 
_exptl_crystal.pdbx_crystal_image_url      ? 
_exptl_crystal.pdbx_crystal_image_format   ? 
_exptl_crystal.pdbx_mosaicity              ? 
_exptl_crystal.pdbx_mosaicity_esd          ? 
# 
_exptl_crystal_grow.apparatus       ? 
_exptl_crystal_grow.atmosphere      ? 
_exptl_crystal_grow.crystal_id      1 
_exptl_crystal_grow.details         ? 
_exptl_crystal_grow.method          MICROBATCH 
_exptl_crystal_grow.method_ref      ? 
_exptl_crystal_grow.pH              ? 
_exptl_crystal_grow.pressure        ? 
_exptl_crystal_grow.pressure_esd    ? 
_exptl_crystal_grow.seeding         ? 
_exptl_crystal_grow.seeding_ref     ? 
_exptl_crystal_grow.temp            292 
_exptl_crystal_grow.temp_details    ? 
_exptl_crystal_grow.temp_esd        ? 
_exptl_crystal_grow.time            ? 
_exptl_crystal_grow.pdbx_details    '0.2 M Ammonium sulfate, 0.1 M Sodium cacodylate trihydrate pH 6.5, 30% w/v PEG 8,000' 
_exptl_crystal_grow.pdbx_pH_range   ? 
# 
_diffrn.ambient_environment    ? 
_diffrn.ambient_temp           100 
_diffrn.ambient_temp_details   ? 
_diffrn.ambient_temp_esd       ? 
_diffrn.crystal_id             1 
_diffrn.crystal_support        ? 
_diffrn.crystal_treatment      ? 
_diffrn.details                ? 
_diffrn.id                     1 
_diffrn.ambient_pressure       ? 
_diffrn.ambient_pressure_esd   ? 
_diffrn.ambient_pressure_gt    ? 
_diffrn.ambient_pressure_lt    ? 
_diffrn.ambient_temp_gt        ? 
_diffrn.ambient_temp_lt        ? 
# 
_diffrn_detector.details                      ? 
_diffrn_detector.detector                     'IMAGE PLATE' 
_diffrn_detector.diffrn_id                    1 
_diffrn_detector.type                         'MAR scanner 345 mm plate' 
_diffrn_detector.area_resol_mean              ? 
_diffrn_detector.dtime                        ? 
_diffrn_detector.pdbx_frames_total            ? 
_diffrn_detector.pdbx_collection_time_total   ? 
_diffrn_detector.pdbx_collection_date         2014-12-31 
# 
_diffrn_radiation.collimation                      ? 
_diffrn_radiation.diffrn_id                        1 
_diffrn_radiation.filter_edge                      ? 
_diffrn_radiation.inhomogeneity                    ? 
_diffrn_radiation.monochromator                    ? 
_diffrn_radiation.polarisn_norm                    ? 
_diffrn_radiation.polarisn_ratio                   ? 
_diffrn_radiation.probe                            ? 
_diffrn_radiation.type                             ? 
_diffrn_radiation.xray_symbol                      ? 
_diffrn_radiation.wavelength_id                    1 
_diffrn_radiation.pdbx_monochromatic_or_laue_m_l   M 
_diffrn_radiation.pdbx_wavelength_list             ? 
_diffrn_radiation.pdbx_wavelength                  ? 
_diffrn_radiation.pdbx_diffrn_protocol             'SINGLE WAVELENGTH' 
_diffrn_radiation.pdbx_analyzer                    ? 
_diffrn_radiation.pdbx_scattering_type             x-ray 
# 
_diffrn_radiation_wavelength.id           1 
_diffrn_radiation_wavelength.wavelength   1.5418 
_diffrn_radiation_wavelength.wt           1.0 
# 
_diffrn_source.current                     ? 
_diffrn_source.details                     ? 
_diffrn_source.diffrn_id                   1 
_diffrn_source.power                       ? 
_diffrn_source.size                        ? 
_diffrn_source.source                      'ROTATING ANODE' 
_diffrn_source.target                      ? 
_diffrn_source.type                        'BRUKER AXS MICROSTAR' 
_diffrn_source.voltage                     ? 
_diffrn_source.take-off_angle              ? 
_diffrn_source.pdbx_wavelength_list        1.5418 
_diffrn_source.pdbx_wavelength             ? 
_diffrn_source.pdbx_synchrotron_beamline   ? 
_diffrn_source.pdbx_synchrotron_site       ? 
# 
_reflns.B_iso_Wilson_estimate            ? 
_reflns.entry_id                         5ZRP 
_reflns.data_reduction_details           ? 
_reflns.data_reduction_method            ? 
_reflns.d_resolution_high                1.73 
_reflns.d_resolution_low                 33.59 
_reflns.details                          ? 
_reflns.limit_h_max                      ? 
_reflns.limit_h_min                      ? 
_reflns.limit_k_max                      ? 
_reflns.limit_k_min                      ? 
_reflns.limit_l_max                      ? 
_reflns.limit_l_min                      ? 
_reflns.number_all                       ? 
_reflns.number_obs                       19279 
_reflns.observed_criterion               ? 
_reflns.observed_criterion_F_max         ? 
_reflns.observed_criterion_F_min         ? 
_reflns.observed_criterion_I_max         ? 
_reflns.observed_criterion_I_min         ? 
_reflns.observed_criterion_sigma_F       ? 
_reflns.observed_criterion_sigma_I       ? 
_reflns.percent_possible_obs             98.5 
_reflns.R_free_details                   ? 
_reflns.Rmerge_F_all                     ? 
_reflns.Rmerge_F_obs                     ? 
_reflns.Friedel_coverage                 ? 
_reflns.number_gt                        ? 
_reflns.threshold_expression             ? 
_reflns.pdbx_redundancy                  3.6 
_reflns.pdbx_Rmerge_I_obs                0.145 
_reflns.pdbx_Rmerge_I_all                ? 
_reflns.pdbx_Rsym_value                  ? 
_reflns.pdbx_netI_over_av_sigmaI         ? 
_reflns.pdbx_netI_over_sigmaI            6.8 
_reflns.pdbx_res_netI_over_av_sigmaI_2   ? 
_reflns.pdbx_res_netI_over_sigmaI_2      ? 
_reflns.pdbx_chi_squared                 ? 
_reflns.pdbx_scaling_rejects             ? 
_reflns.pdbx_d_res_high_opt              ? 
_reflns.pdbx_d_res_low_opt               ? 
_reflns.pdbx_d_res_opt_method            ? 
_reflns.phase_calculation_details        ? 
_reflns.pdbx_Rrim_I_all                  ? 
_reflns.pdbx_Rpim_I_all                  ? 
_reflns.pdbx_d_opt                       ? 
_reflns.pdbx_number_measured_all         ? 
_reflns.pdbx_diffrn_id                   1 
_reflns.pdbx_ordinal                     1 
_reflns.pdbx_CC_half                     ? 
_reflns.pdbx_R_split                     ? 
# 
_reflns_shell.d_res_high                  1.73 
_reflns_shell.d_res_low                   1.82 
_reflns_shell.meanI_over_sigI_all         ? 
_reflns_shell.meanI_over_sigI_obs         2.6 
_reflns_shell.number_measured_all         ? 
_reflns_shell.number_measured_obs         ? 
_reflns_shell.number_possible             ? 
_reflns_shell.number_unique_all           ? 
_reflns_shell.number_unique_obs           2508 
_reflns_shell.percent_possible_all        90.1 
_reflns_shell.percent_possible_obs        ? 
_reflns_shell.Rmerge_F_all                ? 
_reflns_shell.Rmerge_F_obs                ? 
_reflns_shell.Rmerge_I_all                ? 
_reflns_shell.Rmerge_I_obs                0.441 
_reflns_shell.meanI_over_sigI_gt          ? 
_reflns_shell.meanI_over_uI_all           ? 
_reflns_shell.meanI_over_uI_gt            ? 
_reflns_shell.number_measured_gt          ? 
_reflns_shell.number_unique_gt            ? 
_reflns_shell.percent_possible_gt         ? 
_reflns_shell.Rmerge_F_gt                 ? 
_reflns_shell.Rmerge_I_gt                 ? 
_reflns_shell.pdbx_redundancy             ? 
_reflns_shell.pdbx_Rsym_value             ? 
_reflns_shell.pdbx_chi_squared            ? 
_reflns_shell.pdbx_netI_over_sigmaI_all   ? 
_reflns_shell.pdbx_netI_over_sigmaI_obs   ? 
_reflns_shell.pdbx_Rrim_I_all             ? 
_reflns_shell.pdbx_Rpim_I_all             ? 
_reflns_shell.pdbx_rejects                ? 
_reflns_shell.pdbx_ordinal                1 
_reflns_shell.pdbx_diffrn_id              1 
_reflns_shell.pdbx_CC_half                ? 
_reflns_shell.pdbx_R_split                ? 
# 
_refine.aniso_B[1][1]                            0.75 
_refine.aniso_B[1][2]                            0.00 
_refine.aniso_B[1][3]                            -0.00 
_refine.aniso_B[2][2]                            -0.45 
_refine.aniso_B[2][3]                            0.00 
_refine.aniso_B[3][3]                            -0.30 
_refine.B_iso_max                                ? 
_refine.B_iso_mean                               16.617 
_refine.B_iso_min                                ? 
_refine.correlation_coeff_Fo_to_Fc               0.942 
_refine.correlation_coeff_Fo_to_Fc_free          0.922 
_refine.details                                  'HYDROGENS HAVE BEEN ADDED IN THE RIDING POSITIONS' 
_refine.diff_density_max                         ? 
_refine.diff_density_max_esd                     ? 
_refine.diff_density_min                         ? 
_refine.diff_density_min_esd                     ? 
_refine.diff_density_rms                         ? 
_refine.diff_density_rms_esd                     ? 
_refine.entry_id                                 5ZRP 
_refine.pdbx_refine_id                           'X-RAY DIFFRACTION' 
_refine.ls_abs_structure_details                 ? 
_refine.ls_abs_structure_Flack                   ? 
_refine.ls_abs_structure_Flack_esd               ? 
_refine.ls_abs_structure_Rogers                  ? 
_refine.ls_abs_structure_Rogers_esd              ? 
_refine.ls_d_res_high                            1.74 
_refine.ls_d_res_low                             33.59 
_refine.ls_extinction_coef                       ? 
_refine.ls_extinction_coef_esd                   ? 
_refine.ls_extinction_expression                 ? 
_refine.ls_extinction_method                     ? 
_refine.ls_goodness_of_fit_all                   ? 
_refine.ls_goodness_of_fit_all_esd               ? 
_refine.ls_goodness_of_fit_obs                   ? 
_refine.ls_goodness_of_fit_obs_esd               ? 
_refine.ls_hydrogen_treatment                    ? 
_refine.ls_matrix_type                           ? 
_refine.ls_number_constraints                    ? 
_refine.ls_number_parameters                     ? 
_refine.ls_number_reflns_all                     ? 
_refine.ls_number_reflns_obs                     18236 
_refine.ls_number_reflns_R_free                  984 
_refine.ls_number_reflns_R_work                  ? 
_refine.ls_number_restraints                     ? 
_refine.ls_percent_reflns_obs                    99.48 
_refine.ls_percent_reflns_R_free                 5.1 
_refine.ls_R_factor_all                          ? 
_refine.ls_R_factor_obs                          0.19831 
_refine.ls_R_factor_R_free                       0.23337 
_refine.ls_R_factor_R_free_error                 ? 
_refine.ls_R_factor_R_free_error_details         ? 
_refine.ls_R_factor_R_work                       0.19643 
_refine.ls_R_Fsqd_factor_obs                     ? 
_refine.ls_R_I_factor_obs                        ? 
_refine.ls_redundancy_reflns_all                 ? 
_refine.ls_redundancy_reflns_obs                 ? 
_refine.ls_restrained_S_all                      ? 
_refine.ls_restrained_S_obs                      ? 
_refine.ls_shift_over_esd_max                    ? 
_refine.ls_shift_over_esd_mean                   ? 
_refine.ls_structure_factor_coef                 ? 
_refine.ls_weighting_details                     ? 
_refine.ls_weighting_scheme                      ? 
_refine.ls_wR_factor_all                         ? 
_refine.ls_wR_factor_obs                         ? 
_refine.ls_wR_factor_R_free                      ? 
_refine.ls_wR_factor_R_work                      ? 
_refine.occupancy_max                            ? 
_refine.occupancy_min                            ? 
_refine.solvent_model_details                    ? 
_refine.solvent_model_param_bsol                 ? 
_refine.solvent_model_param_ksol                 ? 
_refine.ls_R_factor_gt                           ? 
_refine.ls_goodness_of_fit_gt                    ? 
_refine.ls_goodness_of_fit_ref                   ? 
_refine.ls_shift_over_su_max                     ? 
_refine.ls_shift_over_su_max_lt                  ? 
_refine.ls_shift_over_su_mean                    ? 
_refine.ls_shift_over_su_mean_lt                 ? 
_refine.pdbx_ls_sigma_I                          ? 
_refine.pdbx_ls_sigma_F                          ? 
_refine.pdbx_ls_sigma_Fsqd                       ? 
_refine.pdbx_data_cutoff_high_absF               ? 
_refine.pdbx_data_cutoff_high_rms_absF           ? 
_refine.pdbx_data_cutoff_low_absF                ? 
_refine.pdbx_isotropic_thermal_model             ? 
_refine.pdbx_ls_cross_valid_method               THROUGHOUT 
_refine.pdbx_method_to_determine_struct          'MOLECULAR REPLACEMENT' 
_refine.pdbx_starting_model                      5ZRC 
_refine.pdbx_stereochemistry_target_values       ? 
_refine.pdbx_R_Free_selection_details            RANDOM 
_refine.pdbx_stereochem_target_val_spec_case     ? 
_refine.pdbx_overall_ESU_R                       0.102 
_refine.pdbx_overall_ESU_R_Free                  0.105 
_refine.pdbx_solvent_vdw_probe_radii             1.20 
_refine.pdbx_solvent_ion_probe_radii             0.80 
_refine.pdbx_solvent_shrinkage_radii             0.80 
_refine.pdbx_real_space_R                        ? 
_refine.pdbx_density_correlation                 ? 
_refine.pdbx_pd_number_of_powder_patterns        ? 
_refine.pdbx_pd_number_of_points                 ? 
_refine.pdbx_pd_meas_number_of_points            ? 
_refine.pdbx_pd_proc_ls_prof_R_factor            ? 
_refine.pdbx_pd_proc_ls_prof_wR_factor           ? 
_refine.pdbx_pd_Marquardt_correlation_coeff      ? 
_refine.pdbx_pd_Fsqrd_R_factor                   ? 
_refine.pdbx_pd_ls_matrix_band_width             ? 
_refine.pdbx_overall_phase_error                 ? 
_refine.pdbx_overall_SU_R_free_Cruickshank_DPI   ? 
_refine.pdbx_overall_SU_R_free_Blow_DPI          ? 
_refine.pdbx_overall_SU_R_Blow_DPI               ? 
_refine.pdbx_TLS_residual_ADP_flag               ? 
_refine.pdbx_diffrn_id                           1 
_refine.overall_SU_B                             3.157 
_refine.overall_SU_ML                            0.094 
_refine.overall_SU_R_Cruickshank_DPI             ? 
_refine.overall_SU_R_free                        ? 
_refine.overall_FOM_free_R_set                   ? 
_refine.overall_FOM_work_R_set                   ? 
_refine.pdbx_average_fsc_overall                 ? 
_refine.pdbx_average_fsc_work                    ? 
_refine.pdbx_average_fsc_free                    ? 
# 
_refine_hist.pdbx_refine_id                   'X-RAY DIFFRACTION' 
_refine_hist.cycle_id                         1 
_refine_hist.pdbx_number_atoms_protein        955 
_refine_hist.pdbx_number_atoms_nucleic_acid   0 
_refine_hist.pdbx_number_atoms_ligand         0 
_refine_hist.number_atoms_solvent             178 
_refine_hist.number_atoms_total               1133 
_refine_hist.d_res_high                       1.74 
_refine_hist.d_res_low                        33.59 
# 
loop_
_refine_ls_restr.pdbx_refine_id 
_refine_ls_restr.criterion 
_refine_ls_restr.dev_ideal 
_refine_ls_restr.dev_ideal_target 
_refine_ls_restr.number 
_refine_ls_restr.rejects 
_refine_ls_restr.type 
_refine_ls_restr.weight 
_refine_ls_restr.pdbx_restraint_function 
'X-RAY DIFFRACTION' ? 0.010  0.019  1013 ? r_bond_refined_d             ? ? 
'X-RAY DIFFRACTION' ? 0.000  0.020  980  ? r_bond_other_d               ? ? 
'X-RAY DIFFRACTION' ? 1.313  1.972  1387 ? r_angle_refined_deg          ? ? 
'X-RAY DIFFRACTION' ? 0.644  3.000  2233 ? r_angle_other_deg            ? ? 
'X-RAY DIFFRACTION' ? 7.972  5.000  135  ? r_dihedral_angle_1_deg       ? ? 
'X-RAY DIFFRACTION' ? 34.922 21.556 45   ? r_dihedral_angle_2_deg       ? ? 
'X-RAY DIFFRACTION' ? 13.821 15.000 156  ? r_dihedral_angle_3_deg       ? ? 
'X-RAY DIFFRACTION' ? 20.267 15.000 15   ? r_dihedral_angle_4_deg       ? ? 
'X-RAY DIFFRACTION' ? 0.089  0.200  154  ? r_chiral_restr               ? ? 
'X-RAY DIFFRACTION' ? 0.013  0.021  1189 ? r_gen_planes_refined         ? ? 
'X-RAY DIFFRACTION' ? 0.001  0.020  232  ? r_gen_planes_other           ? ? 
'X-RAY DIFFRACTION' ? ?      ?      ?    ? r_nbd_refined                ? ? 
'X-RAY DIFFRACTION' ? ?      ?      ?    ? r_nbd_other                  ? ? 
'X-RAY DIFFRACTION' ? ?      ?      ?    ? r_nbtor_refined              ? ? 
'X-RAY DIFFRACTION' ? ?      ?      ?    ? r_nbtor_other                ? ? 
'X-RAY DIFFRACTION' ? ?      ?      ?    ? r_xyhbond_nbd_refined        ? ? 
'X-RAY DIFFRACTION' ? ?      ?      ?    ? r_xyhbond_nbd_other          ? ? 
'X-RAY DIFFRACTION' ? ?      ?      ?    ? r_metal_ion_refined          ? ? 
'X-RAY DIFFRACTION' ? ?      ?      ?    ? r_metal_ion_other            ? ? 
'X-RAY DIFFRACTION' ? ?      ?      ?    ? r_symmetry_vdw_refined       ? ? 
'X-RAY DIFFRACTION' ? ?      ?      ?    ? r_symmetry_vdw_other         ? ? 
'X-RAY DIFFRACTION' ? ?      ?      ?    ? r_symmetry_hbond_refined     ? ? 
'X-RAY DIFFRACTION' ? ?      ?      ?    ? r_symmetry_hbond_other       ? ? 
'X-RAY DIFFRACTION' ? ?      ?      ?    ? r_symmetry_metal_ion_refined ? ? 
'X-RAY DIFFRACTION' ? ?      ?      ?    ? r_symmetry_metal_ion_other   ? ? 
'X-RAY DIFFRACTION' ? 1.894  1.373  531  ? r_mcbond_it                  ? ? 
'X-RAY DIFFRACTION' ? 1.882  1.372  530  ? r_mcbond_other               ? ? 
'X-RAY DIFFRACTION' ? 2.830  2.041  669  ? r_mcangle_it                 ? ? 
'X-RAY DIFFRACTION' ? 2.828  2.042  670  ? r_mcangle_other              ? ? 
'X-RAY DIFFRACTION' ? 2.875  1.675  482  ? r_scbond_it                  ? ? 
'X-RAY DIFFRACTION' ? 2.872  1.675  483  ? r_scbond_other               ? ? 
'X-RAY DIFFRACTION' ? ?      ?      ?    ? r_scangle_it                 ? ? 
'X-RAY DIFFRACTION' ? 4.093  2.374  719  ? r_scangle_other              ? ? 
'X-RAY DIFFRACTION' ? 8.264  13.484 1242 ? r_long_range_B_refined       ? ? 
'X-RAY DIFFRACTION' ? 7.507  12.124 1144 ? r_long_range_B_other         ? ? 
'X-RAY DIFFRACTION' ? ?      ?      ?    ? r_rigid_bond_restr           ? ? 
'X-RAY DIFFRACTION' ? ?      ?      ?    ? r_sphericity_free            ? ? 
'X-RAY DIFFRACTION' ? ?      ?      ?    ? r_sphericity_bonded          ? ? 
# 
_refine_ls_shell.pdbx_refine_id                   'X-RAY DIFFRACTION' 
_refine_ls_shell.d_res_high                       1.736 
_refine_ls_shell.d_res_low                        1.781 
_refine_ls_shell.number_reflns_all                ? 
_refine_ls_shell.number_reflns_obs                ? 
_refine_ls_shell.number_reflns_R_free             61 
_refine_ls_shell.number_reflns_R_work             1248 
_refine_ls_shell.percent_reflns_obs               95.41 
_refine_ls_shell.percent_reflns_R_free            ? 
_refine_ls_shell.R_factor_all                     ? 
_refine_ls_shell.R_factor_obs                     ? 
_refine_ls_shell.R_factor_R_free                  0.430 
_refine_ls_shell.R_factor_R_free_error            ? 
_refine_ls_shell.R_factor_R_work                  0.347 
_refine_ls_shell.redundancy_reflns_all            ? 
_refine_ls_shell.redundancy_reflns_obs            ? 
_refine_ls_shell.wR_factor_all                    ? 
_refine_ls_shell.wR_factor_obs                    ? 
_refine_ls_shell.wR_factor_R_free                 ? 
_refine_ls_shell.wR_factor_R_work                 ? 
_refine_ls_shell.pdbx_total_number_of_bins_used   20 
_refine_ls_shell.pdbx_phase_error                 ? 
_refine_ls_shell.pdbx_fsc_work                    ? 
_refine_ls_shell.pdbx_fsc_free                    ? 
# 
_struct.entry_id                     5ZRP 
_struct.title                        'M. smegmatis antimutator protein MutT2 form 3' 
_struct.pdbx_model_details           ? 
_struct.pdbx_formula_weight          ? 
_struct.pdbx_formula_weight_method   ? 
_struct.pdbx_model_type_details      ? 
_struct.pdbx_CASP_flag               N 
# 
_struct_keywords.entry_id        5ZRP 
_struct_keywords.text            'Nudix hydrolase, MutT, antimutator, CTP pyrophosphorylase, HYDROLASE' 
_struct_keywords.pdbx_keywords   HYDROLASE 
# 
loop_
_struct_asym.id 
_struct_asym.pdbx_blank_PDB_chainid_flag 
_struct_asym.pdbx_modified 
_struct_asym.entity_id 
_struct_asym.details 
A N N 1 ? 
B N N 2 ? 
# 
loop_
_struct_conf.conf_type_id 
_struct_conf.id 
_struct_conf.pdbx_PDB_helix_id 
_struct_conf.beg_label_comp_id 
_struct_conf.beg_label_asym_id 
_struct_conf.beg_label_seq_id 
_struct_conf.pdbx_beg_PDB_ins_code 
_struct_conf.end_label_comp_id 
_struct_conf.end_label_asym_id 
_struct_conf.end_label_seq_id 
_struct_conf.pdbx_end_PDB_ins_code 
_struct_conf.beg_auth_comp_id 
_struct_conf.beg_auth_asym_id 
_struct_conf.beg_auth_seq_id 
_struct_conf.end_auth_comp_id 
_struct_conf.end_auth_asym_id 
_struct_conf.end_auth_seq_id 
_struct_conf.pdbx_PDB_helix_class 
_struct_conf.details 
_struct_conf.pdbx_PDB_helix_length 
HELX_P HELX_P1 AA1 SER A 64  ? GLY A 78  ? SER A 44  GLY A 58  1 ? 15 
HELX_P HELX_P2 AA2 GLY A 123 ? ILE A 127 ? GLY A 103 ILE A 107 5 ? 5  
HELX_P HELX_P3 AA3 VAL A 133 ? ALA A 138 ? VAL A 113 ALA A 118 5 ? 6  
HELX_P HELX_P4 AA4 TRP A 139 ? GLY A 149 ? TRP A 119 GLY A 129 1 ? 11 
# 
_struct_conf_type.id          HELX_P 
_struct_conf_type.criteria    ? 
_struct_conf_type.reference   ? 
# 
loop_
_struct_mon_prot_cis.pdbx_id 
_struct_mon_prot_cis.label_comp_id 
_struct_mon_prot_cis.label_seq_id 
_struct_mon_prot_cis.label_asym_id 
_struct_mon_prot_cis.label_alt_id 
_struct_mon_prot_cis.pdbx_PDB_ins_code 
_struct_mon_prot_cis.auth_comp_id 
_struct_mon_prot_cis.auth_seq_id 
_struct_mon_prot_cis.auth_asym_id 
_struct_mon_prot_cis.pdbx_label_comp_id_2 
_struct_mon_prot_cis.pdbx_label_seq_id_2 
_struct_mon_prot_cis.pdbx_label_asym_id_2 
_struct_mon_prot_cis.pdbx_PDB_ins_code_2 
_struct_mon_prot_cis.pdbx_auth_comp_id_2 
_struct_mon_prot_cis.pdbx_auth_seq_id_2 
_struct_mon_prot_cis.pdbx_auth_asym_id_2 
_struct_mon_prot_cis.pdbx_PDB_model_num 
_struct_mon_prot_cis.pdbx_omega_angle 
1 ARG 44 A . ? ARG 24 A PRO 45 A ? PRO 25 A 1 -20.60 
2 ARG 44 A . ? ARG 24 A PRO 45 A ? PRO 25 A 1 -2.63  
# 
loop_
_struct_sheet.id 
_struct_sheet.type 
_struct_sheet.number_strands 
_struct_sheet.details 
AA1 ? 5 ? 
AA2 ? 4 ? 
# 
loop_
_struct_sheet_order.sheet_id 
_struct_sheet_order.range_id_1 
_struct_sheet_order.range_id_2 
_struct_sheet_order.offset 
_struct_sheet_order.sense 
AA1 1 2 ? anti-parallel 
AA1 2 3 ? anti-parallel 
AA1 3 4 ? parallel      
AA1 4 5 ? anti-parallel 
AA2 1 2 ? anti-parallel 
AA2 2 3 ? anti-parallel 
AA2 3 4 ? anti-parallel 
# 
loop_
_struct_sheet_range.sheet_id 
_struct_sheet_range.id 
_struct_sheet_range.beg_label_comp_id 
_struct_sheet_range.beg_label_asym_id 
_struct_sheet_range.beg_label_seq_id 
_struct_sheet_range.pdbx_beg_PDB_ins_code 
_struct_sheet_range.end_label_comp_id 
_struct_sheet_range.end_label_asym_id 
_struct_sheet_range.end_label_seq_id 
_struct_sheet_range.pdbx_end_PDB_ins_code 
_struct_sheet_range.beg_auth_comp_id 
_struct_sheet_range.beg_auth_asym_id 
_struct_sheet_range.beg_auth_seq_id 
_struct_sheet_range.end_auth_comp_id 
_struct_sheet_range.end_auth_asym_id 
_struct_sheet_range.end_auth_seq_id 
AA1 1 TRP A 52  ? GLU A 53  ? TRP A 32 GLU A 33  
AA1 2 THR A 36  ? GLN A 41  ? THR A 16 GLN A 21  
AA1 3 GLN A 24  ? SER A 33  ? GLN A 4  SER A 13  
AA1 4 MET A 97  ? SER A 108 ? MET A 77 SER A 88  
AA1 5 ASP A 80  ? ALA A 92  ? ASP A 60 ALA A 72  
AA2 1 GLY A 56  ? LYS A 58  ? GLY A 36 LYS A 38  
AA2 2 GLN A 24  ? SER A 33  ? GLN A 4  SER A 13  
AA2 3 THR A 36  ? GLN A 41  ? THR A 16 GLN A 21  
AA2 4 ALA A 118 ? VAL A 122 ? ALA A 98 VAL A 102 
# 
loop_
_pdbx_struct_sheet_hbond.sheet_id 
_pdbx_struct_sheet_hbond.range_id_1 
_pdbx_struct_sheet_hbond.range_id_2 
_pdbx_struct_sheet_hbond.range_1_label_atom_id 
_pdbx_struct_sheet_hbond.range_1_label_comp_id 
_pdbx_struct_sheet_hbond.range_1_label_asym_id 
_pdbx_struct_sheet_hbond.range_1_label_seq_id 
_pdbx_struct_sheet_hbond.range_1_PDB_ins_code 
_pdbx_struct_sheet_hbond.range_1_auth_atom_id 
_pdbx_struct_sheet_hbond.range_1_auth_comp_id 
_pdbx_struct_sheet_hbond.range_1_auth_asym_id 
_pdbx_struct_sheet_hbond.range_1_auth_seq_id 
_pdbx_struct_sheet_hbond.range_2_label_atom_id 
_pdbx_struct_sheet_hbond.range_2_label_comp_id 
_pdbx_struct_sheet_hbond.range_2_label_asym_id 
_pdbx_struct_sheet_hbond.range_2_label_seq_id 
_pdbx_struct_sheet_hbond.range_2_PDB_ins_code 
_pdbx_struct_sheet_hbond.range_2_auth_atom_id 
_pdbx_struct_sheet_hbond.range_2_auth_comp_id 
_pdbx_struct_sheet_hbond.range_2_auth_asym_id 
_pdbx_struct_sheet_hbond.range_2_auth_seq_id 
AA1 1 2 O GLU A 53  ? O GLU A 33 N ALA A 40  ? N ALA A 20 
AA1 2 3 O THR A 36  ? O THR A 16 N SER A 33  ? N SER A 13 
AA1 3 4 N ALA A 30  ? N ALA A 10 O TYR A 102 ? O TYR A 82 
AA1 4 5 O ARG A 103 ? O ARG A 83 N GLU A 85  ? N GLU A 65 
AA2 1 2 O GLY A 57  ? O GLY A 37 N VAL A 27  ? N VAL A 7  
AA2 2 3 N SER A 33  ? N SER A 13 O THR A 36  ? O THR A 16 
AA2 3 4 N GLN A 41  ? N GLN A 21 O ALA A 118 ? O ALA A 98 
# 
_atom_sites.entry_id                    5ZRP 
_atom_sites.fract_transf_matrix[1][1]   -0.01228444 
_atom_sites.fract_transf_matrix[1][2]   -0.02103177 
_atom_sites.fract_transf_matrix[1][3]   0.01176460 
_atom_sites.fract_transf_matrix[2][1]   0.00234902 
_atom_sites.fract_transf_matrix[2][2]   -0.00898277 
_atom_sites.fract_transf_matrix[2][3]   -0.01360583 
_atom_sites.fract_transf_matrix[3][1]   0.01094106 
_atom_sites.fract_transf_matrix[3][2]   -0.00389535 
_atom_sites.fract_transf_matrix[3][3]   0.00446072 
_atom_sites.fract_transf_vector[1]      0.018710 
_atom_sites.fract_transf_vector[2]      0.258349 
_atom_sites.fract_transf_vector[3]      1.169462 
# 
loop_
_atom_type.symbol 
C 
N 
O 
S 
# 
loop_
_atom_site.group_PDB 
_atom_site.id 
_atom_site.type_symbol 
_atom_site.label_atom_id 
_atom_site.label_alt_id 
_atom_site.label_comp_id 
_atom_site.label_asym_id 
_atom_site.label_entity_id 
_atom_site.label_seq_id 
_atom_site.pdbx_PDB_ins_code 
_atom_site.Cartn_x 
_atom_site.Cartn_y 
_atom_site.Cartn_z 
_atom_site.occupancy 
_atom_site.B_iso_or_equiv 
_atom_site.pdbx_formal_charge 
_atom_site.auth_seq_id 
_atom_site.auth_comp_id 
_atom_site.auth_asym_id 
_atom_site.auth_atom_id 
_atom_site.pdbx_PDB_model_num 
ATOM   1    N N   . LYS A 1 23  ? 12.703  -2.683  16.005  1.00 46.28 ? 3   LYS A N   1 
ATOM   2    C CA  . LYS A 1 23  ? 12.260  -3.064  14.631  1.00 48.58 ? 3   LYS A CA  1 
ATOM   3    C C   . LYS A 1 23  ? 12.290  -1.873  13.661  1.00 43.94 ? 3   LYS A C   1 
ATOM   4    O O   . LYS A 1 23  ? 11.819  -0.781  13.978  1.00 42.06 ? 3   LYS A O   1 
ATOM   5    C CB  . LYS A 1 23  ? 10.851  -3.682  14.674  1.00 45.34 ? 3   LYS A CB  1 
ATOM   6    C CG  . LYS A 1 23  ? 10.827  -5.118  15.191  1.00 41.82 ? 3   LYS A CG  1 
ATOM   7    C CD  . LYS A 1 23  ? 9.604   -5.380  16.049  1.00 37.55 ? 3   LYS A CD  1 
ATOM   8    N N   . GLN A 1 24  ? 12.871  -2.092  12.483  1.00 35.53 ? 4   GLN A N   1 
ATOM   9    C CA  . GLN A 1 24  ? 12.692  -1.194  11.352  1.00 31.43 ? 4   GLN A CA  1 
ATOM   10   C C   . GLN A 1 24  ? 11.212  -1.219  10.915  1.00 25.35 ? 4   GLN A C   1 
ATOM   11   O O   . GLN A 1 24  ? 10.547  -2.239  11.017  1.00 24.89 ? 4   GLN A O   1 
ATOM   12   C CB  . GLN A 1 24  ? 13.616  -1.635  10.210  1.00 34.82 ? 4   GLN A CB  1 
ATOM   13   C CG  . GLN A 1 24  ? 13.256  -1.092  8.838   1.00 41.67 ? 4   GLN A CG  1 
ATOM   14   C CD  . GLN A 1 24  ? 13.631  0.367   8.658   1.00 44.83 ? 4   GLN A CD  1 
ATOM   15   O OE1 . GLN A 1 24  ? 12.767  1.252   8.654   1.00 47.99 ? 4   GLN A OE1 1 
ATOM   16   N NE2 . GLN A 1 24  ? 14.922  0.623   8.469   1.00 45.98 ? 4   GLN A NE2 1 
ATOM   17   N N   . ILE A 1 25  ? 10.671  -0.067  10.542  1.00 22.46 ? 5   ILE A N   1 
ATOM   18   C CA  . ILE A 1 25  ? 9.263   0.012   10.117  1.00 22.22 ? 5   ILE A CA  1 
ATOM   19   C C   . ILE A 1 25  ? 9.214   0.219   8.621   1.00 18.10 ? 5   ILE A C   1 
ATOM   20   O O   . ILE A 1 25  ? 10.005  0.979   8.068   1.00 16.71 ? 5   ILE A O   1 
ATOM   21   C CB  . ILE A 1 25  ? 8.513   1.156   10.834  1.00 24.67 ? 5   ILE A CB  1 
ATOM   22   C CG1 . ILE A 1 25  ? 8.663   0.965   12.336  1.00 25.90 ? 5   ILE A CG1 1 
ATOM   23   C CG2 . ILE A 1 25  ? 7.026   1.158   10.461  1.00 24.97 ? 5   ILE A CG2 1 
ATOM   24   C CD1 . ILE A 1 25  ? 8.080   -0.345  12.825  1.00 28.33 ? 5   ILE A CD1 1 
ATOM   25   N N   . VAL A 1 26  ? 8.331   -0.539  7.980   1.00 14.18 ? 6   VAL A N   1 
ATOM   26   C CA  . VAL A 1 26  ? 8.030   -0.382  6.582   1.00 13.76 ? 6   VAL A CA  1 
ATOM   27   C C   . VAL A 1 26  ? 6.566   -0.003  6.522   1.00 11.53 ? 6   VAL A C   1 
ATOM   28   O O   . VAL A 1 26  ? 5.730   -0.618  7.183   1.00 11.97 ? 6   VAL A O   1 
ATOM   29   C CB  . VAL A 1 26  ? 8.220   -1.693  5.811   1.00 15.41 ? 6   VAL A CB  1 
ATOM   30   C CG1 . VAL A 1 26  ? 7.940   -1.492  4.334   1.00 16.16 ? 6   VAL A CG1 1 
ATOM   31   C CG2 . VAL A 1 26  ? 9.623   -2.246  6.027   1.00 17.61 ? 6   VAL A CG2 1 
ATOM   32   N N   . VAL A 1 27  ? 6.290   1.083   5.825   1.00 11.31 ? 7   VAL A N   1 
ATOM   33   C CA  . VAL A 1 27  ? 4.951   1.619   5.758   1.00 11.26 ? 7   VAL A CA  1 
ATOM   34   C C   . VAL A 1 27  ? 4.385   1.375   4.375   1.00 11.27 ? 7   VAL A C   1 
ATOM   35   O O   . VAL A 1 27  ? 5.116   1.444   3.365   1.00 10.72 ? 7   VAL A O   1 
ATOM   36   C CB  . VAL A 1 27  ? 4.900   3.117   6.116   1.00 11.28 ? 7   VAL A CB  1 
ATOM   37   C CG1 . VAL A 1 27  ? 5.169   3.339   7.597   1.00 12.50 ? 7   VAL A CG1 1 
ATOM   38   C CG2 . VAL A 1 27  ? 5.853   3.967   5.293   1.00 11.17 ? 7   VAL A CG2 1 
ATOM   39   N N   . ALA A 1 28  ? 3.085   1.055   4.335   1.00 9.83  ? 8   ALA A N   1 
ATOM   40   C CA  . ALA A 1 28  ? 2.367   0.847   3.083   1.00 9.55  ? 8   ALA A CA  1 
ATOM   41   C C   . ALA A 1 28  ? 1.095   1.707   3.087   1.00 8.39  ? 8   ALA A C   1 
ATOM   42   O O   . ALA A 1 28  ? 0.559   1.987   4.152   1.00 8.43  ? 8   ALA A O   1 
ATOM   43   C CB  . ALA A 1 28  ? 2.005   -0.626  2.952   1.00 9.57  ? 8   ALA A CB  1 
ATOM   44   N N   . GLY A 1 29  ? 0.615   2.062   1.897   1.00 7.61  ? 9   GLY A N   1 
ATOM   45   C CA  . GLY A 1 29  ? -0.543  2.905   1.744   1.00 7.94  ? 9   GLY A CA  1 
ATOM   46   C C   . GLY A 1 29  ? -1.686  2.188   1.057   1.00 7.73  ? 9   GLY A C   1 
ATOM   47   O O   . GLY A 1 29  ? -1.524  1.586   0.000   1.00 8.25  ? 9   GLY A O   1 
ATOM   48   N N   . ALA A 1 30  ? -2.877  2.378   1.603   1.00 7.74  ? 10  ALA A N   1 
ATOM   49   C CA  . ALA A 1 30  ? -4.093  1.953   0.943   1.00 8.18  ? 10  ALA A CA  1 
ATOM   50   C C   . ALA A 1 30  ? -4.830  3.187   0.474   1.00 7.77  ? 10  ALA A C   1 
ATOM   51   O O   . ALA A 1 30  ? -5.508  3.871   1.272   1.00 7.08  ? 10  ALA A O   1 
ATOM   52   C CB  . ALA A 1 30  ? -4.948  1.130   1.895   1.00 7.81  ? 10  ALA A CB  1 
ATOM   53   N N   . LEU A 1 31  ? -4.499  3.607   -0.756  1.00 8.04  ? 11  LEU A N   1 
ATOM   54   C CA  . LEU A 1 31  ? -5.111  4.785   -1.339  1.00 7.74  ? 11  LEU A CA  1 
ATOM   55   C C   . LEU A 1 31  ? -6.501  4.454   -1.829  1.00 7.97  ? 11  LEU A C   1 
ATOM   56   O O   . LEU A 1 31  ? -6.698  3.662   -2.755  1.00 8.27  ? 11  LEU A O   1 
ATOM   57   C CB  . LEU A 1 31  ? -4.243  5.353   -2.447  1.00 8.89  ? 11  LEU A CB  1 
ATOM   58   C CG  . LEU A 1 31  ? -4.863  6.428   -3.316  1.00 9.99  ? 11  LEU A CG  1 
ATOM   59   C CD1 . LEU A 1 31  ? -5.164  7.634   -2.454  1.00 11.80 ? 11  LEU A CD1 1 
ATOM   60   C CD2 . LEU A 1 31  ? -3.876  6.781   -4.427  1.00 11.55 ? 11  LEU A CD2 1 
ATOM   61   N N   . ILE A 1 32  ? -7.475  5.085   -1.197  1.00 8.15  ? 12  ILE A N   1 
ATOM   62   C CA  . ILE A 1 32  ? -8.868  4.723   -1.403  1.00 8.71  ? 12  ILE A CA  1 
ATOM   63   C C   . ILE A 1 32  ? -9.549  5.974   -1.923  1.00 8.64  ? 12  ILE A C   1 
ATOM   64   O O   . ILE A 1 32  ? -9.396  7.052   -1.342  1.00 8.13  ? 12  ILE A O   1 
ATOM   65   C CB  . ILE A 1 32  ? -9.559  4.230   -0.127  1.00 9.94  ? 12  ILE A CB  1 
ATOM   66   C CG1 . ILE A 1 32  ? -9.044  2.837   0.225   1.00 10.41 ? 12  ILE A CG1 1 
ATOM   67   C CG2 . ILE A 1 32  ? -11.097 4.183   -0.307  1.00 9.28  ? 12  ILE A CG2 1 
ATOM   68   C CD1 . ILE A 1 32  ? -9.427  2.372   1.612   1.00 10.94 ? 12  ILE A CD1 1 
ATOM   69   N N   . SER A 1 33  ? -10.340 5.796   -2.981  1.00 7.76  ? 13  SER A N   1 
ATOM   70   C CA  . SER A 1 33  ? -11.059 6.883   -3.618  1.00 8.15  ? 13  SER A CA  1 
ATOM   71   C C   . SER A 1 33  ? -12.427 6.381   -4.093  1.00 8.05  ? 13  SER A C   1 
ATOM   72   O O   . SER A 1 33  ? -12.526 5.487   -4.920  1.00 8.69  ? 13  SER A O   1 
ATOM   73   C CB  . SER A 1 33  ? -10.243 7.446   -4.797  1.00 8.14  ? 13  SER A CB  1 
ATOM   74   O OG  . SER A 1 33  ? -11.003 8.402   -5.561  1.00 7.34  ? 13  SER A OG  1 
ATOM   75   N N   . ARG A 1 34  ? -13.487 6.936   -3.527  1.00 10.07 ? 14  ARG A N   1 
ATOM   76   C CA  . ARG A 1 34  ? -14.839 6.545   -3.923  1.00 11.62 ? 14  ARG A CA  1 
ATOM   77   C C   . ARG A 1 34  ? -14.998 5.012   -3.998  1.00 10.32 ? 14  ARG A C   1 
ATOM   78   O O   . ARG A 1 34  ? -15.496 4.455   -4.972  1.00 10.41 ? 14  ARG A O   1 
ATOM   79   C CB  . ARG A 1 34  ? -15.198 7.207   -5.257  1.00 12.58 ? 14  ARG A CB  1 
ATOM   80   C CG  . ARG A 1 34  ? -15.185 8.716   -5.175  1.00 14.60 ? 14  ARG A CG  1 
ATOM   81   C CD  . ARG A 1 34  ? -15.917 9.361   -6.343  1.00 15.35 ? 14  ARG A CD  1 
ATOM   82   N NE  . ARG A 1 34  ? -17.359 9.346   -6.176  1.00 14.69 ? 14  ARG A NE  1 
ATOM   83   C CZ  . ARG A 1 34  ? -18.043 10.297  -5.544  1.00 17.22 ? 14  ARG A CZ  1 
ATOM   84   N NH1 . ARG A 1 34  ? -17.421 11.327  -4.971  1.00 19.00 ? 14  ARG A NH1 1 
ATOM   85   N NH2 . ARG A 1 34  ? -19.353 10.228  -5.510  1.00 18.42 ? 14  ARG A NH2 1 
ATOM   86   N N   . GLY A 1 35  ? -14.677 4.345   -2.898  1.00 10.46 ? 15  GLY A N   1 
ATOM   87   C CA  . GLY A 1 35  ? -14.791 2.899   -2.812  1.00 10.18 ? 15  GLY A CA  1 
ATOM   88   C C   . GLY A 1 35  ? -14.063 2.126   -3.892  1.00 9.95  ? 15  GLY A C   1 
ATOM   89   O O   . GLY A 1 35  ? -14.476 1.021   -4.228  1.00 11.62 ? 15  GLY A O   1 
ATOM   90   N N   . THR A 1 36  ? -12.888 2.630   -4.294  1.00 10.20 ? 16  THR A N   1 
ATOM   91   C CA  . THR A 1 36  ? -11.895 1.874   -5.051  1.00 8.57  ? 16  THR A CA  1 
ATOM   92   C C   . THR A 1 36  ? -10.508 2.052   -4.425  1.00 7.27  ? 16  THR A C   1 
ATOM   93   O O   . THR A 1 36  ? -10.234 3.034   -3.767  1.00 7.25  ? 16  THR A O   1 
ATOM   94   C CB  . THR A 1 36  ? -11.850 2.307   -6.535  1.00 8.76  ? 16  THR A CB  1 
ATOM   95   O OG1 . THR A 1 36  ? -11.256 3.617   -6.663  1.00 7.59  ? 16  THR A OG1 1 
ATOM   96   C CG2 . THR A 1 36  ? -13.282 2.338   -7.111  1.00 9.04  ? 16  THR A CG2 1 
ATOM   97   N N   . LEU A 1 37  ? -9.689  1.043   -4.586  1.00 7.14  ? 17  LEU A N   1 
ATOM   98   C CA  . LEU A 1 37  ? -8.351  1.002   -4.006  1.00 7.38  ? 17  LEU A CA  1 
ATOM   99   C C   . LEU A 1 37  ? -7.299  0.911   -5.107  1.00 7.74  ? 17  LEU A C   1 
ATOM   100  O O   . LEU A 1 37  ? -7.404  0.050   -6.025  1.00 7.55  ? 17  LEU A O   1 
ATOM   101  C CB  . LEU A 1 37  ? -8.253  -0.245  -3.153  1.00 7.68  ? 17  LEU A CB  1 
ATOM   102  C CG  . LEU A 1 37  ? -6.874  -0.693  -2.627  1.00 7.88  ? 17  LEU A CG  1 
ATOM   103  C CD1 . LEU A 1 37  ? -6.419  0.198   -1.477  1.00 8.21  ? 17  LEU A CD1 1 
ATOM   104  C CD2 . LEU A 1 37  ? -7.025  -2.144  -2.158  1.00 8.47  ? 17  LEU A CD2 1 
ATOM   105  N N   . LEU A 1 38  ? -6.221  1.660   -4.921  1.00 7.68  ? 18  LEU A N   1 
ATOM   106  C CA  . LEU A 1 38  ? -5.073  1.570   -5.807  1.00 8.51  ? 18  LEU A CA  1 
ATOM   107  C C   . LEU A 1 38  ? -4.176  0.427   -5.360  1.00 7.54  ? 18  LEU A C   1 
ATOM   108  O O   . LEU A 1 38  ? -3.791  0.347   -4.225  1.00 7.87  ? 18  LEU A O   1 
ATOM   109  C CB  . LEU A 1 38  ? -4.286  2.890   -5.840  1.00 10.07 ? 18  LEU A CB  1 
ATOM   110  C CG  . LEU A 1 38  ? -3.169  2.923   -6.905  1.00 10.32 ? 18  LEU A CG  1 
ATOM   111  C CD1 . LEU A 1 38  ? -3.681  3.034   -8.325  1.00 10.77 ? 18  LEU A CD1 1 
ATOM   112  C CD2 . LEU A 1 38  ? -2.218  4.054   -6.644  1.00 12.50 ? 18  LEU A CD2 1 
ATOM   113  N N   . VAL A 1 39  ? -3.950  -0.514  -6.260  1.00 7.54  ? 19  VAL A N   1 
ATOM   114  C CA  . VAL A 1 39  ? -2.971  -1.534  -6.048  1.00 7.83  ? 19  VAL A CA  1 
ATOM   115  C C   . VAL A 1 39  ? -1.871  -1.444  -7.082  1.00 8.04  ? 19  VAL A C   1 
ATOM   116  O O   . VAL A 1 39  ? -2.076  -0.924  -8.196  1.00 8.02  ? 19  VAL A O   1 
ATOM   117  C CB  . VAL A 1 39  ? -3.627  -2.929  -6.052  1.00 8.94  ? 19  VAL A CB  1 
ATOM   118  C CG1 . VAL A 1 39  ? -4.555  -3.064  -4.849  1.00 9.03  ? 19  VAL A CG1 1 
ATOM   119  C CG2 . VAL A 1 39  ? -4.368  -3.191  -7.337  1.00 8.14  ? 19  VAL A CG2 1 
ATOM   120  N N   . ALA A 1 40  ? -0.707  -1.975  -6.723  1.00 8.03  ? 20  ALA A N   1 
ATOM   121  C CA  . ALA A 1 40  ? 0.492   -1.754  -7.480  1.00 8.63  ? 20  ALA A CA  1 
ATOM   122  C C   . ALA A 1 40  ? 1.238   -3.092  -7.636  1.00 10.19 ? 20  ALA A C   1 
ATOM   123  O O   . ALA A 1 40  ? 1.410   -3.859  -6.646  1.00 9.15  ? 20  ALA A O   1 
ATOM   124  C CB  . ALA A 1 40  ? 1.370   -0.755  -6.775  1.00 8.89  ? 20  ALA A CB  1 
ATOM   125  N N   . GLN A 1 41  ? 1.500   -3.437  -8.899  1.00 9.24  ? 21  GLN A N   1 
ATOM   126  C CA  . GLN A 1 41  ? 2.029   -4.755  -9.255  1.00 8.93  ? 21  GLN A CA  1 
ATOM   127  C C   . GLN A 1 41  ? 3.572   -4.746  -9.349  1.00 9.77  ? 21  GLN A C   1 
ATOM   128  O O   . GLN A 1 41  ? 4.168   -3.905  -10.068 1.00 9.58  ? 21  GLN A O   1 
ATOM   129  C CB  . GLN A 1 41  ? 1.462   -5.178  -10.600 1.00 9.44  ? 21  GLN A CB  1 
ATOM   130  C CG  . GLN A 1 41  ? 1.869   -6.590  -10.999 1.00 10.88 ? 21  GLN A CG  1 
ATOM   131  C CD  . GLN A 1 41  ? 1.404   -6.960  -12.391 1.00 12.59 ? 21  GLN A CD  1 
ATOM   132  O OE1 . GLN A 1 41  ? 1.501   -6.161  -13.326 1.00 16.07 ? 21  GLN A OE1 1 
ATOM   133  N NE2 . GLN A 1 41  ? 0.956   -8.192  -12.557 1.00 13.36 ? 21  GLN A NE2 1 
ATOM   134  N N   . ARG A 1 42  ? 4.227   -5.574  -8.553  1.00 9.05  ? 22  ARG A N   1 
ATOM   135  C CA  . ARG A 1 42  ? 5.678   -5.464  -8.432  1.00 9.96  ? 22  ARG A CA  1 
ATOM   136  C C   . ARG A 1 42  ? 6.365   -6.012  -9.657  1.00 11.19 ? 22  ARG A C   1 
ATOM   137  O O   . ARG A 1 42  ? 5.788   -6.817  -10.402 1.00 11.51 ? 22  ARG A O   1 
ATOM   138  C CB  . ARG A 1 42  ? 6.182   -6.201  -7.213  1.00 12.68 ? 22  ARG A CB  1 
ATOM   139  C CG  . ARG A 1 42  ? 5.870   -5.490  -5.929  1.00 16.02 ? 22  ARG A CG  1 
ATOM   140  C CD  . ARG A 1 42  ? 6.506   -6.200  -4.759  1.00 20.69 ? 22  ARG A CD  1 
ATOM   141  N NE  . ARG A 1 42  ? 7.953   -6.091  -4.821  1.00 22.41 ? 22  ARG A NE  1 
ATOM   142  C CZ  . ARG A 1 42  ? 8.672   -5.260  -4.089  1.00 22.45 ? 22  ARG A CZ  1 
ATOM   143  N NH1 . ARG A 1 42  ? 8.073   -4.491  -3.198  1.00 23.43 ? 22  ARG A NH1 1 
ATOM   144  N NH2 . ARG A 1 42  ? 9.994   -5.276  -4.178  1.00 22.45 ? 22  ARG A NH2 1 
ATOM   145  N N   . ASP A 1 43  ? 7.503   -5.407  -9.976  1.00 12.24 ? 23  ASP A N   1 
ATOM   146  C CA  . ASP A 1 43  ? 8.343   -5.855  -11.095 1.00 11.87 ? 23  ASP A CA  1 
ATOM   147  C C   . ASP A 1 43  ? 9.624   -6.589  -10.650 1.00 12.19 ? 23  ASP A C   1 
ATOM   148  O O   . ASP A 1 43  ? 10.314  -7.185  -11.489 1.00 10.70 ? 23  ASP A O   1 
ATOM   149  C CB  . ASP A 1 43  ? 8.734   -4.651  -11.957 1.00 12.85 ? 23  ASP A CB  1 
ATOM   150  C CG  . ASP A 1 43  ? 9.411   -5.072  -13.277 1.00 13.93 ? 23  ASP A CG  1 
ATOM   151  O OD1 . ASP A 1 43  ? 8.778   -5.787  -14.083 1.00 14.39 ? 23  ASP A OD1 1 
ATOM   152  O OD2 . ASP A 1 43  ? 10.605  -4.782  -13.442 1.00 14.53 ? 23  ASP A OD2 1 
ATOM   153  N N   A ARG A 1 44  ? 9.865   -6.600  -9.338  0.50 12.39 ? 24  ARG A N   1 
ATOM   154  N N   B ARG A 1 44  ? 9.905   -6.569  -9.350  0.50 12.08 ? 24  ARG A N   1 
ATOM   155  C CA  A ARG A 1 44  ? 11.104  -7.112  -8.720  0.50 13.34 ? 24  ARG A CA  1 
ATOM   156  C CA  B ARG A 1 44  ? 11.068  -7.262  -8.771  0.50 12.74 ? 24  ARG A CA  1 
ATOM   157  C C   A ARG A 1 44  ? 10.816  -7.424  -7.233  0.50 13.77 ? 24  ARG A C   1 
ATOM   158  C C   B ARG A 1 44  ? 10.921  -7.344  -7.239  0.50 13.29 ? 24  ARG A C   1 
ATOM   159  O O   A ARG A 1 44  ? 9.834   -6.917  -6.675  0.50 12.90 ? 24  ARG A O   1 
ATOM   160  O O   B ARG A 1 44  ? 10.176  -6.559  -6.644  0.50 12.04 ? 24  ARG A O   1 
ATOM   161  C CB  A ARG A 1 44  ? 12.213  -6.048  -8.798  0.50 14.01 ? 24  ARG A CB  1 
ATOM   162  C CB  B ARG A 1 44  ? 12.360  -6.513  -9.113  0.50 13.22 ? 24  ARG A CB  1 
ATOM   163  C CG  A ARG A 1 44  ? 11.763  -4.656  -8.325  0.50 16.28 ? 24  ARG A CG  1 
ATOM   164  C CG  B ARG A 1 44  ? 12.520  -5.186  -8.384  0.50 15.04 ? 24  ARG A CG  1 
ATOM   165  C CD  A ARG A 1 44  ? 12.898  -3.645  -8.153  0.50 18.12 ? 24  ARG A CD  1 
ATOM   166  C CD  B ARG A 1 44  ? 13.975  -4.856  -8.075  0.50 15.65 ? 24  ARG A CD  1 
ATOM   167  N NE  A ARG A 1 44  ? 13.090  -3.263  -6.745  0.50 22.16 ? 24  ARG A NE  1 
ATOM   168  N NE  B ARG A 1 44  ? 14.569  -5.753  -7.071  0.50 18.75 ? 24  ARG A NE  1 
ATOM   169  C CZ  A ARG A 1 44  ? 12.129  -2.813  -5.928  0.50 21.45 ? 24  ARG A CZ  1 
ATOM   170  C CZ  B ARG A 1 44  ? 14.269  -5.747  -5.773  0.50 18.05 ? 24  ARG A CZ  1 
ATOM   171  N NH1 A ARG A 1 44  ? 10.910  -2.561  -6.388  0.50 21.60 ? 24  ARG A NH1 1 
ATOM   172  N NH1 B ARG A 1 44  ? 13.327  -4.933  -5.288  0.50 18.47 ? 24  ARG A NH1 1 
ATOM   173  N NH2 A ARG A 1 44  ? 12.408  -2.549  -4.655  0.50 21.66 ? 24  ARG A NH2 1 
ATOM   174  N NH2 B ARG A 1 44  ? 14.909  -6.564  -4.955  0.50 19.82 ? 24  ARG A NH2 1 
ATOM   175  N N   . PRO A 1 45  ? 11.653  -8.276  -6.595  1.00 12.35 ? 25  PRO A N   1 
ATOM   176  C CA  . PRO A 1 45  ? 12.527  -9.244  -7.263  1.00 12.45 ? 25  PRO A CA  1 
ATOM   177  C C   . PRO A 1 45  ? 11.687  -10.398 -7.829  1.00 12.19 ? 25  PRO A C   1 
ATOM   178  O O   . PRO A 1 45  ? 10.469  -10.352 -7.789  1.00 11.07 ? 25  PRO A O   1 
ATOM   179  C CB  . PRO A 1 45  ? 13.412  -9.737  -6.128  1.00 12.66 ? 25  PRO A CB  1 
ATOM   180  C CG  . PRO A 1 45  ? 12.508  -9.691  -4.931  1.00 14.60 ? 25  PRO A CG  1 
ATOM   181  C CD  . PRO A 1 45  ? 11.715  -8.425  -5.134  1.00 12.80 ? 25  PRO A CD  1 
ATOM   182  N N   . ALA A 1 46  ? 12.334  -11.428 -8.352  1.00 12.39 ? 26  ALA A N   1 
ATOM   183  C CA  . ALA A 1 46  ? 11.633  -12.442 -9.153  1.00 11.72 ? 26  ALA A CA  1 
ATOM   184  C C   . ALA A 1 46  ? 10.500  -13.075 -8.355  1.00 11.42 ? 26  ALA A C   1 
ATOM   185  O O   . ALA A 1 46  ? 9.430   -13.341 -8.896  1.00 9.86  ? 26  ALA A O   1 
ATOM   186  C CB  . ALA A 1 46  ? 12.615  -13.515 -9.616  1.00 11.85 ? 26  ALA A CB  1 
ATOM   187  N N   . GLU A 1 47  ? 10.720  -13.265 -7.055  1.00 11.93 ? 27  GLU A N   1 
ATOM   188  C CA  . GLU A 1 47  ? 9.763   -14.006 -6.250  1.00 15.97 ? 27  GLU A CA  1 
ATOM   189  C C   . GLU A 1 47  ? 8.497   -13.173 -5.986  1.00 12.59 ? 27  GLU A C   1 
ATOM   190  O O   . GLU A 1 47  ? 7.486   -13.716 -5.589  1.00 12.27 ? 27  GLU A O   1 
ATOM   191  C CB  . GLU A 1 47  ? 10.389  -14.482 -4.932  1.00 19.45 ? 27  GLU A CB  1 
ATOM   192  C CG  . GLU A 1 47  ? 10.986  -13.378 -4.085  1.00 27.70 ? 27  GLU A CG  1 
ATOM   193  C CD  . GLU A 1 47  ? 12.490  -13.167 -4.300  1.00 34.92 ? 27  GLU A CD  1 
ATOM   194  O OE1 . GLU A 1 47  ? 13.008  -13.310 -5.466  1.00 23.66 ? 27  GLU A OE1 1 
ATOM   195  O OE2 . GLU A 1 47  ? 13.148  -12.810 -3.278  1.00 33.36 ? 27  GLU A OE2 1 
ATOM   196  N N   . LEU A 1 48  ? 8.565   -11.858 -6.174  1.00 11.43 ? 28  LEU A N   1 
ATOM   197  C CA  . LEU A 1 48  ? 7.372   -11.005 -6.004  1.00 10.76 ? 28  LEU A CA  1 
ATOM   198  C C   . LEU A 1 48  ? 6.885   -10.377 -7.307  1.00 10.11 ? 28  LEU A C   1 
ATOM   199  O O   . LEU A 1 48  ? 5.805   -9.784  -7.355  1.00 9.84  ? 28  LEU A O   1 
ATOM   200  C CB  . LEU A 1 48  ? 7.665   -9.869  -5.007  1.00 10.45 ? 28  LEU A CB  1 
ATOM   201  C CG  . LEU A 1 48  ? 8.147   -10.325 -3.637  1.00 10.81 ? 28  LEU A CG  1 
ATOM   202  C CD1 . LEU A 1 48  ? 8.357   -9.153  -2.706  1.00 11.58 ? 28  LEU A CD1 1 
ATOM   203  C CD2 . LEU A 1 48  ? 7.112   -11.265 -3.040  1.00 10.34 ? 28  LEU A CD2 1 
ATOM   204  N N   . ALA A 1 49  ? 7.720   -10.427 -8.344  1.00 9.11  ? 29  ALA A N   1 
ATOM   205  C CA  . ALA A 1 49  ? 7.396   -9.794  -9.604  1.00 8.89  ? 29  ALA A CA  1 
ATOM   206  C C   . ALA A 1 49  ? 6.106   -10.403 -10.158 1.00 10.40 ? 29  ALA A C   1 
ATOM   207  O O   . ALA A 1 49  ? 5.958   -11.624 -10.215 1.00 10.86 ? 29  ALA A O   1 
ATOM   208  C CB  . ALA A 1 49  ? 8.539   -10.011 -10.599 1.00 8.31  ? 29  ALA A CB  1 
ATOM   209  N N   . GLY A 1 50  ? 5.171   -9.555  -10.573 1.00 10.23 ? 30  GLY A N   1 
ATOM   210  C CA  . GLY A 1 50  ? 3.869   -10.009 -11.055 1.00 10.46 ? 30  GLY A CA  1 
ATOM   211  C C   . GLY A 1 50  ? 2.788   -9.989  -9.968  1.00 11.49 ? 30  GLY A C   1 
ATOM   212  O O   . GLY A 1 50  ? 1.589   -10.019 -10.269 1.00 11.41 ? 30  GLY A O   1 
ATOM   213  N N   . LEU A 1 51  ? 3.204   -9.955  -8.709  1.00 10.40 ? 31  LEU A N   1 
ATOM   214  C CA  . LEU A 1 51  ? 2.245   -9.941  -7.616  1.00 11.03 ? 31  LEU A CA  1 
ATOM   215  C C   . LEU A 1 51  ? 1.910   -8.512  -7.180  1.00 10.34 ? 31  LEU A C   1 
ATOM   216  O O   . LEU A 1 51  ? 2.680   -7.577  -7.403  1.00 11.23 ? 31  LEU A O   1 
ATOM   217  C CB  . LEU A 1 51  ? 2.790   -10.723 -6.424  1.00 10.43 ? 31  LEU A CB  1 
ATOM   218  C CG  . LEU A 1 51  ? 3.180   -12.185 -6.697  1.00 10.43 ? 31  LEU A CG  1 
ATOM   219  C CD1 . LEU A 1 51  ? 3.602   -12.904 -5.420  1.00 10.72 ? 31  LEU A CD1 1 
ATOM   220  C CD2 . LEU A 1 51  ? 2.015   -12.877 -7.387  1.00 10.59 ? 31  LEU A CD2 1 
ATOM   221  N N   . TRP A 1 52  ? 0.765   -8.386  -6.514  1.00 12.03 ? 32  TRP A N   1 
ATOM   222  C CA  . TRP A 1 52  ? 0.175   -7.090  -6.190  1.00 11.05 ? 32  TRP A CA  1 
ATOM   223  C C   . TRP A 1 52  ? 0.373   -6.700  -4.735  1.00 10.26 ? 32  TRP A C   1 
ATOM   224  O O   . TRP A 1 52  ? 0.343   -7.549  -3.827  1.00 10.27 ? 32  TRP A O   1 
ATOM   225  C CB  . TRP A 1 52  ? -1.312  -7.083  -6.533  1.00 11.30 ? 32  TRP A CB  1 
ATOM   226  C CG  . TRP A 1 52  ? -1.575  -7.223  -8.027  1.00 11.73 ? 32  TRP A CG  1 
ATOM   227  C CD1 . TRP A 1 52  ? -1.647  -8.392  -8.748  1.00 10.75 ? 32  TRP A CD1 1 
ATOM   228  C CD2 . TRP A 1 52  ? -1.656  -6.154  -8.995  1.00 11.33 ? 32  TRP A CD2 1 
ATOM   229  N NE1 . TRP A 1 52  ? -1.819  -8.113  -10.084 1.00 11.66 ? 32  TRP A NE1 1 
ATOM   230  C CE2 . TRP A 1 52  ? -1.812  -6.753  -10.266 1.00 11.60 ? 32  TRP A CE2 1 
ATOM   231  C CE3 . TRP A 1 52  ? -1.663  -4.764  -8.901  1.00 11.82 ? 32  TRP A CE3 1 
ATOM   232  C CZ2 . TRP A 1 52  ? -1.994  -6.014  -11.414 1.00 12.76 ? 32  TRP A CZ2 1 
ATOM   233  C CZ3 . TRP A 1 52  ? -1.875  -4.025  -10.048 1.00 12.15 ? 32  TRP A CZ3 1 
ATOM   234  C CH2 . TRP A 1 52  ? -2.042  -4.656  -11.288 1.00 12.66 ? 32  TRP A CH2 1 
ATOM   235  N N   . GLU A 1 53  ? 0.592   -5.399  -4.528  1.00 9.65  ? 33  GLU A N   1 
ATOM   236  C CA  . GLU A 1 53  ? 0.814   -4.844  -3.188  1.00 9.49  ? 33  GLU A CA  1 
ATOM   237  C C   . GLU A 1 53  ? 0.203   -3.458  -2.947  1.00 9.30  ? 33  GLU A C   1 
ATOM   238  O O   . GLU A 1 53  ? -0.067  -2.660  -3.879  1.00 9.35  ? 33  GLU A O   1 
ATOM   239  C CB  . GLU A 1 53  ? 2.313   -4.778  -2.872  1.00 9.51  ? 33  GLU A CB  1 
ATOM   240  C CG  . GLU A 1 53  ? 3.036   -3.693  -3.639  1.00 10.10 ? 33  GLU A CG  1 
ATOM   241  C CD  . GLU A 1 53  ? 4.511   -3.608  -3.312  1.00 12.58 ? 33  GLU A CD  1 
ATOM   242  O OE1 . GLU A 1 53  ? 5.005   -4.423  -2.503  1.00 10.46 ? 33  GLU A OE1 1 
ATOM   243  O OE2 . GLU A 1 53  ? 5.154   -2.683  -3.866  1.00 13.25 ? 33  GLU A OE2 1 
ATOM   244  N N   . LEU A 1 54  ? 0.152   -3.122  -1.665  1.00 9.70  ? 34  LEU A N   1 
ATOM   245  C CA  . LEU A 1 54  ? -0.003  -1.745  -1.226  1.00 9.20  ? 34  LEU A CA  1 
ATOM   246  C C   . LEU A 1 54  ? 1.414   -1.169  -1.267  1.00 10.33 ? 34  LEU A C   1 
ATOM   247  O O   . LEU A 1 54  ? 2.338   -1.714  -0.640  1.00 12.10 ? 34  LEU A O   1 
ATOM   248  C CB  . LEU A 1 54  ? -0.567  -1.706  0.201   1.00 10.10 ? 34  LEU A CB  1 
ATOM   249  C CG  . LEU A 1 54  ? -1.953  -2.316  0.449   1.00 10.43 ? 34  LEU A CG  1 
ATOM   250  C CD1 . LEU A 1 54  ? -2.485  -1.912  1.824   1.00 10.72 ? 34  LEU A CD1 1 
ATOM   251  C CD2 . LEU A 1 54  ? -2.947  -1.862  -0.624  1.00 10.85 ? 34  LEU A CD2 1 
ATOM   252  N N   . PRO A 1 55  ? 1.619   -0.145  -2.105  1.00 9.64  ? 35  PRO A N   1 
ATOM   253  C CA  . PRO A 1 55  ? 2.915   0.468   -2.223  1.00 10.43 ? 35  PRO A CA  1 
ATOM   254  C C   . PRO A 1 55  ? 3.428   1.133   -0.945  1.00 11.64 ? 35  PRO A C   1 
ATOM   255  O O   . PRO A 1 55  ? 2.670   1.678   -0.126  1.00 8.93  ? 35  PRO A O   1 
ATOM   256  C CB  . PRO A 1 55  ? 2.726   1.495   -3.345  1.00 10.36 ? 35  PRO A CB  1 
ATOM   257  C CG  . PRO A 1 55  ? 1.253   1.769   -3.430  1.00 10.45 ? 35  PRO A CG  1 
ATOM   258  C CD  . PRO A 1 55  ? 0.567   0.566   -2.852  1.00 10.70 ? 35  PRO A CD  1 
ATOM   259  N N   . GLY A 1 56  ? 4.741   1.167   -0.817  1.00 13.72 ? 36  GLY A N   1 
ATOM   260  C CA  . GLY A 1 56  ? 5.349   1.894   0.285   1.00 16.51 ? 36  GLY A CA  1 
ATOM   261  C C   . GLY A 1 56  ? 6.817   1.546   0.397   1.00 17.78 ? 36  GLY A C   1 
ATOM   262  O O   . GLY A 1 56  ? 7.474   1.294   -0.624  1.00 15.61 ? 36  GLY A O   1 
ATOM   263  N N   . GLY A 1 57  ? 7.327   1.564   1.630   1.00 17.27 ? 37  GLY A N   1 
ATOM   264  C CA  . GLY A 1 57  ? 8.753   1.422   1.855   1.00 16.70 ? 37  GLY A CA  1 
ATOM   265  C C   . GLY A 1 57  ? 9.223   1.728   3.250   1.00 15.00 ? 37  GLY A C   1 
ATOM   266  O O   . GLY A 1 57  ? 8.431   2.024   4.157   1.00 12.68 ? 37  GLY A O   1 
ATOM   267  N N   . LYS A 1 58  ? 10.535  1.609   3.418   1.00 16.31 ? 38  LYS A N   1 
ATOM   268  C CA  . LYS A 1 58  ? 11.189  1.782   4.707   1.00 19.26 ? 38  LYS A CA  1 
ATOM   269  C C   . LYS A 1 58  ? 11.133  3.219   5.198   1.00 18.36 ? 38  LYS A C   1 
ATOM   270  O O   . LYS A 1 58  ? 11.383  4.175   4.450   1.00 17.55 ? 38  LYS A O   1 
ATOM   271  C CB  . LYS A 1 58  ? 12.667  1.344   4.626   1.00 22.11 ? 38  LYS A CB  1 
ATOM   272  C CG  . LYS A 1 58  ? 12.869  -0.157  4.748   1.00 26.44 ? 38  LYS A CG  1 
ATOM   273  C CD  . LYS A 1 58  ? 14.192  -0.619  4.134   1.00 33.41 ? 38  LYS A CD  1 
ATOM   274  C CE  . LYS A 1 58  ? 15.272  -0.796  5.185   1.00 39.36 ? 38  LYS A CE  1 
ATOM   275  N N   . VAL A 1 59  ? 10.850  3.366   6.483   1.00 18.35 ? 39  VAL A N   1 
ATOM   276  C CA  . VAL A 1 59  ? 11.011  4.644   7.153   1.00 18.26 ? 39  VAL A CA  1 
ATOM   277  C C   . VAL A 1 59  ? 12.516  4.868   7.279   1.00 20.41 ? 39  VAL A C   1 
ATOM   278  O O   . VAL A 1 59  ? 13.238  3.971   7.697   1.00 18.69 ? 39  VAL A O   1 
ATOM   279  C CB  . VAL A 1 59  ? 10.381  4.580   8.563   1.00 20.29 ? 39  VAL A CB  1 
ATOM   280  C CG1 . VAL A 1 59  ? 10.633  5.865   9.340   1.00 19.24 ? 39  VAL A CG1 1 
ATOM   281  C CG2 . VAL A 1 59  ? 8.897   4.238   8.469   1.00 18.93 ? 39  VAL A CG2 1 
ATOM   282  N N   . THR A 1 60  ? 12.990  6.051   6.913   1.00 21.65 ? 40  THR A N   1 
ATOM   283  C CA  . THR A 1 60  ? 14.371  6.417   7.212   1.00 25.73 ? 40  THR A CA  1 
ATOM   284  C C   . THR A 1 60  ? 14.470  7.189   8.530   1.00 26.93 ? 40  THR A C   1 
ATOM   285  O O   . THR A 1 60  ? 13.549  7.903   8.913   1.00 22.87 ? 40  THR A O   1 
ATOM   286  C CB  . THR A 1 60  ? 14.992  7.225   6.057   1.00 26.52 ? 40  THR A CB  1 
ATOM   287  O OG1 . THR A 1 60  ? 14.257  8.425   5.855   1.00 26.62 ? 40  THR A OG1 1 
ATOM   288  C CG2 . THR A 1 60  ? 14.949  6.419   4.774   1.00 32.05 ? 40  THR A CG2 1 
ATOM   289  N N   . PRO A 1 61  ? 15.597  7.028   9.238   1.00 29.27 ? 41  PRO A N   1 
ATOM   290  C CA  . PRO A 1 61  ? 15.760  7.551   10.595  1.00 27.92 ? 41  PRO A CA  1 
ATOM   291  C C   . PRO A 1 61  ? 15.334  8.998   10.694  1.00 23.03 ? 41  PRO A C   1 
ATOM   292  O O   . PRO A 1 61  ? 15.714  9.800   9.846   1.00 24.85 ? 41  PRO A O   1 
ATOM   293  C CB  . PRO A 1 61  ? 17.279  7.454   10.825  1.00 30.11 ? 41  PRO A CB  1 
ATOM   294  C CG  . PRO A 1 61  ? 17.737  6.385   9.885   1.00 31.54 ? 41  PRO A CG  1 
ATOM   295  C CD  . PRO A 1 61  ? 16.873  6.548   8.674   1.00 29.82 ? 41  PRO A CD  1 
ATOM   296  N N   . GLY A 1 62  ? 14.462  9.317   11.639  1.00 20.59 ? 42  GLY A N   1 
ATOM   297  C CA  . GLY A 1 62  ? 14.032  10.696  11.803  1.00 20.62 ? 42  GLY A CA  1 
ATOM   298  C C   . GLY A 1 62  ? 12.685  11.041  11.203  1.00 20.98 ? 42  GLY A C   1 
ATOM   299  O O   . GLY A 1 62  ? 12.190  12.147  11.413  1.00 23.33 ? 42  GLY A O   1 
ATOM   300  N N   . GLU A 1 63  ? 12.112  10.140  10.405  1.00 17.24 ? 43  GLU A N   1 
ATOM   301  C CA  . GLU A 1 63  ? 10.784  10.385  9.810   1.00 16.17 ? 43  GLU A CA  1 
ATOM   302  C C   . GLU A 1 63  ? 9.680   9.832   10.708  1.00 13.63 ? 43  GLU A C   1 
ATOM   303  O O   . GLU A 1 63  ? 9.798   8.713   11.247  1.00 12.26 ? 43  GLU A O   1 
ATOM   304  C CB  . GLU A 1 63  ? 10.662  9.674   8.460   1.00 17.12 ? 43  GLU A CB  1 
ATOM   305  C CG  . GLU A 1 63  ? 11.468  10.291  7.343   1.00 19.48 ? 43  GLU A CG  1 
ATOM   306  C CD  . GLU A 1 63  ? 11.232  9.593   6.010   1.00 19.98 ? 43  GLU A CD  1 
ATOM   307  O OE1 . GLU A 1 63  ? 11.271  8.338   5.963   1.00 18.03 ? 43  GLU A OE1 1 
ATOM   308  O OE2 . GLU A 1 63  ? 11.023  10.324  5.014   1.00 22.96 ? 43  GLU A OE2 1 
ATOM   309  N N   . SER A 1 64  ? 8.538   10.514  10.701  1.00 11.84 ? 44  SER A N   1 
ATOM   310  C CA  . SER A 1 64  ? 7.299   9.919   11.166  1.00 10.97 ? 44  SER A CA  1 
ATOM   311  C C   . SER A 1 64  ? 6.788   8.919   10.136  1.00 11.95 ? 44  SER A C   1 
ATOM   312  O O   . SER A 1 64  ? 7.222   8.933   8.970   1.00 10.85 ? 44  SER A O   1 
ATOM   313  C CB  . SER A 1 64  ? 6.232   10.981  11.432  1.00 11.72 ? 44  SER A CB  1 
ATOM   314  O OG  . SER A 1 64  ? 5.697   11.510  10.233  1.00 10.47 ? 44  SER A OG  1 
ATOM   315  N N   . ASP A 1 65  ? 5.904   8.019   10.578  1.00 10.45 ? 45  ASP A N   1 
ATOM   316  C CA  . ASP A 1 65  ? 5.234   7.095   9.660   1.00 10.24 ? 45  ASP A CA  1 
ATOM   317  C C   . ASP A 1 65  ? 4.597   7.873   8.504   1.00 10.10 ? 45  ASP A C   1 
ATOM   318  O O   . ASP A 1 65  ? 4.812   7.554   7.340   1.00 9.12  ? 45  ASP A O   1 
ATOM   319  C CB  . ASP A 1 65  ? 4.159   6.268   10.366  1.00 10.01 ? 45  ASP A CB  1 
ATOM   320  C CG  . ASP A 1 65  ? 4.732   5.161   11.264  1.00 11.14 ? 45  ASP A CG  1 
ATOM   321  O OD1 . ASP A 1 65  ? 5.964   5.171   11.575  1.00 11.75 ? 45  ASP A OD1 1 
ATOM   322  O OD2 . ASP A 1 65  ? 3.924   4.324   11.765  1.00 9.95  ? 45  ASP A OD2 1 
ATOM   323  N N   . ALA A 1 66  ? 3.857   8.919   8.822   1.00 10.27 ? 46  ALA A N   1 
ATOM   324  C CA  . ALA A 1 66  ? 3.250   9.747   7.779   1.00 10.79 ? 46  ALA A CA  1 
ATOM   325  C C   . ALA A 1 66  ? 4.251   10.363  6.813   1.00 12.69 ? 46  ALA A C   1 
ATOM   326  O O   . ALA A 1 66  ? 3.942   10.443  5.626   1.00 14.30 ? 46  ALA A O   1 
ATOM   327  C CB  . ALA A 1 66  ? 2.367   10.825  8.382   1.00 10.03 ? 46  ALA A CB  1 
ATOM   328  N N   . ASP A 1 67  ? 5.356   10.926  7.318   1.00 13.90 ? 47  ASP A N   1 
ATOM   329  C CA  . ASP A 1 67  ? 6.379   11.569  6.465   1.00 11.85 ? 47  ASP A CA  1 
ATOM   330  C C   . ASP A 1 67  ? 6.893   10.499  5.503   1.00 11.11 ? 47  ASP A C   1 
ATOM   331  O O   . ASP A 1 67  ? 7.061   10.732  4.313   1.00 10.27 ? 47  ASP A O   1 
ATOM   332  C CB  . ASP A 1 67  ? 7.617   12.043  7.257   1.00 14.35 ? 47  ASP A CB  1 
ATOM   333  C CG  . ASP A 1 67  ? 7.393   13.282  8.108   1.00 18.43 ? 47  ASP A CG  1 
ATOM   334  O OD1 . ASP A 1 67  ? 6.555   14.142  7.772   1.00 18.83 ? 47  ASP A OD1 1 
ATOM   335  O OD2 . ASP A 1 67  ? 8.192   13.432  9.092   1.00 27.49 ? 47  ASP A OD2 1 
ATOM   336  N N   . ALA A 1 68  ? 7.205   9.329   6.046   1.00 10.29 ? 48  ALA A N   1 
ATOM   337  C CA  . ALA A 1 68  ? 7.828   8.304   5.268   1.00 10.20 ? 48  ALA A CA  1 
ATOM   338  C C   . ALA A 1 68  ? 6.873   7.848   4.178   1.00 10.07 ? 48  ALA A C   1 
ATOM   339  O O   . ALA A 1 68  ? 7.271   7.627   3.031   1.00 10.39 ? 48  ALA A O   1 
ATOM   340  C CB  . ALA A 1 68  ? 8.254   7.145   6.150   1.00 9.28  ? 48  ALA A CB  1 
ATOM   341  N N   . LEU A 1 69  ? 5.623   7.614   4.552   1.00 10.32 ? 49  LEU A N   1 
ATOM   342  C CA  . LEU A 1 69  ? 4.650   7.092   3.586   1.00 9.96  ? 49  LEU A CA  1 
ATOM   343  C C   . LEU A 1 69  ? 4.374   8.121   2.479   1.00 9.76  ? 49  LEU A C   1 
ATOM   344  O O   . LEU A 1 69  ? 4.360   7.778   1.288   1.00 9.69  ? 49  LEU A O   1 
ATOM   345  C CB  . LEU A 1 69  ? 3.365   6.617   4.301   1.00 9.99  ? 49  LEU A CB  1 
ATOM   346  C CG  . LEU A 1 69  ? 2.285   5.992   3.400   1.00 10.45 ? 49  LEU A CG  1 
ATOM   347  C CD1 . LEU A 1 69  ? 2.911   4.824   2.663   1.00 10.19 ? 49  LEU A CD1 1 
ATOM   348  C CD2 . LEU A 1 69  ? 1.050   5.541   4.199   1.00 11.22 ? 49  LEU A CD2 1 
ATOM   349  N N   . ALA A 1 70  ? 4.215   9.388   2.849   1.00 10.21 ? 50  ALA A N   1 
ATOM   350  C CA  . ALA A 1 70  ? 4.010   10.432  1.845   1.00 10.24 ? 50  ALA A CA  1 
ATOM   351  C C   . ALA A 1 70  ? 5.196   10.504  0.911   1.00 10.28 ? 50  ALA A C   1 
ATOM   352  O O   . ALA A 1 70  ? 5.032   10.563  -0.292  1.00 9.12  ? 50  ALA A O   1 
ATOM   353  C CB  . ALA A 1 70  ? 3.760   11.788  2.505   1.00 10.06 ? 50  ALA A CB  1 
ATOM   354  N N   . ARG A 1 71  ? 6.402   10.385  1.452   1.00 10.44 ? 51  ARG A N   1 
ATOM   355  C CA  . ARG A 1 71  ? 7.587   10.479  0.616   1.00 10.85 ? 51  ARG A CA  1 
ATOM   356  C C   . ARG A 1 71  ? 7.631   9.283   -0.344  1.00 10.84 ? 51  ARG A C   1 
ATOM   357  O O   . ARG A 1 71  ? 7.899   9.429   -1.546  1.00 10.17 ? 51  ARG A O   1 
ATOM   358  C CB  . ARG A 1 71  ? 8.872   10.546  1.461   1.00 11.88 ? 51  ARG A CB  1 
ATOM   359  C CG  . ARG A 1 71  ? 10.164  10.386  0.643   1.00 13.50 ? 51  ARG A CG  1 
ATOM   360  C CD  . ARG A 1 71  ? 11.412  10.323  1.527   1.00 14.96 ? 51  ARG A CD  1 
ATOM   361  N NE  . ARG A 1 71  ? 11.308  9.305   2.561   1.00 13.97 ? 51  ARG A NE  1 
ATOM   362  C CZ  . ARG A 1 71  ? 11.379  7.999   2.336   1.00 14.59 ? 51  ARG A CZ  1 
ATOM   363  N NH1 . ARG A 1 71  ? 11.572  7.544   1.102   1.00 17.96 ? 51  ARG A NH1 1 
ATOM   364  N NH2 . ARG A 1 71  ? 11.254  7.145   3.348   1.00 15.17 ? 51  ARG A NH2 1 
ATOM   365  N N   . GLU A 1 72  ? 7.376   8.091   0.184   1.00 11.06 ? 52  GLU A N   1 
ATOM   366  C CA  . GLU A 1 72  ? 7.417   6.877   -0.644  1.00 11.91 ? 52  GLU A CA  1 
ATOM   367  C C   . GLU A 1 72  ? 6.432   6.925   -1.829  1.00 11.06 ? 52  GLU A C   1 
ATOM   368  O O   . GLU A 1 72  ? 6.782   6.545   -2.950  1.00 8.93  ? 52  GLU A O   1 
ATOM   369  C CB  . GLU A 1 72  ? 7.152   5.642   0.206   1.00 15.01 ? 52  GLU A CB  1 
ATOM   370  C CG  . GLU A 1 72  ? 8.337   5.221   1.081   1.00 17.68 ? 52  GLU A CG  1 
ATOM   371  C CD  . GLU A 1 72  ? 9.543   4.703   0.286   1.00 23.14 ? 52  GLU A CD  1 
ATOM   372  O OE1 . GLU A 1 72  ? 9.378   4.273   -0.873  1.00 24.33 ? 52  GLU A OE1 1 
ATOM   373  O OE2 . GLU A 1 72  ? 10.653  4.654   0.861   1.00 29.62 ? 52  GLU A OE2 1 
ATOM   374  N N   . LEU A 1 73  ? 5.213   7.396   -1.577  1.00 10.21 ? 53  LEU A N   1 
ATOM   375  C CA  . LEU A 1 73  ? 4.209   7.481   -2.644  1.00 10.37 ? 53  LEU A CA  1 
ATOM   376  C C   . LEU A 1 73  ? 4.459   8.633   -3.619  1.00 11.48 ? 53  LEU A C   1 
ATOM   377  O O   . LEU A 1 73  ? 4.093   8.531   -4.807  1.00 11.29 ? 53  LEU A O   1 
ATOM   378  C CB  . LEU A 1 73  ? 2.809   7.566   -2.040  1.00 11.49 ? 53  LEU A CB  1 
ATOM   379  C CG  . LEU A 1 73  ? 2.469   6.357   -1.158  1.00 11.16 ? 53  LEU A CG  1 
ATOM   380  C CD1 . LEU A 1 73  ? 1.016   6.365   -0.754  1.00 13.25 ? 53  LEU A CD1 1 
ATOM   381  C CD2 . LEU A 1 73  ? 2.828   5.016   -1.778  1.00 11.30 ? 53  LEU A CD2 1 
ATOM   382  N N   . ARG A 1 74  ? 5.096   9.708   -3.136  1.00 10.72 ? 54  ARG A N   1 
ATOM   383  C CA  . ARG A 1 74  ? 5.583   10.738  -4.005  1.00 14.41 ? 54  ARG A CA  1 
ATOM   384  C C   . ARG A 1 74  ? 6.588   10.108  -4.973  1.00 13.86 ? 54  ARG A C   1 
ATOM   385  O O   . ARG A 1 74  ? 6.460   10.263  -6.193  1.00 11.55 ? 54  ARG A O   1 
ATOM   386  C CB  . ARG A 1 74  ? 6.236   11.852  -3.194  1.00 17.66 ? 54  ARG A CB  1 
ATOM   387  C CG  . ARG A 1 74  ? 6.053   13.259  -3.727  1.00 26.35 ? 54  ARG A CG  1 
ATOM   388  C CD  . ARG A 1 74  ? 6.071   14.255  -2.567  1.00 27.58 ? 54  ARG A CD  1 
ATOM   389  N NE  . ARG A 1 74  ? 7.278   14.064  -1.743  1.00 32.15 ? 54  ARG A NE  1 
ATOM   390  C CZ  . ARG A 1 74  ? 7.307   13.837  -0.426  1.00 33.34 ? 54  ARG A CZ  1 
ATOM   391  N NH1 . ARG A 1 74  ? 6.211   13.927  0.337   1.00 24.21 ? 54  ARG A NH1 1 
ATOM   392  N NH2 . ARG A 1 74  ? 8.479   13.587  0.146   1.00 37.63 ? 54  ARG A NH2 1 
ATOM   393  N N   . GLU A 1 75  ? 7.575   9.395   -4.419  1.00 12.25 ? 55  GLU A N   1 
ATOM   394  C CA  . GLU A 1 75  ? 8.640   8.810   -5.219  1.00 15.25 ? 55  GLU A CA  1 
ATOM   395  C C   . GLU A 1 75  ? 8.102   7.738   -6.188  1.00 13.93 ? 55  GLU A C   1 
ATOM   396  O O   . GLU A 1 75  ? 8.447   7.754   -7.356  1.00 15.86 ? 55  GLU A O   1 
ATOM   397  C CB  . GLU A 1 75  ? 9.750   8.213   -4.331  1.00 16.24 ? 55  GLU A CB  1 
ATOM   398  C CG  . GLU A 1 75  ? 10.539  9.212   -3.469  1.00 17.17 ? 55  GLU A CG  1 
ATOM   399  C CD  . GLU A 1 75  ? 11.476  8.506   -2.484  1.00 22.78 ? 55  GLU A CD  1 
ATOM   400  O OE1 . GLU A 1 75  ? 11.491  7.260   -2.468  1.00 25.25 ? 55  GLU A OE1 1 
ATOM   401  O OE2 . GLU A 1 75  ? 12.193  9.176   -1.718  1.00 21.60 ? 55  GLU A OE2 1 
ATOM   402  N N   . GLU A 1 76  ? 7.234   6.842   -5.703  1.00 14.04 ? 56  GLU A N   1 
ATOM   403  C CA  . GLU A 1 76  ? 6.764   5.689   -6.487  1.00 13.86 ? 56  GLU A CA  1 
ATOM   404  C C   . GLU A 1 76  ? 5.620   6.000   -7.431  1.00 11.19 ? 56  GLU A C   1 
ATOM   405  O O   . GLU A 1 76  ? 5.552   5.380   -8.495  1.00 11.46 ? 56  GLU A O   1 
ATOM   406  C CB  . GLU A 1 76  ? 6.329   4.488   -5.612  1.00 14.30 ? 56  GLU A CB  1 
ATOM   407  C CG  . GLU A 1 76  ? 7.482   3.778   -4.896  1.00 20.66 ? 56  GLU A CG  1 
ATOM   408  C CD  . GLU A 1 76  ? 7.076   2.828   -3.742  1.00 28.98 ? 56  GLU A CD  1 
ATOM   409  O OE1 . GLU A 1 76  ? 5.884   2.464   -3.565  1.00 34.43 ? 56  GLU A OE1 1 
ATOM   410  O OE2 . GLU A 1 76  ? 7.990   2.433   -2.986  1.00 26.91 ? 56  GLU A OE2 1 
ATOM   411  N N   . LEU A 1 77  ? 4.706   6.886   -7.032  1.00 9.94  ? 57  LEU A N   1 
ATOM   412  C CA  . LEU A 1 77  ? 3.471   7.153   -7.803  1.00 9.95  ? 57  LEU A CA  1 
ATOM   413  C C   . LEU A 1 77  ? 3.368   8.566   -8.403  1.00 9.99  ? 57  LEU A C   1 
ATOM   414  O O   . LEU A 1 77  ? 2.415   8.855   -9.157  1.00 9.60  ? 57  LEU A O   1 
ATOM   415  C CB  . LEU A 1 77  ? 2.245   6.949   -6.911  1.00 9.80  ? 57  LEU A CB  1 
ATOM   416  C CG  . LEU A 1 77  ? 2.134   5.602   -6.220  1.00 11.09 ? 57  LEU A CG  1 
ATOM   417  C CD1 . LEU A 1 77  ? 0.869   5.608   -5.363  1.00 10.96 ? 57  LEU A CD1 1 
ATOM   418  C CD2 . LEU A 1 77  ? 2.136   4.496   -7.252  1.00 13.24 ? 57  LEU A CD2 1 
ATOM   419  N N   . GLY A 1 78  ? 4.256   9.447   -7.962  1.00 11.15 ? 58  GLY A N   1 
ATOM   420  C CA  . GLY A 1 78  ? 4.184   10.885  -8.230  1.00 12.01 ? 58  GLY A CA  1 
ATOM   421  C C   . GLY A 1 78  ? 2.935   11.584  -7.713  1.00 11.90 ? 58  GLY A C   1 
ATOM   422  O O   . GLY A 1 78  ? 2.492   12.558  -8.304  1.00 14.96 ? 58  GLY A O   1 
ATOM   423  N N   . VAL A 1 79  ? 2.407   11.161  -6.569  1.00 10.18 ? 59  VAL A N   1 
ATOM   424  C CA  . VAL A 1 79  ? 1.301   11.860  -5.988  1.00 10.82 ? 59  VAL A CA  1 
ATOM   425  C C   . VAL A 1 79  ? 1.536   12.313  -4.548  1.00 13.18 ? 59  VAL A C   1 
ATOM   426  O O   . VAL A 1 79  ? 2.455   11.821  -3.833  1.00 13.04 ? 59  VAL A O   1 
ATOM   427  C CB  . VAL A 1 79  ? 0.041   10.985  -6.016  1.00 10.64 ? 59  VAL A CB  1 
ATOM   428  C CG1 . VAL A 1 79  ? -0.249  10.552  -7.452  1.00 11.21 ? 59  VAL A CG1 1 
ATOM   429  C CG2 . VAL A 1 79  ? 0.228   9.781   -5.103  1.00 10.55 ? 59  VAL A CG2 1 
ATOM   430  N N   . ASP A 1 80  ? 0.743   13.301  -4.159  1.00 11.69 ? 60  ASP A N   1 
ATOM   431  C CA  . ASP A 1 80  ? 0.659   13.753  -2.755  1.00 13.38 ? 60  ASP A CA  1 
ATOM   432  C C   . ASP A 1 80  ? -0.564  13.177  -2.086  1.00 11.33 ? 60  ASP A C   1 
ATOM   433  O O   . ASP A 1 80  ? -1.673  13.333  -2.571  1.00 10.03 ? 60  ASP A O   1 
ATOM   434  C CB  . ASP A 1 80  ? 0.599   15.260  -2.668  1.00 15.72 ? 60  ASP A CB  1 
ATOM   435  C CG  . ASP A 1 80  ? 1.829   15.937  -3.275  1.00 20.76 ? 60  ASP A CG  1 
ATOM   436  O OD1 . ASP A 1 80  ? 2.970   15.446  -3.112  1.00 23.55 ? 60  ASP A OD1 1 
ATOM   437  O OD2 . ASP A 1 80  ? 1.641   16.968  -3.947  1.00 29.46 ? 60  ASP A OD2 1 
ATOM   438  N N   . VAL A 1 81  ? -0.345  12.447  -1.004  1.00 12.01 ? 61  VAL A N   1 
ATOM   439  C CA  . VAL A 1 81  ? -1.441  11.836  -0.266  1.00 11.96 ? 61  VAL A CA  1 
ATOM   440  C C   . VAL A 1 81  ? -1.583  12.491  1.110   1.00 12.94 ? 61  VAL A C   1 
ATOM   441  O O   . VAL A 1 81  ? -0.654  13.126  1.616   1.00 14.43 ? 61  VAL A O   1 
ATOM   442  C CB  . VAL A 1 81  ? -1.270  10.307  -0.105  1.00 9.65  ? 61  VAL A CB  1 
ATOM   443  C CG1 . VAL A 1 81  ? -1.180  9.619   -1.454  1.00 9.47  ? 61  VAL A CG1 1 
ATOM   444  C CG2 . VAL A 1 81  ? -0.061  9.970   0.769   1.00 10.16 ? 61  VAL A CG2 1 
ATOM   445  N N   . ALA A 1 82  ? -2.754  12.325  1.703   1.00 10.94 ? 62  ALA A N   1 
ATOM   446  C CA  . ALA A 1 82  ? -2.951  12.658  3.104   1.00 10.38 ? 62  ALA A CA  1 
ATOM   447  C C   . ALA A 1 82  ? -3.049  11.332  3.841   1.00 9.45  ? 62  ALA A C   1 
ATOM   448  O O   . ALA A 1 82  ? -3.812  10.460  3.447   1.00 7.50  ? 62  ALA A O   1 
ATOM   449  C CB  . ALA A 1 82  ? -4.230  13.484  3.280   1.00 11.27 ? 62  ALA A CB  1 
ATOM   450  N N   . VAL A 1 83  ? -2.273  11.177  4.905   1.00 8.79  ? 63  VAL A N   1 
ATOM   451  C CA  . VAL A 1 83  ? -2.173  9.899   5.575   1.00 9.55  ? 63  VAL A CA  1 
ATOM   452  C C   . VAL A 1 83  ? -3.186  9.862   6.710   1.00 10.13 ? 63  VAL A C   1 
ATOM   453  O O   . VAL A 1 83  ? -3.214  10.780  7.540   1.00 10.11 ? 63  VAL A O   1 
ATOM   454  C CB  . VAL A 1 83  ? -0.741  9.724   6.122   1.00 8.45  ? 63  VAL A CB  1 
ATOM   455  C CG1 . VAL A 1 83  ? -0.624  8.451   6.907   1.00 8.62  ? 63  VAL A CG1 1 
ATOM   456  C CG2 . VAL A 1 83  ? 0.235   9.725   4.976   1.00 8.61  ? 63  VAL A CG2 1 
ATOM   457  N N   . GLY A 1 84  ? -3.965  8.773   6.795   1.00 11.03 ? 64  GLY A N   1 
ATOM   458  C CA  . GLY A 1 84  ? -5.041  8.653   7.779   1.00 10.36 ? 64  GLY A CA  1 
ATOM   459  C C   . GLY A 1 84  ? -4.790  7.567   8.823   1.00 11.33 ? 64  GLY A C   1 
ATOM   460  O O   . GLY A 1 84  ? -3.659  7.410   9.319   1.00 11.02 ? 64  GLY A O   1 
ATOM   461  N N   . GLU A 1 85  ? -5.818  6.759   9.059   1.00 12.97 ? 65  GLU A N   1 
ATOM   462  C CA  . GLU A 1 85  ? -5.802  5.714   10.088  1.00 13.92 ? 65  GLU A CA  1 
ATOM   463  C C   . GLU A 1 85  ? -5.050  4.480   9.632   1.00 13.27 ? 65  GLU A C   1 
ATOM   464  O O   . GLU A 1 85  ? -5.014  4.152   8.444   1.00 10.61 ? 65  GLU A O   1 
ATOM   465  C CB  . GLU A 1 85  ? -7.230  5.271   10.444  1.00 17.79 ? 65  GLU A CB  1 
ATOM   466  C CG  . GLU A 1 85  ? -8.155  6.367   10.925  1.00 24.48 ? 65  GLU A CG  1 
ATOM   467  C CD  . GLU A 1 85  ? -7.720  6.947   12.259  1.00 34.65 ? 65  GLU A CD  1 
ATOM   468  O OE1 . GLU A 1 85  ? -7.381  6.159   13.169  1.00 36.69 ? 65  GLU A OE1 1 
ATOM   469  O OE2 . GLU A 1 85  ? -7.694  8.187   12.385  1.00 42.44 ? 65  GLU A OE2 1 
ATOM   470  N N   . ARG A 1 86  ? -4.613  3.697   10.609  1.00 13.40 ? 66  ARG A N   1 
ATOM   471  C CA  . ARG A 1 86  ? -4.106  2.365   10.331  1.00 13.64 ? 66  ARG A CA  1 
ATOM   472  C C   . ARG A 1 86  ? -5.130  1.510   9.614   1.00 13.41 ? 66  ARG A C   1 
ATOM   473  O O   . ARG A 1 86  ? -6.326  1.603   9.883   1.00 13.26 ? 66  ARG A O   1 
ATOM   474  C CB  . ARG A 1 86  ? -3.724  1.671   11.622  1.00 16.22 ? 66  ARG A CB  1 
ATOM   475  C CG  . ARG A 1 86  ? -2.465  2.223   12.191  1.00 18.57 ? 66  ARG A CG  1 
ATOM   476  C CD  . ARG A 1 86  ? -2.312  1.714   13.616  1.00 23.74 ? 66  ARG A CD  1 
ATOM   477  N NE  . ARG A 1 86  ? -2.083  0.278   13.644  1.00 27.06 ? 66  ARG A NE  1 
ATOM   478  C CZ  . ARG A 1 86  ? -1.993  -0.440  14.759  1.00 34.20 ? 66  ARG A CZ  1 
ATOM   479  N NH1 . ARG A 1 86  ? -2.124  0.152   15.938  1.00 32.60 ? 66  ARG A NH1 1 
ATOM   480  N NH2 . ARG A 1 86  ? -1.756  -1.744  14.695  1.00 34.95 ? 66  ARG A NH2 1 
ATOM   481  N N   . LEU A 1 87  ? -4.638  0.605   8.786   1.00 11.85 ? 67  LEU A N   1 
ATOM   482  C CA  . LEU A 1 87  ? -5.483  -0.392  8.135   1.00 14.83 ? 67  LEU A CA  1 
ATOM   483  C C   . LEU A 1 87  ? -4.900  -1.751  8.442   1.00 13.93 ? 67  LEU A C   1 
ATOM   484  O O   . LEU A 1 87  ? -3.703  -1.981  8.240   1.00 13.69 ? 67  LEU A O   1 
ATOM   485  C CB  . LEU A 1 87  ? -5.475  -0.152  6.639   1.00 14.93 ? 67  LEU A CB  1 
ATOM   486  C CG  . LEU A 1 87  ? -6.200  -1.071  5.666   1.00 17.23 ? 67  LEU A CG  1 
ATOM   487  C CD1 . LEU A 1 87  ? -5.835  -2.541  5.784   1.00 19.13 ? 67  LEU A CD1 1 
ATOM   488  C CD2 . LEU A 1 87  ? -7.681  -0.816  5.777   1.00 16.71 ? 67  LEU A CD2 1 
ATOM   489  N N   . GLY A 1 88  ? -5.736  -2.627  8.989   1.00 13.93 ? 68  GLY A N   1 
ATOM   490  C CA  . GLY A 1 88  ? -5.327  -3.963  9.338   1.00 13.64 ? 68  GLY A CA  1 
ATOM   491  C C   . GLY A 1 88  ? -4.311  -4.035  10.477  1.00 15.05 ? 68  GLY A C   1 
ATOM   492  O O   . GLY A 1 88  ? -3.894  -3.020  11.036  1.00 15.33 ? 68  GLY A O   1 
ATOM   493  N N   . ALA A 1 89  ? -3.813  -5.249  10.678  1.00 17.15 ? 69  ALA A N   1 
ATOM   494  C CA  . ALA A 1 89  ? -2.810  -5.565  11.694  1.00 17.50 ? 69  ALA A CA  1 
ATOM   495  C C   . ALA A 1 89  ? -1.411  -5.347  11.143  1.00 17.06 ? 69  ALA A C   1 
ATOM   496  O O   . ALA A 1 89  ? -1.149  -5.596  9.965   1.00 15.68 ? 69  ALA A O   1 
ATOM   497  C CB  . ALA A 1 89  ? -2.972  -7.012  12.127  1.00 18.75 ? 69  ALA A CB  1 
ATOM   498  N N   . ASP A 1 90  ? -0.478  -5.063  12.040  1.00 14.55 ? 70  ASP A N   1 
ATOM   499  C CA  . ASP A 1 90  ? 0.922   -5.030  11.663  1.00 15.75 ? 70  ASP A CA  1 
ATOM   500  C C   . ASP A 1 90  ? 1.385   -6.415  11.273  1.00 16.19 ? 70  ASP A C   1 
ATOM   501  O O   . ASP A 1 90  ? 0.905   -7.403  11.815  1.00 14.56 ? 70  ASP A O   1 
ATOM   502  C CB  . ASP A 1 90  ? 1.780   -4.494  12.803  1.00 17.25 ? 70  ASP A CB  1 
ATOM   503  C CG  . ASP A 1 90  ? 1.556   -3.023  13.053  1.00 19.11 ? 70  ASP A CG  1 
ATOM   504  O OD1 . ASP A 1 90  ? 0.939   -2.371  12.186  1.00 23.69 ? 70  ASP A OD1 1 
ATOM   505  O OD2 . ASP A 1 90  ? 1.968   -2.542  14.129  1.00 21.45 ? 70  ASP A OD2 1 
ATOM   506  N N   . VAL A 1 91  ? 2.311   -6.483  10.332  1.00 15.66 ? 71  VAL A N   1 
ATOM   507  C CA  . VAL A 1 91  ? 2.846   -7.769  9.896   1.00 16.11 ? 71  VAL A CA  1 
ATOM   508  C C   . VAL A 1 91  ? 4.309   -7.869  10.327  1.00 18.88 ? 71  VAL A C   1 
ATOM   509  O O   . VAL A 1 91  ? 5.127   -7.010  9.965   1.00 15.90 ? 71  VAL A O   1 
ATOM   510  C CB  . VAL A 1 91  ? 2.756   -7.921  8.357   1.00 16.80 ? 71  VAL A CB  1 
ATOM   511  C CG1 . VAL A 1 91  ? 3.392   -9.228  7.907   1.00 17.60 ? 71  VAL A CG1 1 
ATOM   512  C CG2 . VAL A 1 91  ? 1.321   -7.842  7.883   1.00 16.85 ? 71  VAL A CG2 1 
ATOM   513  N N   . ALA A 1 92  ? 4.663   -8.967  10.999  1.00 18.69 ? 72  ALA A N   1 
ATOM   514  C CA  . ALA A 1 92  ? 6.071   -9.246  11.318  1.00 23.41 ? 72  ALA A CA  1 
ATOM   515  C C   . ALA A 1 92  ? 6.785   -9.796  10.091  1.00 26.13 ? 72  ALA A C   1 
ATOM   516  O O   . ALA A 1 92  ? 6.547   -10.934 9.680   1.00 26.46 ? 72  ALA A O   1 
ATOM   517  C CB  . ALA A 1 92  ? 6.194   -10.220 12.479  1.00 23.40 ? 72  ALA A CB  1 
ATOM   518  N N   . LEU A 1 93  ? 7.586   -8.950  9.458   1.00 24.53 ? 73  LEU A N   1 
ATOM   519  C CA  . LEU A 1 93  ? 8.359   -9.352  8.282   1.00 30.45 ? 73  LEU A CA  1 
ATOM   520  C C   . LEU A 1 93  ? 9.612   -10.136 8.668   1.00 31.95 ? 73  LEU A C   1 
ATOM   521  O O   . LEU A 1 93  ? 10.036  -11.038 7.956   1.00 45.51 ? 73  LEU A O   1 
ATOM   522  C CB  . LEU A 1 93  ? 8.773   -8.127  7.480   1.00 28.86 ? 73  LEU A CB  1 
ATOM   523  C CG  . LEU A 1 93  ? 7.668   -7.399  6.733   1.00 29.16 ? 73  LEU A CG  1 
ATOM   524  C CD1 . LEU A 1 93  ? 8.253   -6.204  5.965   1.00 29.69 ? 73  LEU A CD1 1 
ATOM   525  C CD2 . LEU A 1 93  ? 6.942   -8.371  5.810   1.00 30.41 ? 73  LEU A CD2 1 
ATOM   526  N N   . ASN A 1 94  ? 10.257  -9.724  9.741   1.00 32.77 ? 74  ASN A N   1 
ATOM   527  C CA  . ASN A 1 94  ? 11.067  -10.636 10.524  1.00 43.77 ? 74  ASN A CA  1 
ATOM   528  C C   . ASN A 1 94  ? 11.105  -10.144 11.954  1.00 46.98 ? 74  ASN A C   1 
ATOM   529  O O   . ASN A 1 94  ? 10.223  -9.363  12.365  1.00 39.72 ? 74  ASN A O   1 
ATOM   530  C CB  . ASN A 1 94  ? 12.479  -10.768 9.943   1.00 44.04 ? 74  ASN A CB  1 
ATOM   531  C CG  . ASN A 1 94  ? 13.129  -9.426  9.683   1.00 52.37 ? 74  ASN A CG  1 
ATOM   532  O OD1 . ASN A 1 94  ? 13.604  -8.754  10.608  1.00 50.74 ? 74  ASN A OD1 1 
ATOM   533  N ND2 . ASN A 1 94  ? 13.142  -9.020  8.418   1.00 53.38 ? 74  ASN A ND2 1 
ATOM   534  N N   . ASP A 1 95  ? 12.082  -10.652 12.714  1.00 48.57 ? 75  ASP A N   1 
ATOM   535  C CA  . ASP A 1 95  ? 12.307  -10.240 14.101  1.00 48.51 ? 75  ASP A CA  1 
ATOM   536  C C   . ASP A 1 95  ? 12.751  -8.781  14.164  1.00 45.53 ? 75  ASP A C   1 
ATOM   537  O O   . ASP A 1 95  ? 12.388  -8.058  15.098  1.00 50.84 ? 75  ASP A O   1 
ATOM   538  N N   . ALA A 1 96  ? 13.455  -8.342  13.118  1.00 43.77 ? 76  ALA A N   1 
ATOM   539  C CA  . ALA A 1 96  ? 13.911  -6.951  12.992  1.00 47.80 ? 76  ALA A CA  1 
ATOM   540  C C   . ALA A 1 96  ? 13.007  -5.974  12.201  1.00 48.36 ? 76  ALA A C   1 
ATOM   541  O O   . ALA A 1 96  ? 13.328  -4.784  12.100  1.00 46.48 ? 76  ALA A O   1 
ATOM   542  N N   . MET A 1 97  ? 11.892  -6.453  11.645  1.00 40.53 ? 77  MET A N   1 
ATOM   543  C CA  . MET A 1 97  ? 11.151  -5.646  10.677  1.00 33.82 ? 77  MET A CA  1 
ATOM   544  C C   . MET A 1 97  ? 9.636   -5.807  10.768  1.00 25.00 ? 77  MET A C   1 
ATOM   545  O O   . MET A 1 97  ? 9.123   -6.917  10.692  1.00 23.96 ? 77  MET A O   1 
ATOM   546  C CB  . MET A 1 97  ? 11.636  -5.953  9.265   1.00 35.57 ? 77  MET A CB  1 
ATOM   547  C CG  . MET A 1 97  ? 11.489  -4.782  8.312   1.00 40.88 ? 77  MET A CG  1 
ATOM   548  S SD  . MET A 1 97  ? 12.669  -4.757  6.937   1.00 43.14 ? 77  MET A SD  1 
ATOM   549  C CE  . MET A 1 97  ? 12.427  -6.385  6.229   1.00 51.20 ? 77  MET A CE  1 
ATOM   550  N N   . THR A 1 98  ? 8.925   -4.681  10.864  1.00 20.34 ? 78  THR A N   1 
ATOM   551  C CA  . THR A 1 98  ? 7.470   -4.687  10.911  1.00 19.40 ? 78  THR A CA  1 
ATOM   552  C C   . THR A 1 98  ? 6.850   -3.868  9.773   1.00 18.87 ? 78  THR A C   1 
ATOM   553  O O   . THR A 1 98  ? 7.397   -2.838  9.374   1.00 17.96 ? 78  THR A O   1 
ATOM   554  C CB  . THR A 1 98  ? 7.009   -4.138  12.252  1.00 21.28 ? 78  THR A CB  1 
ATOM   555  O OG1 . THR A 1 98  ? 7.722   -4.833  13.272  1.00 24.38 ? 78  THR A OG1 1 
ATOM   556  C CG2 . THR A 1 98  ? 5.503   -4.304  12.437  1.00 18.20 ? 78  THR A CG2 1 
ATOM   557  N N   . LEU A 1 99  ? 5.730   -4.367  9.239   1.00 15.75 ? 79  LEU A N   1 
ATOM   558  C CA  . LEU A 1 99  ? 5.063   -3.754  8.078   1.00 13.49 ? 79  LEU A CA  1 
ATOM   559  C C   . LEU A 1 99  ? 3.695   -3.269  8.515   1.00 11.39 ? 79  LEU A C   1 
ATOM   560  O O   . LEU A 1 99  ? 2.946   -4.004  9.148   1.00 11.33 ? 79  LEU A O   1 
ATOM   561  C CB  . LEU A 1 99  ? 4.947   -4.773  6.921   1.00 14.36 ? 79  LEU A CB  1 
ATOM   562  C CG  . LEU A 1 99  ? 4.096   -4.362  5.699   1.00 15.29 ? 79  LEU A CG  1 
ATOM   563  C CD1 . LEU A 1 99  ? 4.701   -3.135  5.014   1.00 15.95 ? 79  LEU A CD1 1 
ATOM   564  C CD2 . LEU A 1 99  ? 3.890   -5.501  4.690   1.00 16.15 ? 79  LEU A CD2 1 
ATOM   565  N N   . ARG A 1 100 ? 3.420   -1.990  8.286   1.00 11.24 ? 80  ARG A N   1 
ATOM   566  C CA  . ARG A 1 100 ? 2.171   -1.394  8.717   1.00 11.14 ? 80  ARG A CA  1 
ATOM   567  C C   . ARG A 1 100 ? 1.527   -0.621  7.594   1.00 10.99 ? 80  ARG A C   1 
ATOM   568  O O   . ARG A 1 100 ? 2.194   0.177   6.929   1.00 8.95  ? 80  ARG A O   1 
ATOM   569  C CB  . ARG A 1 100 ? 2.380   -0.453  9.907   1.00 12.46 ? 80  ARG A CB  1 
ATOM   570  C CG  . ARG A 1 100 ? 1.152   0.395   10.233  1.00 15.53 ? 80  ARG A CG  1 
ATOM   571  C CD  . ARG A 1 100 ? 1.350   1.267   11.465  1.00 14.63 ? 80  ARG A CD  1 
ATOM   572  N NE  . ARG A 1 100 ? 1.368   0.458   12.661  1.00 16.26 ? 80  ARG A NE  1 
ATOM   573  C CZ  . ARG A 1 100 ? 1.429   0.944   13.899  1.00 16.51 ? 80  ARG A CZ  1 
ATOM   574  N NH1 . ARG A 1 100 ? 1.389   2.233   14.098  1.00 14.68 ? 80  ARG A NH1 1 
ATOM   575  N NH2 . ARG A 1 100 ? 1.444   0.117   14.938  1.00 17.22 ? 80  ARG A NH2 1 
ATOM   576  N N   . ALA A 1 101 ? 0.216   -0.817  7.425   1.00 10.01 ? 81  ALA A N   1 
ATOM   577  C CA  . ALA A 1 101 ? -0.529  -0.086  6.418   1.00 9.36  ? 81  ALA A CA  1 
ATOM   578  C C   . ALA A 1 101 ? -1.312  1.043   7.046   1.00 9.66  ? 81  ALA A C   1 
ATOM   579  O O   . ALA A 1 101 ? -1.949  0.865   8.092   1.00 9.33  ? 81  ALA A O   1 
ATOM   580  C CB  . ALA A 1 101 ? -1.471  -1.003  5.643   1.00 10.31 ? 81  ALA A CB  1 
ATOM   581  N N   . TYR A 1 102 ? -1.451  2.124   6.270   1.00 9.17  ? 82  TYR A N   1 
ATOM   582  C CA  . TYR A 1 102 ? -2.340  3.227   6.584   1.00 8.82  ? 82  TYR A CA  1 
ATOM   583  C C   . TYR A 1 102 ? -3.269  3.472   5.411   1.00 8.76  ? 82  TYR A C   1 
ATOM   584  O O   . TYR A 1 102 ? -2.848  3.363   4.248   1.00 9.93  ? 82  TYR A O   1 
ATOM   585  C CB  . TYR A 1 102 ? -1.546  4.510   6.825   1.00 8.72  ? 82  TYR A CB  1 
ATOM   586  C CG  . TYR A 1 102 ? -0.776  4.537   8.120   1.00 8.04  ? 82  TYR A CG  1 
ATOM   587  C CD1 . TYR A 1 102 ? -1.355  5.016   9.306   1.00 7.64  ? 82  TYR A CD1 1 
ATOM   588  C CD2 . TYR A 1 102 ? 0.540   4.113   8.170   1.00 8.67  ? 82  TYR A CD2 1 
ATOM   589  C CE1 . TYR A 1 102 ? -0.669  4.971   10.513  1.00 7.48  ? 82  TYR A CE1 1 
ATOM   590  C CE2 . TYR A 1 102 ? 1.231   4.062   9.373   1.00 7.63  ? 82  TYR A CE2 1 
ATOM   591  C CZ  . TYR A 1 102 ? 0.649   4.564   10.523  1.00 8.17  ? 82  TYR A CZ  1 
ATOM   592  O OH  . TYR A 1 102 ? 1.396   4.644   11.689  1.00 8.81  ? 82  TYR A OH  1 
ATOM   593  N N   A ARG A 1 103 ? -4.520  3.825   5.698   0.50 8.33  ? 83  ARG A N   1 
ATOM   594  N N   B ARG A 1 103 ? -4.504  3.860   5.708   0.50 8.70  ? 83  ARG A N   1 
ATOM   595  C CA  A ARG A 1 103 ? -5.394  4.427   4.689   0.50 7.93  ? 83  ARG A CA  1 
ATOM   596  C CA  B ARG A 1 103 ? -5.409  4.425   4.708   0.50 8.52  ? 83  ARG A CA  1 
ATOM   597  C C   A ARG A 1 103 ? -4.799  5.768   4.314   0.50 7.64  ? 83  ARG A C   1 
ATOM   598  C C   B ARG A 1 103 ? -4.914  5.817   4.334   0.50 7.91  ? 83  ARG A C   1 
ATOM   599  O O   A ARG A 1 103 ? -4.312  6.486   5.180   0.50 7.87  ? 83  ARG A O   1 
ATOM   600  O O   B ARG A 1 103 ? -4.653  6.629   5.218   0.50 7.82  ? 83  ARG A O   1 
ATOM   601  C CB  A ARG A 1 103 ? -6.805  4.678   5.237   0.50 8.48  ? 83  ARG A CB  1 
ATOM   602  C CB  B ARG A 1 103 ? -6.822  4.547   5.297   0.50 9.69  ? 83  ARG A CB  1 
ATOM   603  C CG  A ARG A 1 103 ? -7.481  3.504   5.906   0.50 8.90  ? 83  ARG A CG  1 
ATOM   604  C CG  B ARG A 1 103 ? -7.757  3.394   4.990   0.50 11.08 ? 83  ARG A CG  1 
ATOM   605  C CD  A ARG A 1 103 ? -8.948  3.820   6.190   0.50 9.43  ? 83  ARG A CD  1 
ATOM   606  C CD  B ARG A 1 103 ? -9.192  3.759   5.337   0.50 11.92 ? 83  ARG A CD  1 
ATOM   607  N NE  A ARG A 1 103 ? -9.633  2.685   6.797   0.50 9.65  ? 83  ARG A NE  1 
ATOM   608  N NE  B ARG A 1 103 ? -9.839  4.572   4.307   0.50 13.13 ? 83  ARG A NE  1 
ATOM   609  C CZ  A ARG A 1 103 ? -10.919 2.415   6.645   0.50 9.33  ? 83  ARG A CZ  1 
ATOM   610  C CZ  B ARG A 1 103 ? -11.141 4.529   4.062   0.50 13.02 ? 83  ARG A CZ  1 
ATOM   611  N NH1 A ARG A 1 103 ? -11.437 1.341   7.215   0.50 10.24 ? 83  ARG A NH1 1 
ATOM   612  N NH1 B ARG A 1 103 ? -11.910 3.698   4.753   0.50 14.28 ? 83  ARG A NH1 1 
ATOM   613  N NH2 A ARG A 1 103 ? -11.678 3.205   5.909   0.50 9.04  ? 83  ARG A NH2 1 
ATOM   614  N NH2 B ARG A 1 103 ? -11.666 5.265   3.111   0.50 12.42 ? 83  ARG A NH2 1 
ATOM   615  N N   . VAL A 1 104 ? -4.898  6.129   3.039   1.00 8.57  ? 84  VAL A N   1 
ATOM   616  C CA  . VAL A 1 104 ? -4.493  7.463   2.556   1.00 8.10  ? 84  VAL A CA  1 
ATOM   617  C C   . VAL A 1 104 ? -5.523  8.000   1.555   1.00 8.82  ? 84  VAL A C   1 
ATOM   618  O O   . VAL A 1 104 ? -6.308  7.226   0.970   1.00 7.55  ? 84  VAL A O   1 
ATOM   619  C CB  . VAL A 1 104 ? -3.062  7.477   1.936   1.00 8.32  ? 84  VAL A CB  1 
ATOM   620  C CG1 . VAL A 1 104 ? -2.075  6.832   2.893   1.00 8.36  ? 84  VAL A CG1 1 
ATOM   621  C CG2 . VAL A 1 104 ? -2.999  6.808   0.567   1.00 7.33  ? 84  VAL A CG2 1 
ATOM   622  N N   . THR A 1 105 ? -5.540  9.318   1.366   1.00 9.20  ? 85  THR A N   1 
ATOM   623  C CA  . THR A 1 105 ? -6.325  9.897   0.304   1.00 10.27 ? 85  THR A CA  1 
ATOM   624  C C   . THR A 1 105 ? -5.497  10.734  -0.674  1.00 9.11  ? 85  THR A C   1 
ATOM   625  O O   . THR A 1 105 ? -4.379  11.159  -0.387  1.00 9.68  ? 85  THR A O   1 
ATOM   626  C CB  . THR A 1 105 ? -7.506  10.742  0.839   1.00 12.26 ? 85  THR A CB  1 
ATOM   627  O OG1 . THR A 1 105 ? -6.993  11.910  1.500   1.00 17.89 ? 85  THR A OG1 1 
ATOM   628  C CG2 . THR A 1 105 ? -8.385  9.942   1.790   1.00 13.79 ? 85  THR A CG2 1 
ATOM   629  N N   . LEU A 1 106 ? -6.022  10.875  -1.885  1.00 8.87  ? 86  LEU A N   1 
ATOM   630  C CA  . LEU A 1 106 ? -5.290  11.529  -2.984  1.00 8.93  ? 86  LEU A CA  1 
ATOM   631  C C   . LEU A 1 106 ? -5.531  13.054  -2.981  1.00 9.03  ? 86  LEU A C   1 
ATOM   632  O O   . LEU A 1 106 ? -6.636  13.527  -3.323  1.00 10.57 ? 86  LEU A O   1 
ATOM   633  C CB  . LEU A 1 106 ? -5.780  10.937  -4.321  1.00 8.31  ? 86  LEU A CB  1 
ATOM   634  C CG  . LEU A 1 106 ? -5.066  11.432  -5.579  1.00 8.40  ? 86  LEU A CG  1 
ATOM   635  C CD1 . LEU A 1 106 ? -3.570  11.185  -5.439  1.00 7.66  ? 86  LEU A CD1 1 
ATOM   636  C CD2 . LEU A 1 106 ? -5.583  10.704  -6.827  1.00 8.91  ? 86  LEU A CD2 1 
ATOM   637  N N   . ARG A 1 107 ? -4.520  13.814  -2.574  1.00 8.93  ? 87  ARG A N   1 
ATOM   638  C CA  . ARG A 1 107 ? -4.638  15.257  -2.468  1.00 10.54 ? 87  ARG A CA  1 
ATOM   639  C C   . ARG A 1 107 ? -4.207  15.954  -3.759  1.00 10.06 ? 87  ARG A C   1 
ATOM   640  O O   . ARG A 1 107 ? -4.831  16.921  -4.198  1.00 10.03 ? 87  ARG A O   1 
ATOM   641  C CB  . ARG A 1 107 ? -3.799  15.780  -1.289  1.00 12.27 ? 87  ARG A CB  1 
ATOM   642  C CG  . ARG A 1 107 ? -3.850  17.291  -1.119  1.00 16.64 ? 87  ARG A CG  1 
ATOM   643  C CD  . ARG A 1 107 ? -5.280  17.816  -0.987  1.00 21.10 ? 87  ARG A CD  1 
ATOM   644  N NE  . ARG A 1 107 ? -6.071  17.021  -0.046  1.00 21.29 ? 87  ARG A NE  1 
ATOM   645  C CZ  . ARG A 1 107 ? -5.870  17.017  1.266   1.00 25.83 ? 87  ARG A CZ  1 
ATOM   646  N NH1 . ARG A 1 107 ? -4.992  17.854  1.815   1.00 26.12 ? 87  ARG A NH1 1 
ATOM   647  N NH2 . ARG A 1 107 ? -6.553  16.185  2.031   1.00 26.84 ? 87  ARG A NH2 1 
ATOM   648  N N   . SER A 1 108 ? -3.210  15.416  -4.431  1.00 9.83  ? 88  SER A N   1 
ATOM   649  C CA  . SER A 1 108 ? -2.750  16.032  -5.666  1.00 11.03 ? 88  SER A CA  1 
ATOM   650  C C   . SER A 1 108 ? -2.008  15.000  -6.514  1.00 10.12 ? 88  SER A C   1 
ATOM   651  O O   . SER A 1 108 ? -1.380  14.107  -5.983  1.00 9.71  ? 88  SER A O   1 
ATOM   652  C CB  . SER A 1 108 ? -1.774  17.159  -5.291  1.00 12.41 ? 88  SER A CB  1 
ATOM   653  O OG  . SER A 1 108 ? -1.528  17.955  -6.420  1.00 20.04 ? 88  SER A OG  1 
ATOM   654  N N   . GLY A 1 109 ? -1.999  15.177  -7.826  1.00 11.07 ? 89  GLY A N   1 
ATOM   655  C CA  . GLY A 1 109 ? -1.322  14.237  -8.735  1.00 10.23 ? 89  GLY A CA  1 
ATOM   656  C C   . GLY A 1 109 ? -2.194  13.084  -9.173  1.00 9.60  ? 89  GLY A C   1 
ATOM   657  O O   . GLY A 1 109 ? -3.187  12.747  -8.506  1.00 10.01 ? 89  GLY A O   1 
ATOM   658  N N   A SER A 1 110 ? -1.748  12.422  -10.238 0.50 9.90  ? 90  SER A N   1 
ATOM   659  N N   B SER A 1 110 ? -1.883  12.516  -10.337 0.50 9.82  ? 90  SER A N   1 
ATOM   660  C CA  A SER A 1 110 ? -2.374  11.216  -10.746 0.50 10.07 ? 90  SER A CA  1 
ATOM   661  C CA  B SER A 1 110 ? -2.414  11.214  -10.726 0.50 10.10 ? 90  SER A CA  1 
ATOM   662  C C   A SER A 1 110 ? -1.362  10.081  -10.779 0.50 10.44 ? 90  SER A C   1 
ATOM   663  C C   B SER A 1 110 ? -1.318  10.161  -10.628 0.50 10.48 ? 90  SER A C   1 
ATOM   664  O O   A SER A 1 110 ? -0.335  10.160  -11.471 0.50 10.97 ? 90  SER A O   1 
ATOM   665  O O   B SER A 1 110 ? -0.179  10.386  -11.074 0.50 11.54 ? 90  SER A O   1 
ATOM   666  C CB  A SER A 1 110 ? -2.917  11.470  -12.152 0.50 10.14 ? 90  SER A CB  1 
ATOM   667  C CB  B SER A 1 110 ? -2.986  11.255  -12.152 0.50 10.11 ? 90  SER A CB  1 
ATOM   668  O OG  A SER A 1 110 ? -3.851  10.476  -12.513 0.50 9.54  ? 90  SER A OG  1 
ATOM   669  O OG  B SER A 1 110 ? -3.699  12.458  -12.406 0.50 9.57  ? 90  SER A OG  1 
ATOM   670  N N   . PRO A 1 111 ? -1.654  8.997   -10.058 1.00 11.12 ? 91  PRO A N   1 
ATOM   671  C CA  . PRO A 1 111 ? -0.660  7.932   -9.905  1.00 12.06 ? 91  PRO A CA  1 
ATOM   672  C C   . PRO A 1 111 ? -0.161  7.342   -11.231 1.00 14.07 ? 91  PRO A C   1 
ATOM   673  O O   . PRO A 1 111 ? -0.951  6.993   -12.097 1.00 10.82 ? 91  PRO A O   1 
ATOM   674  C CB  . PRO A 1 111 ? -1.385  6.854   -9.099  1.00 12.57 ? 91  PRO A CB  1 
ATOM   675  C CG  . PRO A 1 111 ? -2.792  7.292   -8.953  1.00 13.78 ? 91  PRO A CG  1 
ATOM   676  C CD  . PRO A 1 111 ? -2.974  8.651   -9.519  1.00 11.75 ? 91  PRO A CD  1 
ATOM   677  N N   . HIS A 1 112 ? 1.154   7.256   -11.369 1.00 14.64 ? 92  HIS A N   1 
ATOM   678  C CA  . HIS A 1 112 ? 1.775   6.596   -12.494 1.00 15.86 ? 92  HIS A CA  1 
ATOM   679  C C   . HIS A 1 112 ? 2.863   5.668   -11.916 1.00 17.26 ? 92  HIS A C   1 
ATOM   680  O O   . HIS A 1 112 ? 3.654   6.089   -11.068 1.00 15.19 ? 92  HIS A O   1 
ATOM   681  C CB  . HIS A 1 112 ? 2.412   7.648   -13.419 1.00 17.92 ? 92  HIS A CB  1 
ATOM   682  C CG  . HIS A 1 112 ? 1.424   8.591   -14.049 1.00 21.24 ? 92  HIS A CG  1 
ATOM   683  N ND1 . HIS A 1 112 ? 0.395   8.162   -14.867 1.00 24.87 ? 92  HIS A ND1 1 
ATOM   684  C CD2 . HIS A 1 112 ? 1.310   9.941   -13.989 1.00 20.85 ? 92  HIS A CD2 1 
ATOM   685  C CE1 . HIS A 1 112 ? -0.312  9.204   -15.276 1.00 21.49 ? 92  HIS A CE1 1 
ATOM   686  N NE2 . HIS A 1 112 ? 0.193   10.290  -14.718 1.00 20.21 ? 92  HIS A NE2 1 
ATOM   687  N N   . PRO A 1 113 ? 2.937   4.419   -12.393 1.00 17.02 ? 93  PRO A N   1 
ATOM   688  C CA  . PRO A 1 113 ? 3.961   3.532   -11.828 1.00 17.01 ? 93  PRO A CA  1 
ATOM   689  C C   . PRO A 1 113 ? 5.391   3.951   -12.165 1.00 19.67 ? 93  PRO A C   1 
ATOM   690  O O   . PRO A 1 113 ? 5.686   4.291   -13.274 1.00 24.03 ? 93  PRO A O   1 
ATOM   691  C CB  . PRO A 1 113 ? 3.641   2.191   -12.468 1.00 18.20 ? 93  PRO A CB  1 
ATOM   692  C CG  . PRO A 1 113 ? 3.055   2.537   -13.792 1.00 16.19 ? 93  PRO A CG  1 
ATOM   693  C CD  . PRO A 1 113 ? 2.315   3.850   -13.603 1.00 16.62 ? 93  PRO A CD  1 
ATOM   694  N N   . HIS A 1 114 ? 6.260   4.005   -11.185 1.00 26.89 ? 94  HIS A N   1 
ATOM   695  C CA  . HIS A 1 114 ? 7.625   4.370   -11.473 1.00 28.41 ? 94  HIS A CA  1 
ATOM   696  C C   . HIS A 1 114 ? 8.458   3.113   -11.376 1.00 27.36 ? 94  HIS A C   1 
ATOM   697  O O   . HIS A 1 114 ? 9.012   2.689   -12.362 1.00 31.37 ? 94  HIS A O   1 
ATOM   698  C CB  . HIS A 1 114 ? 8.101   5.474   -10.534 1.00 32.32 ? 94  HIS A CB  1 
ATOM   699  C CG  . HIS A 1 114 ? 7.431   6.790   -10.786 1.00 41.80 ? 94  HIS A CG  1 
ATOM   700  N ND1 . HIS A 1 114 ? 6.077   6.978   -10.609 1.00 47.71 ? 94  HIS A ND1 1 
ATOM   701  C CD2 . HIS A 1 114 ? 7.894   7.936   -11.339 1.00 43.22 ? 94  HIS A CD2 1 
ATOM   702  C CE1 . HIS A 1 114 ? 5.747   8.203   -10.975 1.00 35.66 ? 94  HIS A CE1 1 
ATOM   703  N NE2 . HIS A 1 114 ? 6.834   8.810   -11.408 1.00 45.14 ? 94  HIS A NE2 1 
ATOM   704  N N   . ASP A 1 115 ? 8.357   2.401   -10.261 1.00 26.81 ? 95  ASP A N   1 
ATOM   705  C CA  . ASP A 1 115 ? 9.080   1.144   -10.087 1.00 27.31 ? 95  ASP A CA  1 
ATOM   706  C C   . ASP A 1 115 ? 8.241   -0.043  -10.482 1.00 22.89 ? 95  ASP A C   1 
ATOM   707  O O   . ASP A 1 115 ? 8.761   -1.114  -10.814 1.00 23.30 ? 95  ASP A O   1 
ATOM   708  C CB  . ASP A 1 115 ? 9.471   0.986   -8.633  1.00 35.14 ? 95  ASP A CB  1 
ATOM   709  C CG  . ASP A 1 115 ? 10.210  2.177   -8.122  1.00 48.75 ? 95  ASP A CG  1 
ATOM   710  O OD1 . ASP A 1 115 ? 11.409  2.271   -8.478  1.00 47.10 ? 95  ASP A OD1 1 
ATOM   711  O OD2 . ASP A 1 115 ? 9.552   3.083   -7.538  1.00 43.39 ? 95  ASP A OD2 1 
ATOM   712  N N   . HIS A 1 116 ? 6.935   0.109   -10.357 1.00 18.62 ? 96  HIS A N   1 
ATOM   713  C CA  . HIS A 1 116 ? 6.060   -1.031  -10.490 1.00 14.94 ? 96  HIS A CA  1 
ATOM   714  C C   . HIS A 1 116 ? 5.814   -1.338  -11.955 1.00 14.59 ? 96  HIS A C   1 
ATOM   715  O O   . HIS A 1 116 ? 5.885   -0.445  -12.794 1.00 12.24 ? 96  HIS A O   1 
ATOM   716  C CB  . HIS A 1 116 ? 4.729   -0.775  -9.759  1.00 15.11 ? 96  HIS A CB  1 
ATOM   717  C CG  . HIS A 1 116 ? 4.856   -0.786  -8.272  1.00 13.86 ? 96  HIS A CG  1 
ATOM   718  N ND1 . HIS A 1 116 ? 5.132   0.345   -7.536  1.00 14.02 ? 96  HIS A ND1 1 
ATOM   719  C CD2 . HIS A 1 116 ? 4.737   -1.796  -7.379  1.00 14.67 ? 96  HIS A CD2 1 
ATOM   720  C CE1 . HIS A 1 116 ? 5.198   0.025   -6.257  1.00 14.63 ? 96  HIS A CE1 1 
ATOM   721  N NE2 . HIS A 1 116 ? 4.950   -1.266  -6.135  1.00 13.15 ? 96  HIS A NE2 1 
ATOM   722  N N   . ARG A 1 117 ? 5.489   -2.606  -12.213 1.00 12.37 ? 97  ARG A N   1 
ATOM   723  C CA  . ARG A 1 117 ? 5.032   -3.111  -13.502 1.00 13.91 ? 97  ARG A CA  1 
ATOM   724  C C   . ARG A 1 117 ? 3.707   -2.497  -13.993 1.00 14.61 ? 97  ARG A C   1 
ATOM   725  O O   . ARG A 1 117 ? 3.546   -2.246  -15.187 1.00 12.08 ? 97  ARG A O   1 
ATOM   726  C CB  . ARG A 1 117 ? 4.885   -4.634  -13.379 1.00 14.61 ? 97  ARG A CB  1 
ATOM   727  C CG  . ARG A 1 117 ? 4.592   -5.350  -14.681 1.00 14.46 ? 97  ARG A CG  1 
ATOM   728  C CD  . ARG A 1 117 ? 4.786   -6.850  -14.513 1.00 14.59 ? 97  ARG A CD  1 
ATOM   729  N NE  . ARG A 1 117 ? 6.190   -7.173  -14.272 1.00 13.40 ? 97  ARG A NE  1 
ATOM   730  C CZ  . ARG A 1 117 ? 6.648   -8.415  -14.134 1.00 11.88 ? 97  ARG A CZ  1 
ATOM   731  N NH1 . ARG A 1 117 ? 5.811   -9.420  -14.109 1.00 11.22 ? 97  ARG A NH1 1 
ATOM   732  N NH2 . ARG A 1 117 ? 7.924   -8.633  -13.897 1.00 14.15 ? 97  ARG A NH2 1 
ATOM   733  N N   . ALA A 1 118 ? 2.812   -2.154  -13.065 1.00 12.28 ? 98  ALA A N   1 
ATOM   734  C CA  . ALA A 1 118 ? 1.454   -1.686  -13.411 1.00 10.72 ? 98  ALA A CA  1 
ATOM   735  C C   . ALA A 1 118 ? 0.767   -1.195  -12.153 1.00 10.68 ? 98  ALA A C   1 
ATOM   736  O O   . ALA A 1 118 ? 1.175   -1.574  -11.046 1.00 9.41  ? 98  ALA A O   1 
ATOM   737  C CB  . ALA A 1 118 ? 0.639   -2.814  -14.017 1.00 10.29 ? 98  ALA A CB  1 
ATOM   738  N N   . LEU A 1 119 ? -0.289  -0.403  -12.350 1.00 10.53 ? 99  LEU A N   1 
ATOM   739  C CA  . LEU A 1 119 ? -1.197  0.017   -11.299 1.00 11.88 ? 99  LEU A CA  1 
ATOM   740  C C   . LEU A 1 119 ? -2.602  -0.350  -11.721 1.00 11.44 ? 99  LEU A C   1 
ATOM   741  O O   . LEU A 1 119 ? -2.895  -0.393  -12.899 1.00 11.42 ? 99  LEU A O   1 
ATOM   742  C CB  . LEU A 1 119 ? -1.136  1.536   -11.075 1.00 12.91 ? 99  LEU A CB  1 
ATOM   743  C CG  . LEU A 1 119 ? 0.203   2.199   -10.765 1.00 13.18 ? 99  LEU A CG  1 
ATOM   744  C CD1 . LEU A 1 119 ? -0.001  3.701   -10.615 1.00 14.23 ? 99  LEU A CD1 1 
ATOM   745  C CD2 . LEU A 1 119 ? 0.863   1.615   -9.510  1.00 13.56 ? 99  LEU A CD2 1 
ATOM   746  N N   . ARG A 1 120 ? -3.483  -0.585  -10.757 1.00 11.61 ? 100 ARG A N   1 
ATOM   747  C CA  . ARG A 1 120 ? -4.876  -0.870  -11.045 1.00 11.60 ? 100 ARG A CA  1 
ATOM   748  C C   . ARG A 1 120 ? -5.693  -0.252  -9.940  1.00 10.74 ? 100 ARG A C   1 
ATOM   749  O O   . ARG A 1 120 ? -5.227  -0.196  -8.819  1.00 9.65  ? 100 ARG A O   1 
ATOM   750  C CB  . ARG A 1 120 ? -5.123  -2.380  -11.080 1.00 14.52 ? 100 ARG A CB  1 
ATOM   751  C CG  . ARG A 1 120 ? -6.480  -2.778  -11.633 1.00 18.28 ? 100 ARG A CG  1 
ATOM   752  C CD  . ARG A 1 120 ? -6.633  -4.293  -11.714 1.00 19.68 ? 100 ARG A CD  1 
ATOM   753  N NE  . ARG A 1 120 ? -5.618  -4.850  -12.607 1.00 27.03 ? 100 ARG A NE  1 
ATOM   754  C CZ  . ARG A 1 120 ? -5.400  -6.159  -12.782 1.00 35.10 ? 100 ARG A CZ  1 
ATOM   755  N NH1 . ARG A 1 120 ? -6.079  -7.067  -12.074 1.00 29.67 ? 100 ARG A NH1 1 
ATOM   756  N NH2 . ARG A 1 120 ? -4.493  -6.571  -13.663 1.00 30.07 ? 100 ARG A NH2 1 
ATOM   757  N N   . TRP A 1 121 ? -6.908  0.196   -10.251 1.00 9.34  ? 101 TRP A N   1 
ATOM   758  C CA  . TRP A 1 121 ? -7.904  0.542   -9.224  1.00 9.22  ? 101 TRP A CA  1 
ATOM   759  C C   . TRP A 1 121 ? -8.910  -0.592  -9.164  1.00 9.39  ? 101 TRP A C   1 
ATOM   760  O O   . TRP A 1 121 ? -9.421  -1.039  -10.199 1.00 9.09  ? 101 TRP A O   1 
ATOM   761  C CB  . TRP A 1 121 ? -8.640  1.848   -9.561  1.00 9.47  ? 101 TRP A CB  1 
ATOM   762  C CG  . TRP A 1 121 ? -7.809  3.068   -9.445  1.00 9.57  ? 101 TRP A CG  1 
ATOM   763  C CD1 . TRP A 1 121 ? -7.147  3.702   -10.460 1.00 10.00 ? 101 TRP A CD1 1 
ATOM   764  C CD2 . TRP A 1 121 ? -7.628  3.892   -8.280  1.00 9.20  ? 101 TRP A CD2 1 
ATOM   765  N NE1 . TRP A 1 121 ? -6.482  4.800   -9.979  1.00 11.09 ? 101 TRP A NE1 1 
ATOM   766  C CE2 . TRP A 1 121 ? -6.780  4.955   -8.653  1.00 9.40  ? 101 TRP A CE2 1 
ATOM   767  C CE3 . TRP A 1 121 ? -8.103  3.842   -6.968  1.00 9.20  ? 101 TRP A CE3 1 
ATOM   768  C CZ2 . TRP A 1 121 ? -6.398  5.942   -7.761  1.00 9.79  ? 101 TRP A CZ2 1 
ATOM   769  C CZ3 . TRP A 1 121 ? -7.698  4.803   -6.082  1.00 8.95  ? 101 TRP A CZ3 1 
ATOM   770  C CH2 . TRP A 1 121 ? -6.844  5.831   -6.472  1.00 10.13 ? 101 TRP A CH2 1 
ATOM   771  N N   . VAL A 1 122 ? -9.117  -1.129  -7.973  1.00 9.05  ? 102 VAL A N   1 
ATOM   772  C CA  . VAL A 1 122 ? -10.050 -2.248  -7.760  1.00 9.40  ? 102 VAL A CA  1 
ATOM   773  C C   . VAL A 1 122 ? -11.165 -1.905  -6.767  1.00 9.69  ? 102 VAL A C   1 
ATOM   774  O O   . VAL A 1 122 ? -10.968 -1.111  -5.857  1.00 9.02  ? 102 VAL A O   1 
ATOM   775  C CB  . VAL A 1 122 ? -9.314  -3.529  -7.312  1.00 9.80  ? 102 VAL A CB  1 
ATOM   776  C CG1 . VAL A 1 122 ? -8.458  -4.028  -8.458  1.00 11.49 ? 102 VAL A CG1 1 
ATOM   777  C CG2 . VAL A 1 122 ? -8.472  -3.282  -6.073  1.00 9.71  ? 102 VAL A CG2 1 
ATOM   778  N N   . GLY A 1 123 ? -12.343 -2.501  -6.970  1.00 10.82 ? 103 GLY A N   1 
ATOM   779  C CA  . GLY A 1 123 ? -13.429 -2.423  -6.009  1.00 11.04 ? 103 GLY A CA  1 
ATOM   780  C C   . GLY A 1 123 ? -13.517 -3.574  -5.027  1.00 10.79 ? 103 GLY A C   1 
ATOM   781  O O   . GLY A 1 123 ? -12.692 -4.471  -5.036  1.00 9.78  ? 103 GLY A O   1 
ATOM   782  N N   . ALA A 1 124 ? -14.509 -3.522  -4.141  1.00 11.61 ? 104 ALA A N   1 
ATOM   783  C CA  . ALA A 1 124 ? -14.589 -4.490  -3.058  1.00 11.65 ? 104 ALA A CA  1 
ATOM   784  C C   . ALA A 1 124 ? -14.527 -5.949  -3.552  1.00 13.35 ? 104 ALA A C   1 
ATOM   785  O O   . ALA A 1 124 ? -13.795 -6.769  -2.983  1.00 13.49 ? 104 ALA A O   1 
ATOM   786  C CB  . ALA A 1 124 ? -15.822 -4.263  -2.191  1.00 12.49 ? 104 ALA A CB  1 
ATOM   787  N N   . ASP A 1 125 ? -15.270 -6.283  -4.604  1.00 13.22 ? 105 ASP A N   1 
ATOM   788  C CA  . ASP A 1 125 ? -15.375 -7.695  -4.989  1.00 14.85 ? 105 ASP A CA  1 
ATOM   789  C C   . ASP A 1 125 ? -14.226 -8.134  -5.886  1.00 12.42 ? 105 ASP A C   1 
ATOM   790  O O   . ASP A 1 125 ? -14.163 -9.289  -6.304  1.00 14.66 ? 105 ASP A O   1 
ATOM   791  C CB  . ASP A 1 125 ? -16.755 -8.002  -5.594  1.00 18.76 ? 105 ASP A CB  1 
ATOM   792  C CG  . ASP A 1 125 ? -16.963 -7.380  -6.958  1.00 18.03 ? 105 ASP A CG  1 
ATOM   793  O OD1 . ASP A 1 125 ? -16.014 -6.740  -7.486  1.00 19.99 ? 105 ASP A OD1 1 
ATOM   794  O OD2 . ASP A 1 125 ? -18.106 -7.506  -7.484  1.00 23.12 ? 105 ASP A OD2 1 
ATOM   795  N N   . GLU A 1 126 ? -13.220 -7.271  -6.036  1.00 11.68 ? 106 GLU A N   1 
ATOM   796  C CA  . GLU A 1 126 ? -12.054 -7.588  -6.870  1.00 12.67 ? 106 GLU A CA  1 
ATOM   797  C C   . GLU A 1 126 ? -10.799 -7.877  -6.042  1.00 11.93 ? 106 GLU A C   1 
ATOM   798  O O   . GLU A 1 126 ? -9.782  -8.397  -6.549  1.00 10.36 ? 106 GLU A O   1 
ATOM   799  C CB  . GLU A 1 126 ? -11.819 -6.453  -7.856  1.00 15.04 ? 106 GLU A CB  1 
ATOM   800  C CG  . GLU A 1 126 ? -12.922 -6.389  -8.911  1.00 14.59 ? 106 GLU A CG  1 
ATOM   801  C CD  . GLU A 1 126 ? -12.788 -5.229  -9.881  1.00 17.68 ? 106 GLU A CD  1 
ATOM   802  O OE1 . GLU A 1 126 ? -13.137 -5.478  -11.055 1.00 21.01 ? 106 GLU A OE1 1 
ATOM   803  O OE2 . GLU A 1 126 ? -12.547 -4.061  -9.470  1.00 12.22 ? 106 GLU A OE2 1 
ATOM   804  N N   . ILE A 1 127 ? -10.901 -7.617  -4.741  1.00 11.43 ? 107 ILE A N   1 
ATOM   805  C CA  . ILE A 1 127 ? -9.727  -7.630  -3.873  1.00 10.51 ? 107 ILE A CA  1 
ATOM   806  C C   . ILE A 1 127 ? -9.293  -9.061  -3.597  1.00 11.21 ? 107 ILE A C   1 
ATOM   807  O O   . ILE A 1 127 ? -8.101  -9.377  -3.589  1.00 12.28 ? 107 ILE A O   1 
ATOM   808  C CB  . ILE A 1 127 ? -9.984  -6.835  -2.551  1.00 10.66 ? 107 ILE A CB  1 
ATOM   809  C CG1 . ILE A 1 127 ? -9.902  -5.320  -2.812  1.00 9.53  ? 107 ILE A CG1 1 
ATOM   810  C CG2 . ILE A 1 127 ? -8.977  -7.232  -1.468  1.00 10.64 ? 107 ILE A CG2 1 
ATOM   811  C CD1 . ILE A 1 127 ? -10.374 -4.452  -1.659  1.00 10.38 ? 107 ILE A CD1 1 
ATOM   812  N N   . ASP A 1 128 ? -10.260 -9.922  -3.326  1.00 12.45 ? 108 ASP A N   1 
ATOM   813  C CA  . ASP A 1 128 ? -9.967  -11.291 -2.939  1.00 16.38 ? 108 ASP A CA  1 
ATOM   814  C C   . ASP A 1 128 ? -9.293  -12.097 -4.055  1.00 17.61 ? 108 ASP A C   1 
ATOM   815  O O   . ASP A 1 128 ? -8.391  -12.889 -3.777  1.00 17.30 ? 108 ASP A O   1 
ATOM   816  C CB  . ASP A 1 128 ? -11.233 -11.985 -2.452  1.00 20.35 ? 108 ASP A CB  1 
ATOM   817  C CG  . ASP A 1 128 ? -10.963 -13.355 -1.857  1.00 26.63 ? 108 ASP A CG  1 
ATOM   818  O OD1 . ASP A 1 128 ? -10.618 -13.454 -0.655  1.00 29.52 ? 108 ASP A OD1 1 
ATOM   819  O OD2 . ASP A 1 128 ? -11.170 -14.343 -2.578  1.00 28.95 ? 108 ASP A OD2 1 
ATOM   820  N N   . GLY A 1 129 ? -9.623  -11.812 -5.309  1.00 18.40 ? 109 GLY A N   1 
ATOM   821  C CA  . GLY A 1 129 ? -9.080  -12.580 -6.427  1.00 18.76 ? 109 GLY A CA  1 
ATOM   822  C C   . GLY A 1 129 ? -7.739  -12.095 -6.972  1.00 20.86 ? 109 GLY A C   1 
ATOM   823  O O   . GLY A 1 129 ? -7.143  -12.735 -7.853  1.00 20.66 ? 109 GLY A O   1 
ATOM   824  N N   . LEU A 1 130 ? -7.248  -10.972 -6.458  1.00 15.08 ? 110 LEU A N   1 
ATOM   825  C CA  . LEU A 1 130 ? -5.916  -10.495 -6.811  1.00 17.88 ? 110 LEU A CA  1 
ATOM   826  C C   . LEU A 1 130 ? -4.855  -11.440 -6.269  1.00 15.38 ? 110 LEU A C   1 
ATOM   827  O O   . LEU A 1 130 ? -5.010  -11.975 -5.189  1.00 14.29 ? 110 LEU A O   1 
ATOM   828  C CB  . LEU A 1 130 ? -5.699  -9.124  -6.177  1.00 20.31 ? 110 LEU A CB  1 
ATOM   829  C CG  . LEU A 1 130 ? -5.114  -8.008  -7.010  1.00 23.60 ? 110 LEU A CG  1 
ATOM   830  C CD1 . LEU A 1 130 ? -5.728  -7.874  -8.397  1.00 21.10 ? 110 LEU A CD1 1 
ATOM   831  C CD2 . LEU A 1 130 ? -5.247  -6.726  -6.189  1.00 24.09 ? 110 LEU A CD2 1 
ATOM   832  N N   . ALA A 1 131 ? -3.742  -11.553 -6.983  1.00 15.07 ? 111 ALA A N   1 
ATOM   833  C CA  . ALA A 1 131 ? -2.570  -12.266 -6.478  1.00 14.83 ? 111 ALA A CA  1 
ATOM   834  C C   . ALA A 1 131 ? -1.663  -11.335 -5.687  1.00 12.33 ? 111 ALA A C   1 
ATOM   835  O O   . ALA A 1 131 ? -0.832  -10.619 -6.255  1.00 10.26 ? 111 ALA A O   1 
ATOM   836  C CB  . ALA A 1 131 ? -1.801  -12.918 -7.627  1.00 15.67 ? 111 ALA A CB  1 
ATOM   837  N N   . TRP A 1 132 ? -1.832  -11.355 -4.367  1.00 11.53 ? 112 TRP A N   1 
ATOM   838  C CA  . TRP A 1 132 ? -1.146  -10.410 -3.478  1.00 10.88 ? 112 TRP A CA  1 
ATOM   839  C C   . TRP A 1 132 ? 0.222   -10.949 -3.150  1.00 11.60 ? 112 TRP A C   1 
ATOM   840  O O   . TRP A 1 132 ? 0.416   -12.163 -3.064  1.00 11.01 ? 112 TRP A O   1 
ATOM   841  C CB  . TRP A 1 132 ? -1.928  -10.227 -2.178  1.00 9.66  ? 112 TRP A CB  1 
ATOM   842  C CG  . TRP A 1 132 ? -3.191  -9.423  -2.321  1.00 9.22  ? 112 TRP A CG  1 
ATOM   843  C CD1 . TRP A 1 132 ? -4.443  -9.901  -2.551  1.00 9.31  ? 112 TRP A CD1 1 
ATOM   844  C CD2 . TRP A 1 132 ? -3.305  -8.006  -2.245  1.00 8.88  ? 112 TRP A CD2 1 
ATOM   845  N NE1 . TRP A 1 132 ? -5.354  -8.863  -2.604  1.00 9.66  ? 112 TRP A NE1 1 
ATOM   846  C CE2 . TRP A 1 132 ? -4.674  -7.682  -2.447  1.00 9.24  ? 112 TRP A CE2 1 
ATOM   847  C CE3 . TRP A 1 132 ? -2.385  -6.965  -2.038  1.00 9.17  ? 112 TRP A CE3 1 
ATOM   848  C CZ2 . TRP A 1 132 ? -5.140  -6.370  -2.408  1.00 8.64  ? 112 TRP A CZ2 1 
ATOM   849  C CZ3 . TRP A 1 132 ? -2.864  -5.669  -1.937  1.00 9.43  ? 112 TRP A CZ3 1 
ATOM   850  C CH2 . TRP A 1 132 ? -4.234  -5.379  -2.150  1.00 9.04  ? 112 TRP A CH2 1 
ATOM   851  N N   . VAL A 1 133 ? 1.179   -10.066 -2.950  1.00 13.78 ? 113 VAL A N   1 
ATOM   852  C CA  . VAL A 1 133 ? 2.403   -10.439 -2.242  1.00 12.57 ? 113 VAL A CA  1 
ATOM   853  C C   . VAL A 1 133 ? 2.026   -11.047 -0.884  1.00 14.32 ? 113 VAL A C   1 
ATOM   854  O O   . VAL A 1 133 ? 1.088   -10.576 -0.234  1.00 11.06 ? 113 VAL A O   1 
ATOM   855  C CB  . VAL A 1 133 ? 3.344   -9.233  -2.048  1.00 13.61 ? 113 VAL A CB  1 
ATOM   856  C CG1 . VAL A 1 133 ? 3.820   -8.669  -3.387  1.00 12.09 ? 113 VAL A CG1 1 
ATOM   857  C CG2 . VAL A 1 133 ? 2.665   -8.145  -1.251  1.00 13.55 ? 113 VAL A CG2 1 
ATOM   858  N N   . PRO A 1 134 ? 2.830   -12.022 -0.396  1.00 16.34 ? 114 PRO A N   1 
ATOM   859  C CA  . PRO A 1 134 ? 2.422   -12.803 0.788   1.00 16.99 ? 114 PRO A CA  1 
ATOM   860  C C   . PRO A 1 134 ? 2.200   -11.972 2.029   1.00 14.12 ? 114 PRO A C   1 
ATOM   861  O O   . PRO A 1 134 ? 1.216   -12.189 2.739   1.00 16.54 ? 114 PRO A O   1 
ATOM   862  C CB  . PRO A 1 134 ? 3.614   -13.755 1.017   1.00 18.84 ? 114 PRO A CB  1 
ATOM   863  C CG  . PRO A 1 134 ? 4.170   -13.978 -0.354  1.00 19.69 ? 114 PRO A CG  1 
ATOM   864  C CD  . PRO A 1 134 ? 3.899   -12.709 -1.156  1.00 18.81 ? 114 PRO A CD  1 
ATOM   865  N N   . ALA A 1 135 ? 3.095   -11.024 2.276   1.00 13.96 ? 115 ALA A N   1 
ATOM   866  C CA  . ALA A 1 135 ? 2.972   -10.142 3.436   1.00 13.82 ? 115 ALA A CA  1 
ATOM   867  C C   . ALA A 1 135 ? 1.626   -9.408  3.462   1.00 13.50 ? 115 ALA A C   1 
ATOM   868  O O   . ALA A 1 135 ? 1.152   -9.037  4.539   1.00 12.85 ? 115 ALA A O   1 
ATOM   869  C CB  . ALA A 1 135 ? 4.101   -9.130  3.450   1.00 15.34 ? 115 ALA A CB  1 
ATOM   870  N N   . ASP A 1 136 ? 1.045   -9.141  2.289   1.00 13.02 ? 116 ASP A N   1 
ATOM   871  C CA  . ASP A 1 136 ? -0.210  -8.339  2.239   1.00 13.19 ? 116 ASP A CA  1 
ATOM   872  C C   . ASP A 1 136 ? -1.480  -9.166  2.388   1.00 12.76 ? 116 ASP A C   1 
ATOM   873  O O   . ASP A 1 136 ? -2.559  -8.610  2.601   1.00 14.85 ? 116 ASP A O   1 
ATOM   874  C CB  . ASP A 1 136 ? -0.317  -7.513  0.956   1.00 12.96 ? 116 ASP A CB  1 
ATOM   875  C CG  . ASP A 1 136 ? 0.676   -6.355  0.901   1.00 12.72 ? 116 ASP A CG  1 
ATOM   876  O OD1 . ASP A 1 136 ? 1.763   -6.445  1.515   1.00 19.84 ? 116 ASP A OD1 1 
ATOM   877  O OD2 . ASP A 1 136 ? 0.416   -5.388  0.155   1.00 14.59 ? 116 ASP A OD2 1 
ATOM   878  N N   . ARG A 1 137 ? -1.381  -10.477 2.257   1.00 14.63 ? 117 ARG A N   1 
ATOM   879  C CA  . ARG A 1 137 ? -2.574  -11.284 2.056   1.00 19.54 ? 117 ARG A CA  1 
ATOM   880  C C   . ARG A 1 137 ? -3.556  -11.191 3.234   1.00 17.33 ? 117 ARG A C   1 
ATOM   881  O O   . ARG A 1 137 ? -4.770  -11.099 3.031   1.00 16.40 ? 117 ARG A O   1 
ATOM   882  C CB  . ARG A 1 137 ? -2.214  -12.748 1.747   1.00 22.91 ? 117 ARG A CB  1 
ATOM   883  C CG  . ARG A 1 137 ? -3.382  -13.707 1.879   1.00 33.82 ? 117 ARG A CG  1 
ATOM   884  C CD  . ARG A 1 137 ? -4.447  -13.509 0.797   1.00 39.92 ? 117 ARG A CD  1 
ATOM   885  N NE  . ARG A 1 137 ? -3.874  -13.652 -0.539  1.00 44.62 ? 117 ARG A NE  1 
ATOM   886  C CZ  . ARG A 1 137 ? -4.562  -13.590 -1.679  1.00 49.50 ? 117 ARG A CZ  1 
ATOM   887  N NH1 . ARG A 1 137 ? -5.896  -13.444 -1.672  1.00 43.25 ? 117 ARG A NH1 1 
ATOM   888  N NH2 . ARG A 1 137 ? -3.899  -13.680 -2.835  1.00 36.20 ? 117 ARG A NH2 1 
ATOM   889  N N   . ALA A 1 138 ? -3.037  -11.116 4.450   1.00 14.40 ? 118 ALA A N   1 
ATOM   890  C CA  . ALA A 1 138 ? -3.893  -11.053 5.604   1.00 14.81 ? 118 ALA A CA  1 
ATOM   891  C C   . ALA A 1 138 ? -4.662  -9.738  5.684   1.00 13.64 ? 118 ALA A C   1 
ATOM   892  O O   . ALA A 1 138 ? -5.517  -9.598  6.541   1.00 13.30 ? 118 ALA A O   1 
ATOM   893  C CB  . ALA A 1 138 ? -3.079  -11.256 6.871   1.00 17.46 ? 118 ALA A CB  1 
ATOM   894  N N   . TRP A 1 139 ? -4.332  -8.748  4.852   1.00 11.81 ? 119 TRP A N   1 
ATOM   895  C CA  . TRP A 1 139 ? -5.064  -7.479  4.903   1.00 10.87 ? 119 TRP A CA  1 
ATOM   896  C C   . TRP A 1 139 ? -6.364  -7.513  4.106   1.00 10.30 ? 119 TRP A C   1 
ATOM   897  O O   . TRP A 1 139 ? -7.131  -6.560  4.136   1.00 10.18 ? 119 TRP A O   1 
ATOM   898  C CB  . TRP A 1 139 ? -4.217  -6.297  4.382   1.00 10.40 ? 119 TRP A CB  1 
ATOM   899  C CG  . TRP A 1 139 ? -3.073  -5.865  5.278   1.00 10.02 ? 119 TRP A CG  1 
ATOM   900  C CD1 . TRP A 1 139 ? -3.018  -5.911  6.659   1.00 10.75 ? 119 TRP A CD1 1 
ATOM   901  C CD2 . TRP A 1 139 ? -1.854  -5.254  4.853   1.00 9.28  ? 119 TRP A CD2 1 
ATOM   902  N NE1 . TRP A 1 139 ? -1.823  -5.396  7.099   1.00 10.59 ? 119 TRP A NE1 1 
ATOM   903  C CE2 . TRP A 1 139 ? -1.094  -4.970  6.019   1.00 10.54 ? 119 TRP A CE2 1 
ATOM   904  C CE3 . TRP A 1 139 ? -1.333  -4.914  3.611   1.00 9.62  ? 119 TRP A CE3 1 
ATOM   905  C CZ2 . TRP A 1 139 ? 0.163   -4.358  5.961   1.00 10.67 ? 119 TRP A CZ2 1 
ATOM   906  C CZ3 . TRP A 1 139 ? -0.070  -4.332  3.550   1.00 11.22 ? 119 TRP A CZ3 1 
ATOM   907  C CH2 . TRP A 1 139 ? 0.651   -4.038  4.724   1.00 10.50 ? 119 TRP A CH2 1 
ATOM   908  N N   . VAL A 1 140 ? -6.554  -8.557  3.316   1.00 11.36 ? 120 VAL A N   1 
ATOM   909  C CA  . VAL A 1 140 ? -7.690  -8.634  2.380   1.00 13.08 ? 120 VAL A CA  1 
ATOM   910  C C   . VAL A 1 140 ? -9.060  -8.383  3.053   1.00 11.78 ? 120 VAL A C   1 
ATOM   911  O O   . VAL A 1 140 ? -9.816  -7.529  2.592   1.00 12.19 ? 120 VAL A O   1 
ATOM   912  C CB  . VAL A 1 140 ? -7.668  -10.001 1.638   1.00 13.10 ? 120 VAL A CB  1 
ATOM   913  C CG1 . VAL A 1 140 ? -9.023  -10.344 1.020   1.00 14.98 ? 120 VAL A CG1 1 
ATOM   914  C CG2 . VAL A 1 140 ? -6.607  -9.995  0.561   1.00 15.14 ? 120 VAL A CG2 1 
ATOM   915  N N   . PRO A 1 141 ? -9.377  -9.086  4.163   1.00 11.99 ? 121 PRO A N   1 
ATOM   916  C CA  . PRO A 1 141 ? -10.650 -8.732  4.799   1.00 10.91 ? 121 PRO A CA  1 
ATOM   917  C C   . PRO A 1 141 ? -10.754 -7.254  5.131   1.00 9.88  ? 121 PRO A C   1 
ATOM   918  O O   . PRO A 1 141 ? -11.804 -6.643  4.930   1.00 10.08 ? 121 PRO A O   1 
ATOM   919  C CB  . PRO A 1 141 ? -10.673 -9.587  6.072   1.00 11.63 ? 121 PRO A CB  1 
ATOM   920  C CG  . PRO A 1 141 ? -9.747  -10.723 5.777   1.00 13.48 ? 121 PRO A CG  1 
ATOM   921  C CD  . PRO A 1 141 ? -8.658  -10.123 4.923   1.00 12.00 ? 121 PRO A CD  1 
ATOM   922  N N   A ASP A 1 142 ? -9.673  -6.718  5.670   0.50 9.57  ? 122 ASP A N   1 
ATOM   923  N N   B ASP A 1 142 ? -9.714  -6.665  5.724   0.50 9.61  ? 122 ASP A N   1 
ATOM   924  C CA  A ASP A 1 142 ? -9.662  -5.371  6.174   0.50 9.25  ? 122 ASP A CA  1 
ATOM   925  C CA  B ASP A 1 142 ? -9.813  -5.265  6.175   0.50 9.40  ? 122 ASP A CA  1 
ATOM   926  C C   A ASP A 1 142 ? -9.871  -4.383  5.012   0.50 8.51  ? 122 ASP A C   1 
ATOM   927  C C   B ASP A 1 142 ? -9.811  -4.286  4.999   0.50 8.53  ? 122 ASP A C   1 
ATOM   928  O O   A ASP A 1 142 ? -10.757 -3.536  5.095   0.50 7.90  ? 122 ASP A O   1 
ATOM   929  O O   B ASP A 1 142 ? -10.273 -3.165  5.126   0.50 8.23  ? 122 ASP A O   1 
ATOM   930  C CB  A ASP A 1 142 ? -8.347  -5.149  6.927   0.50 9.59  ? 122 ASP A CB  1 
ATOM   931  C CB  B ASP A 1 142 ? -8.682  -4.882  7.140   0.50 9.83  ? 122 ASP A CB  1 
ATOM   932  C CG  A ASP A 1 142 ? -7.988  -6.349  7.827   0.50 9.65  ? 122 ASP A CG  1 
ATOM   933  C CG  B ASP A 1 142 ? -8.861  -5.478  8.519   0.50 10.40 ? 122 ASP A CG  1 
ATOM   934  O OD1 A ASP A 1 142 ? -7.550  -7.434  7.323   0.50 8.55  ? 122 ASP A OD1 1 
ATOM   935  O OD1 B ASP A 1 142 ? -9.994  -5.863  8.870   0.50 12.34 ? 122 ASP A OD1 1 
ATOM   936  O OD2 A ASP A 1 142 ? -8.276  -6.233  9.036   0.50 10.09 ? 122 ASP A OD2 1 
ATOM   937  O OD2 B ASP A 1 142 ? -7.863  -5.555  9.261   0.50 11.82 ? 122 ASP A OD2 1 
ATOM   938  N N   . LEU A 1 143 ? -9.272  -4.696  3.863   1.00 7.55  ? 123 LEU A N   1 
ATOM   939  C CA  . LEU A 1 143 ? -9.356  -3.850  2.681   1.00 7.91  ? 123 LEU A CA  1 
ATOM   940  C C   . LEU A 1 143 ? -10.754 -3.892  2.064   1.00 7.71  ? 123 LEU A C   1 
ATOM   941  O O   . LEU A 1 143 ? -11.312 -2.858  1.684   1.00 7.11  ? 123 LEU A O   1 
ATOM   942  C CB  . LEU A 1 143 ? -8.311  -4.297  1.652   1.00 8.07  ? 123 LEU A CB  1 
ATOM   943  C CG  . LEU A 1 143 ? -6.872  -3.977  2.017   1.00 9.18  ? 123 LEU A CG  1 
ATOM   944  C CD1 . LEU A 1 143 ? -5.927  -4.700  1.064   1.00 9.77  ? 123 LEU A CD1 1 
ATOM   945  C CD2 . LEU A 1 143 ? -6.633  -2.483  1.959   1.00 10.00 ? 123 LEU A CD2 1 
ATOM   946  N N   . VAL A 1 144 ? -11.342 -5.087  2.033   1.00 7.61  ? 124 VAL A N   1 
ATOM   947  C CA  . VAL A 1 144 ? -12.719 -5.238  1.565   1.00 7.40  ? 124 VAL A CA  1 
ATOM   948  C C   . VAL A 1 144 ? -13.681 -4.466  2.464   1.00 7.38  ? 124 VAL A C   1 
ATOM   949  O O   . VAL A 1 144 ? -14.570 -3.741  1.979   1.00 7.35  ? 124 VAL A O   1 
ATOM   950  C CB  . VAL A 1 144 ? -13.127 -6.731  1.476   1.00 7.68  ? 124 VAL A CB  1 
ATOM   951  C CG1 . VAL A 1 144 ? -14.607 -6.872  1.123   1.00 7.32  ? 124 VAL A CG1 1 
ATOM   952  C CG2 . VAL A 1 144 ? -12.266 -7.470  0.454   1.00 7.99  ? 124 VAL A CG2 1 
ATOM   953  N N   . ALA A 1 145 ? -13.498 -4.591  3.779   1.00 8.02  ? 125 ALA A N   1 
ATOM   954  C CA  . ALA A 1 145 ? -14.339 -3.861  4.734   1.00 8.48  ? 125 ALA A CA  1 
ATOM   955  C C   . ALA A 1 145 ? -14.180 -2.357  4.573   1.00 8.33  ? 125 ALA A C   1 
ATOM   956  O O   . ALA A 1 145 ? -15.164 -1.600  4.659   1.00 9.12  ? 125 ALA A O   1 
ATOM   957  C CB  . ALA A 1 145 ? -14.025 -4.290  6.155   1.00 7.88  ? 125 ALA A CB  1 
ATOM   958  N N   . ALA A 1 146 ? -12.960 -1.911  4.269   1.00 9.17  ? 126 ALA A N   1 
ATOM   959  C CA  . ALA A 1 146 ? -12.744 -0.482  4.066   1.00 8.97  ? 126 ALA A CA  1 
ATOM   960  C C   . ALA A 1 146 ? -13.508 0.050   2.865   1.00 9.88  ? 126 ALA A C   1 
ATOM   961  O O   . ALA A 1 146 ? -14.121 1.132   2.941   1.00 10.97 ? 126 ALA A O   1 
ATOM   962  C CB  . ALA A 1 146 ? -11.267 -0.178  3.930   1.00 9.97  ? 126 ALA A CB  1 
ATOM   963  N N   . LEU A 1 147 ? -13.455 -0.658  1.750   1.00 8.43  ? 127 LEU A N   1 
ATOM   964  C CA  . LEU A 1 147 ? -14.204 -0.232  0.545   1.00 9.47  ? 127 LEU A CA  1 
ATOM   965  C C   . LEU A 1 147 ? -15.714 -0.355  0.774   1.00 8.85  ? 127 LEU A C   1 
ATOM   966  O O   . LEU A 1 147 ? -16.520 0.380   0.186   1.00 9.00  ? 127 LEU A O   1 
ATOM   967  C CB  . LEU A 1 147 ? -13.775 -1.038  -0.691  1.00 10.26 ? 127 LEU A CB  1 
ATOM   968  C CG  . LEU A 1 147 ? -12.330 -0.872  -1.184  1.00 11.20 ? 127 LEU A CG  1 
ATOM   969  C CD1 . LEU A 1 147 ? -12.131 -1.491  -2.554  1.00 11.77 ? 127 LEU A CD1 1 
ATOM   970  C CD2 . LEU A 1 147 ? -11.941 0.602   -1.262  1.00 11.31 ? 127 LEU A CD2 1 
ATOM   971  N N   . SER A 1 148 ? -16.097 -1.264  1.650   1.00 10.10 ? 128 SER A N   1 
ATOM   972  C CA  . SER A 1 148 ? -17.536 -1.565  1.893   1.00 12.33 ? 128 SER A CA  1 
ATOM   973  C C   . SER A 1 148 ? -18.187 -0.594  2.875   1.00 11.45 ? 128 SER A C   1 
ATOM   974  O O   . SER A 1 148 ? -19.419 -0.511  2.957   1.00 10.76 ? 128 SER A O   1 
ATOM   975  C CB  . SER A 1 148 ? -17.694 -2.966  2.472   1.00 12.33 ? 128 SER A CB  1 
ATOM   976  O OG  . SER A 1 148 ? -17.397 -3.953  1.508   1.00 13.79 ? 128 SER A OG  1 
ATOM   977  N N   . GLY A 1 149 ? -17.361 0.014   3.714   1.00 11.79 ? 129 GLY A N   1 
ATOM   978  C CA  . GLY A 1 149 ? -17.836 0.879   4.809   1.00 13.35 ? 129 GLY A CA  1 
ATOM   979  C C   . GLY A 1 149 ? -18.237 0.108   6.055   1.00 17.85 ? 129 GLY A C   1 
ATOM   980  O O   . GLY A 1 149 ? -19.168 0.509   6.759   1.00 18.84 ? 129 GLY A O   1 
ATOM   981  N N   . ARG A 1 150 ? -17.596 -1.048  6.269   1.00 16.15 ? 130 ARG A N   1 
ATOM   982  C CA  . ARG A 1 150 ? -17.985 -2.027  7.271   1.00 17.32 ? 130 ARG A CA  1 
ATOM   983  C C   . ARG A 1 150 ? -16.956 -2.160  8.417   1.00 17.28 ? 130 ARG A C   1 
ATOM   984  O O   . ARG A 1 150 ? -15.777 -1.791  8.237   1.00 22.57 ? 130 ARG A O   1 
ATOM   985  C CB  . ARG A 1 150 ? -18.138 -3.372  6.560   1.00 18.55 ? 130 ARG A CB  1 
ATOM   986  C CG  . ARG A 1 150 ? -18.474 -4.522  7.479   1.00 17.35 ? 130 ARG A CG  1 
ATOM   987  C CD  . ARG A 1 150 ? -18.928 -5.731  6.685   1.00 15.88 ? 130 ARG A CD  1 
ATOM   988  N NE  . ARG A 1 150 ? -17.881 -6.294  5.857   1.00 14.45 ? 130 ARG A NE  1 
ATOM   989  C CZ  . ARG A 1 150 ? -17.856 -6.239  4.520   1.00 14.51 ? 130 ARG A CZ  1 
ATOM   990  N NH1 . ARG A 1 150 ? -16.863 -6.803  3.845   1.00 12.59 ? 130 ARG A NH1 1 
ATOM   991  N NH2 . ARG A 1 150 ? -18.821 -5.619  3.853   1.00 15.23 ? 130 ARG A NH2 1 
HETATM 992  O O   . HOH B 2 .   ? -8.237  -9.121  8.559   1.00 48.31 ? 201 HOH A O   1 
HETATM 993  O O   . HOH B 2 .   ? 11.938  2.937   0.126   1.00 37.56 ? 202 HOH A O   1 
HETATM 994  O O   . HOH B 2 .   ? 12.109  11.436  -2.001  1.00 23.15 ? 203 HOH A O   1 
HETATM 995  O O   . HOH B 2 .   ? 10.132  4.993   -6.389  1.00 35.88 ? 204 HOH A O   1 
HETATM 996  O O   . HOH B 2 .   ? -10.674 7.177   2.093   1.00 43.81 ? 205 HOH A O   1 
HETATM 997  O O   . HOH B 2 .   ? 10.526  12.662  5.027   1.00 28.10 ? 206 HOH A O   1 
HETATM 998  O O   . HOH B 2 .   ? 2.229   19.132  -4.791  1.00 39.89 ? 207 HOH A O   1 
HETATM 999  O O   . HOH B 2 .   ? 8.698   -1.636  -6.140  1.00 40.83 ? 208 HOH A O   1 
HETATM 1000 O O   . HOH B 2 .   ? -8.580  1.392   8.574   1.00 26.42 ? 209 HOH A O   1 
HETATM 1001 O O   . HOH B 2 .   ? 10.753  5.136   -3.521  1.00 35.11 ? 210 HOH A O   1 
HETATM 1002 O O   . HOH B 2 .   ? -3.060  8.223   -13.217 1.00 21.15 ? 211 HOH A O   1 
HETATM 1003 O O   . HOH B 2 .   ? -8.307  -6.629  -11.045 1.00 26.92 ? 212 HOH A O   1 
HETATM 1004 O O   . HOH B 2 .   ? -13.417 -2.244  8.910   1.00 24.16 ? 213 HOH A O   1 
HETATM 1005 O O   . HOH B 2 .   ? -8.013  6.793   15.506  1.00 46.11 ? 214 HOH A O   1 
HETATM 1006 O O   . HOH B 2 .   ? 12.313  -3.786  -11.876 1.00 20.91 ? 215 HOH A O   1 
HETATM 1007 O O   . HOH B 2 .   ? 0.121   -6.012  -15.435 1.00 30.46 ? 216 HOH A O   1 
HETATM 1008 O O   . HOH B 2 .   ? -6.703  -11.502 7.704   1.00 21.95 ? 217 HOH A O   1 
HETATM 1009 O O   . HOH B 2 .   ? -6.602  -12.823 3.361   1.00 28.68 ? 218 HOH A O   1 
HETATM 1010 O O   . HOH B 2 .   ? 2.211   11.227  -11.291 1.00 28.11 ? 219 HOH A O   1 
HETATM 1011 O O   . HOH B 2 .   ? 15.019  -2.005  16.814  1.00 56.56 ? 220 HOH A O   1 
HETATM 1012 O O   . HOH B 2 .   ? 11.010  -2.017  -10.001 1.00 28.17 ? 221 HOH A O   1 
HETATM 1013 O O   . HOH B 2 .   ? -0.333  -12.201 4.791   1.00 17.55 ? 222 HOH A O   1 
HETATM 1014 O O   . HOH B 2 .   ? 8.093   -4.658  -16.295 1.00 37.72 ? 223 HOH A O   1 
HETATM 1015 O O   . HOH B 2 .   ? 1.448   14.538  1.103   1.00 22.95 ? 224 HOH A O   1 
HETATM 1016 O O   . HOH B 2 .   ? 4.649   13.870  10.033  1.00 17.57 ? 225 HOH A O   1 
HETATM 1017 O O   . HOH B 2 .   ? -12.305 -11.103 -6.240  1.00 18.98 ? 226 HOH A O   1 
HETATM 1018 O O   . HOH B 2 .   ? -3.543  -2.111  -14.736 1.00 32.61 ? 227 HOH A O   1 
HETATM 1019 O O   . HOH B 2 .   ? -12.343 -4.828  9.315   1.00 30.38 ? 228 HOH A O   1 
HETATM 1020 O O   . HOH B 2 .   ? -14.622 2.310   5.216   1.00 23.16 ? 229 HOH A O   1 
HETATM 1021 O O   . HOH B 2 .   ? 3.001   -3.705  0.915   1.00 22.33 ? 230 HOH A O   1 
HETATM 1022 O O   . HOH B 2 .   ? -16.585 4.666   -7.354  1.00 11.15 ? 231 HOH A O   1 
HETATM 1023 O O   . HOH B 2 .   ? -9.357  -9.311  -8.983  1.00 19.80 ? 232 HOH A O   1 
HETATM 1024 O O   . HOH B 2 .   ? -14.014 -4.520  -13.352 1.00 50.52 ? 233 HOH A O   1 
HETATM 1025 O O   . HOH B 2 .   ? 9.092   -11.510 5.533   1.00 49.48 ? 234 HOH A O   1 
HETATM 1026 O O   . HOH B 2 .   ? -4.980  12.748  7.610   1.00 38.20 ? 235 HOH A O   1 
HETATM 1027 O O   . HOH B 2 .   ? 7.300   13.200  3.383   1.00 23.43 ? 236 HOH A O   1 
HETATM 1028 O O   . HOH B 2 .   ? -7.362  1.700   12.335  1.00 30.87 ? 237 HOH A O   1 
HETATM 1029 O O   . HOH B 2 .   ? 13.354  1.310   13.373  1.00 48.27 ? 238 HOH A O   1 
HETATM 1030 O O   . HOH B 2 .   ? 2.649   11.462  -1.195  1.00 8.22  ? 239 HOH A O   1 
HETATM 1031 O O   . HOH B 2 .   ? -20.782 11.773  -3.865  1.00 32.10 ? 240 HOH A O   1 
HETATM 1032 O O   . HOH B 2 .   ? -2.791  2.076   -2.439  1.00 9.04  ? 241 HOH A O   1 
HETATM 1033 O O   . HOH B 2 .   ? -14.089 -1.899  -9.843  1.00 19.09 ? 242 HOH A O   1 
HETATM 1034 O O   . HOH B 2 .   ? -10.256 -2.983  -11.851 1.00 23.32 ? 243 HOH A O   1 
HETATM 1035 O O   . HOH B 2 .   ? -1.630  -1.689  11.803  1.00 23.87 ? 244 HOH A O   1 
HETATM 1036 O O   . HOH B 2 .   ? -16.081 -1.114  -3.951  1.00 8.87  ? 245 HOH A O   1 
HETATM 1037 O O   . HOH B 2 .   ? -7.100  -6.394  11.699  1.00 50.16 ? 246 HOH A O   1 
HETATM 1038 O O   . HOH B 2 .   ? -12.993 -9.334  -2.893  1.00 7.78  ? 247 HOH A O   1 
HETATM 1039 O O   . HOH B 2 .   ? -1.198  -2.649  9.019   1.00 12.07 ? 248 HOH A O   1 
HETATM 1040 O O   . HOH B 2 .   ? -10.805 -1.885  7.453   1.00 17.94 ? 249 HOH A O   1 
HETATM 1041 O O   . HOH B 2 .   ? 5.770   2.614   -8.872  1.00 20.81 ? 250 HOH A O   1 
HETATM 1042 O O   . HOH B 2 .   ? -6.619  9.916   10.589  1.00 38.32 ? 251 HOH A O   1 
HETATM 1043 O O   . HOH B 2 .   ? -1.263  11.526  9.275   0.50 2.86  ? 252 HOH A O   1 
HETATM 1044 O O   . HOH B 2 .   ? -14.308 -7.777  -11.901 1.00 35.87 ? 253 HOH A O   1 
HETATM 1045 O O   . HOH B 2 .   ? 6.296   -0.577  -2.584  1.00 23.33 ? 254 HOH A O   1 
HETATM 1046 O O   . HOH B 2 .   ? 9.131   -1.143  -13.511 1.00 33.26 ? 255 HOH A O   1 
HETATM 1047 O O   . HOH B 2 .   ? -5.214  4.519   13.377  1.00 20.10 ? 256 HOH A O   1 
HETATM 1048 O O   . HOH B 2 .   ? -1.255  -8.609  5.749   1.00 17.29 ? 257 HOH A O   1 
HETATM 1049 O O   . HOH B 2 .   ? -16.622 -9.772  -7.878  1.00 48.20 ? 258 HOH A O   1 
HETATM 1050 O O   . HOH B 2 .   ? -16.424 -7.698  7.705   1.00 24.66 ? 259 HOH A O   1 
HETATM 1051 O O   . HOH B 2 .   ? 12.323  -9.035  -11.254 1.00 13.97 ? 260 HOH A O   1 
HETATM 1052 O O   . HOH B 2 .   ? -5.573  -1.486  12.579  1.00 38.05 ? 261 HOH A O   1 
HETATM 1053 O O   . HOH B 2 .   ? 6.905   -3.728  15.656  1.00 39.80 ? 262 HOH A O   1 
HETATM 1054 O O   . HOH B 2 .   ? -3.146  7.928   11.980  1.00 16.57 ? 263 HOH A O   1 
HETATM 1055 O O   . HOH B 2 .   ? -11.188 10.682  -4.012  1.00 17.71 ? 264 HOH A O   1 
HETATM 1056 O O   . HOH B 2 .   ? 11.801  7.656   12.834  1.00 32.89 ? 265 HOH A O   1 
HETATM 1057 O O   . HOH B 2 .   ? 0.862   -11.083 6.387   1.00 38.98 ? 266 HOH A O   1 
HETATM 1058 O O   . HOH B 2 .   ? -3.824  20.164  0.796   1.00 33.13 ? 267 HOH A O   1 
HETATM 1059 O O   . HOH B 2 .   ? 8.511   6.266   11.859  1.00 14.29 ? 268 HOH A O   1 
HETATM 1060 O O   . HOH B 2 .   ? -5.961  -14.599 -4.992  1.00 37.77 ? 269 HOH A O   1 
HETATM 1061 O O   . HOH B 2 .   ? 4.598   -5.080  0.187   1.00 23.79 ? 270 HOH A O   1 
HETATM 1062 O O   . HOH B 2 .   ? -1.399  20.742  -6.068  1.00 29.29 ? 271 HOH A O   1 
HETATM 1063 O O   . HOH B 2 .   ? 3.074   -9.544  -14.882 1.00 20.82 ? 272 HOH A O   1 
HETATM 1064 O O   . HOH B 2 .   ? -0.084  -14.300 -4.881  1.00 35.39 ? 273 HOH A O   1 
HETATM 1065 O O   . HOH B 2 .   ? -8.490  6.492   2.690   1.00 24.82 ? 274 HOH A O   1 
HETATM 1066 O O   . HOH B 2 .   ? 14.589  8.726   -0.235  1.00 38.58 ? 275 HOH A O   1 
HETATM 1067 O O   . HOH B 2 .   ? -8.924  -14.410 -9.339  1.00 39.21 ? 276 HOH A O   1 
HETATM 1068 O O   . HOH B 2 .   ? -14.427 3.681   1.677   1.00 32.67 ? 277 HOH A O   1 
HETATM 1069 O O   . HOH B 2 .   ? -21.301 1.185   4.296   1.00 40.57 ? 278 HOH A O   1 
HETATM 1070 O O   . HOH B 2 .   ? 5.124   -2.976  -17.468 1.00 38.21 ? 279 HOH A O   1 
HETATM 1071 O O   . HOH B 2 .   ? -0.689  -9.356  10.441  1.00 30.41 ? 280 HOH A O   1 
HETATM 1072 O O   . HOH B 2 .   ? 9.190   -7.766  14.528  1.00 49.73 ? 281 HOH A O   1 
HETATM 1073 O O   . HOH B 2 .   ? -14.874 -11.210 -4.279  1.00 33.22 ? 282 HOH A O   1 
HETATM 1074 O O   . HOH B 2 .   ? -14.453 -7.735  5.230   1.00 10.25 ? 283 HOH A O   1 
HETATM 1075 O O   . HOH B 2 .   ? 3.477   14.473  -0.442  1.00 20.38 ? 284 HOH A O   1 
HETATM 1076 O O   . HOH B 2 .   ? 2.884   -11.225 11.271  1.00 27.74 ? 285 HOH A O   1 
HETATM 1077 O O   . HOH B 2 .   ? 4.603   10.497  -12.147 1.00 24.57 ? 286 HOH A O   1 
HETATM 1078 O O   . HOH B 2 .   ? 8.660   -3.243  -8.441  1.00 8.05  ? 287 HOH A O   1 
HETATM 1079 O O   . HOH B 2 .   ? -8.638  9.683   -2.282  1.00 9.12  ? 288 HOH A O   1 
HETATM 1080 O O   . HOH B 2 .   ? 11.985  0.743   1.066   1.00 24.84 ? 289 HOH A O   1 
HETATM 1081 O O   . HOH B 2 .   ? 0.177   13.858  -11.871 1.00 13.76 ? 290 HOH A O   1 
HETATM 1082 O O   . HOH B 2 .   ? -0.419  13.238  5.749   1.00 16.11 ? 291 HOH A O   1 
HETATM 1083 O O   . HOH B 2 .   ? -18.229 6.975   -7.599  1.00 28.37 ? 292 HOH A O   1 
HETATM 1084 O O   . HOH B 2 .   ? -1.403  -4.843  14.778  1.00 19.17 ? 293 HOH A O   1 
HETATM 1085 O O   . HOH B 2 .   ? 3.356   15.161  -5.990  1.00 27.92 ? 294 HOH A O   1 
HETATM 1086 O O   . HOH B 2 .   ? -13.428 8.864   -1.336  1.00 27.36 ? 295 HOH A O   1 
HETATM 1087 O O   . HOH B 2 .   ? -14.789 11.663  -3.744  1.00 16.73 ? 296 HOH A O   1 
HETATM 1088 O O   . HOH B 2 .   ? -8.563  -1.945  9.385   1.00 22.03 ? 297 HOH A O   1 
HETATM 1089 O O   . HOH B 2 .   ? -6.390  10.134  4.812   1.00 13.48 ? 298 HOH A O   1 
HETATM 1090 O O   . HOH B 2 .   ? 1.050   16.351  -6.758  1.00 28.12 ? 299 HOH A O   1 
HETATM 1091 O O   . HOH B 2 .   ? -7.651  0.507   -13.082 1.00 16.35 ? 300 HOH A O   1 
HETATM 1092 O O   . HOH B 2 .   ? -14.277 5.493   -0.209  1.00 16.22 ? 301 HOH A O   1 
HETATM 1093 O O   . HOH B 2 .   ? -11.493 8.402   0.256   1.00 26.34 ? 302 HOH A O   1 
HETATM 1094 O O   . HOH B 2 .   ? 12.007  2.406   11.492  1.00 27.16 ? 303 HOH A O   1 
HETATM 1095 O O   . HOH B 2 .   ? -18.655 2.555   8.855   1.00 56.70 ? 304 HOH A O   1 
HETATM 1096 O O   . HOH B 2 .   ? -8.413  7.198   7.643   1.00 13.94 ? 305 HOH A O   1 
HETATM 1097 O O   . HOH B 2 .   ? 16.248  -8.196  -7.466  1.00 43.25 ? 306 HOH A O   1 
HETATM 1098 O O   . HOH B 2 .   ? 7.368   13.011  -6.976  1.00 54.14 ? 307 HOH A O   1 
HETATM 1099 O O   . HOH B 2 .   ? -4.996  9.427   12.818  1.00 54.07 ? 308 HOH A O   1 
HETATM 1100 O O   . HOH B 2 .   ? 1.209   14.096  3.761   1.00 32.21 ? 309 HOH A O   1 
HETATM 1101 O O   . HOH B 2 .   ? 10.359  0.832   -1.315  1.00 27.40 ? 310 HOH A O   1 
HETATM 1102 O O   . HOH B 2 .   ? -0.200  5.313   -15.679 1.00 39.77 ? 311 HOH A O   1 
HETATM 1103 O O   . HOH B 2 .   ? 2.762   13.221  5.416   1.00 30.02 ? 312 HOH A O   1 
HETATM 1104 O O   . HOH B 2 .   ? -4.952  -7.586  9.128   1.00 13.65 ? 313 HOH A O   1 
HETATM 1105 O O   . HOH B 2 .   ? 11.103  -11.132 -1.781  1.00 37.69 ? 314 HOH A O   1 
HETATM 1106 O O   . HOH B 2 .   ? -0.239  0.903   -15.104 1.00 17.50 ? 315 HOH A O   1 
HETATM 1107 O O   . HOH B 2 .   ? -2.238  -10.133 -12.336 1.00 18.53 ? 316 HOH A O   1 
HETATM 1108 O O   . HOH B 2 .   ? -0.570  -9.052  -15.085 1.00 24.27 ? 317 HOH A O   1 
HETATM 1109 O O   . HOH B 2 .   ? -3.746  -11.301 -10.062 1.00 21.38 ? 318 HOH A O   1 
HETATM 1110 O O   . HOH B 2 .   ? 5.489   -10.122 0.541   1.00 19.61 ? 319 HOH A O   1 
HETATM 1111 O O   . HOH B 2 .   ? 9.850   12.494  -2.521  1.00 37.16 ? 320 HOH A O   1 
HETATM 1112 O O   . HOH B 2 .   ? -3.117  2.931   16.930  1.00 27.48 ? 321 HOH A O   1 
HETATM 1113 O O   . HOH B 2 .   ? 14.576  9.652   3.003   1.00 40.02 ? 322 HOH A O   1 
HETATM 1114 O O   . HOH B 2 .   ? -10.222 3.614   9.719   1.00 39.91 ? 323 HOH A O   1 
HETATM 1115 O O   . HOH B 2 .   ? 8.948   15.137  11.622  1.00 49.61 ? 324 HOH A O   1 
HETATM 1116 O O   . HOH B 2 .   ? -0.639  18.647  -2.569  1.00 30.13 ? 325 HOH A O   1 
HETATM 1117 O O   . HOH B 2 .   ? -0.552  -14.057 -0.731  1.00 41.13 ? 326 HOH A O   1 
HETATM 1118 O O   . HOH B 2 .   ? -14.594 0.941   7.147   1.00 23.54 ? 327 HOH A O   1 
HETATM 1119 O O   . HOH B 2 .   ? -12.459 -2.674  -12.467 1.00 49.85 ? 328 HOH A O   1 
HETATM 1120 O O   . HOH B 2 .   ? 8.967   -12.330 12.196  1.00 46.32 ? 329 HOH A O   1 
HETATM 1121 O O   . HOH B 2 .   ? -2.288  -8.306  8.422   1.00 26.64 ? 330 HOH A O   1 
HETATM 1122 O O   . HOH B 2 .   ? 15.887  2.898   6.183   1.00 46.92 ? 331 HOH A O   1 
HETATM 1123 O O   . HOH B 2 .   ? -4.706  -13.661 -9.786  1.00 25.57 ? 332 HOH A O   1 
HETATM 1124 O O   . HOH B 2 .   ? 15.562  -10.632 -3.483  1.00 42.77 ? 333 HOH A O   1 
HETATM 1125 O O   . HOH B 2 .   ? -0.578  13.468  -14.617 1.00 33.78 ? 334 HOH A O   1 
HETATM 1126 O O   . HOH B 2 .   ? -4.957  16.959  4.974   1.00 57.15 ? 335 HOH A O   1 
HETATM 1127 O O   . HOH B 2 .   ? -21.894 8.578   -6.888  1.00 42.84 ? 336 HOH A O   1 
HETATM 1128 O O   . HOH B 2 .   ? 11.032  14.221  7.545   1.00 39.37 ? 337 HOH A O   1 
HETATM 1129 O O   . HOH B 2 .   ? -14.671 -9.284  -9.597  1.00 40.17 ? 338 HOH A O   1 
HETATM 1130 O O   . HOH B 2 .   ? -1.641  16.318  1.613   1.00 38.13 ? 339 HOH A O   1 
HETATM 1131 O O   . HOH B 2 .   ? -10.426 5.525   8.528   1.00 34.01 ? 340 HOH A O   1 
HETATM 1132 O O   . HOH B 2 .   ? -22.270 1.929   6.339   1.00 33.48 ? 341 HOH A O   1 
HETATM 1133 O O   . HOH B 2 .   ? -12.547 0.506   -10.047 1.00 22.56 ? 342 HOH A O   1 
HETATM 1134 O O   . HOH B 2 .   ? -12.210 -10.440 -8.978  1.00 45.20 ? 343 HOH A O   1 
HETATM 1135 O O   . HOH B 2 .   ? 6.827   12.306  -11.058 1.00 36.20 ? 344 HOH A O   1 
HETATM 1136 O O   . HOH B 2 .   ? -4.505  -15.289 -7.805  1.00 35.53 ? 345 HOH A O   1 
HETATM 1137 O O   . HOH B 2 .   ? 6.097   17.290  1.807   1.00 45.74 ? 346 HOH A O   1 
HETATM 1138 O O   . HOH B 2 .   ? 5.634   -2.485  0.798   1.00 40.99 ? 347 HOH A O   1 
HETATM 1139 O O   . HOH B 2 .   ? -12.661 -13.768 -6.079  1.00 34.67 ? 348 HOH A O   1 
HETATM 1140 O O   . HOH B 2 .   ? -4.388  -14.531 5.061   1.00 43.24 ? 349 HOH A O   1 
HETATM 1141 O O   . HOH B 2 .   ? -8.014  8.222   4.943   1.00 20.07 ? 350 HOH A O   1 
HETATM 1142 O O   . HOH B 2 .   ? 8.119   -2.151  -15.305 1.00 42.19 ? 351 HOH A O   1 
HETATM 1143 O O   . HOH B 2 .   ? -1.548  -14.619 5.032   1.00 36.20 ? 352 HOH A O   1 
HETATM 1144 O O   . HOH B 2 .   ? 9.748   12.460  -5.461  1.00 30.58 ? 353 HOH A O   1 
HETATM 1145 O O   . HOH B 2 .   ? 13.509  5.560   12.489  1.00 41.98 ? 354 HOH A O   1 
HETATM 1146 O O   . HOH B 2 .   ? -8.731  9.762   8.831   1.00 22.60 ? 355 HOH A O   1 
HETATM 1147 O O   . HOH B 2 .   ? -15.498 10.776  -1.451  1.00 42.44 ? 356 HOH A O   1 
HETATM 1148 O O   . HOH B 2 .   ? -3.501  7.336   -15.686 1.00 35.63 ? 357 HOH A O   1 
HETATM 1149 O O   . HOH B 2 .   ? 8.495   -1.311  16.296  1.00 47.95 ? 358 HOH A O   1 
HETATM 1150 O O   . HOH B 2 .   ? 2.414   -11.791 -14.575 1.00 30.58 ? 359 HOH A O   1 
HETATM 1151 O O   . HOH B 2 .   ? 8.711   -6.762  0.245   1.00 36.84 ? 360 HOH A O   1 
HETATM 1152 O O   . HOH B 2 .   ? -11.321 10.751  -1.141  1.00 28.07 ? 361 HOH A O   1 
HETATM 1153 O O   . HOH B 2 .   ? -2.743  5.434   13.928  1.00 30.78 ? 362 HOH A O   1 
HETATM 1154 O O   . HOH B 2 .   ? 5.862   -7.215  0.953   1.00 33.12 ? 363 HOH A O   1 
HETATM 1155 O O   . HOH B 2 .   ? -1.302  3.195   -14.481 1.00 41.17 ? 364 HOH A O   1 
HETATM 1156 O O   . HOH B 2 .   ? -7.528  -13.314 6.134   1.00 31.37 ? 365 HOH A O   1 
HETATM 1157 O O   . HOH B 2 .   ? 3.881   -12.414 6.263   1.00 41.94 ? 366 HOH A O   1 
HETATM 1158 O O   . HOH B 2 .   ? -0.103  13.684  8.285   1.00 20.99 ? 367 HOH A O   1 
HETATM 1159 O O   . HOH B 2 .   ? 2.353   13.890  8.750   1.00 44.06 ? 368 HOH A O   1 
HETATM 1160 O O   . HOH B 2 .   ? -10.692 9.209   4.614   1.00 29.45 ? 369 HOH A O   1 
HETATM 1161 O O   . HOH B 2 .   ? -5.675  -9.406  10.868  1.00 33.21 ? 370 HOH A O   1 
HETATM 1162 O O   . HOH B 2 .   ? -4.067  -5.423  15.252  1.00 42.81 ? 371 HOH A O   1 
HETATM 1163 O O   . HOH B 2 .   ? -0.221  17.707  0.078   1.00 46.94 ? 372 HOH A O   1 
HETATM 1164 O O   . HOH B 2 .   ? 1.012   -16.186 -0.370  1.00 41.63 ? 373 HOH A O   1 
HETATM 1165 O O   . HOH B 2 .   ? 0.216   -11.005 9.067   1.00 26.67 ? 374 HOH A O   1 
HETATM 1166 O O   . HOH B 2 .   ? 4.893   16.450  -7.826  1.00 41.33 ? 375 HOH A O   1 
HETATM 1167 O O   . HOH B 2 .   ? -7.038  -1.250  -15.143 1.00 47.31 ? 376 HOH A O   1 
HETATM 1168 O O   . HOH B 2 .   ? -4.209  -7.955  15.228  1.00 49.52 ? 377 HOH A O   1 
HETATM 1169 O O   . HOH B 2 .   ? 15.001  0.717   0.631   1.00 44.26 ? 378 HOH A O   1 
# 
loop_
_pdbx_poly_seq_scheme.asym_id 
_pdbx_poly_seq_scheme.entity_id 
_pdbx_poly_seq_scheme.seq_id 
_pdbx_poly_seq_scheme.mon_id 
_pdbx_poly_seq_scheme.ndb_seq_num 
_pdbx_poly_seq_scheme.pdb_seq_num 
_pdbx_poly_seq_scheme.auth_seq_num 
_pdbx_poly_seq_scheme.pdb_mon_id 
_pdbx_poly_seq_scheme.auth_mon_id 
_pdbx_poly_seq_scheme.pdb_strand_id 
_pdbx_poly_seq_scheme.pdb_ins_code 
_pdbx_poly_seq_scheme.hetero 
A 1 1   MET 1   -19 ?   ?   ?   A . n 
A 1 2   GLY 2   -18 ?   ?   ?   A . n 
A 1 3   SER 3   -17 ?   ?   ?   A . n 
A 1 4   SER 4   -16 ?   ?   ?   A . n 
A 1 5   HIS 5   -15 ?   ?   ?   A . n 
A 1 6   HIS 6   -14 ?   ?   ?   A . n 
A 1 7   HIS 7   -13 ?   ?   ?   A . n 
A 1 8   HIS 8   -12 ?   ?   ?   A . n 
A 1 9   HIS 9   -11 ?   ?   ?   A . n 
A 1 10  HIS 10  -10 ?   ?   ?   A . n 
A 1 11  SER 11  -9  ?   ?   ?   A . n 
A 1 12  SER 12  -8  ?   ?   ?   A . n 
A 1 13  GLY 13  -7  ?   ?   ?   A . n 
A 1 14  LEU 14  -6  ?   ?   ?   A . n 
A 1 15  VAL 15  -5  ?   ?   ?   A . n 
A 1 16  PRO 16  -4  ?   ?   ?   A . n 
A 1 17  ARG 17  -3  ?   ?   ?   A . n 
A 1 18  GLY 18  -2  ?   ?   ?   A . n 
A 1 19  SER 19  -1  ?   ?   ?   A . n 
A 1 20  HIS 20  0   ?   ?   ?   A . n 
A 1 21  MET 21  1   ?   ?   ?   A . n 
A 1 22  THR 22  2   ?   ?   ?   A . n 
A 1 23  LYS 23  3   3   LYS LYS A . n 
A 1 24  GLN 24  4   4   GLN GLN A . n 
A 1 25  ILE 25  5   5   ILE ILE A . n 
A 1 26  VAL 26  6   6   VAL VAL A . n 
A 1 27  VAL 27  7   7   VAL VAL A . n 
A 1 28  ALA 28  8   8   ALA ALA A . n 
A 1 29  GLY 29  9   9   GLY GLY A . n 
A 1 30  ALA 30  10  10  ALA ALA A . n 
A 1 31  LEU 31  11  11  LEU LEU A . n 
A 1 32  ILE 32  12  12  ILE ILE A . n 
A 1 33  SER 33  13  13  SER SER A . n 
A 1 34  ARG 34  14  14  ARG ARG A . n 
A 1 35  GLY 35  15  15  GLY GLY A . n 
A 1 36  THR 36  16  16  THR THR A . n 
A 1 37  LEU 37  17  17  LEU LEU A . n 
A 1 38  LEU 38  18  18  LEU LEU A . n 
A 1 39  VAL 39  19  19  VAL VAL A . n 
A 1 40  ALA 40  20  20  ALA ALA A . n 
A 1 41  GLN 41  21  21  GLN GLN A . n 
A 1 42  ARG 42  22  22  ARG ARG A . n 
A 1 43  ASP 43  23  23  ASP ASP A . n 
A 1 44  ARG 44  24  24  ARG ARG A . n 
A 1 45  PRO 45  25  25  PRO PRO A . n 
A 1 46  ALA 46  26  26  ALA ALA A . n 
A 1 47  GLU 47  27  27  GLU GLU A . n 
A 1 48  LEU 48  28  28  LEU LEU A . n 
A 1 49  ALA 49  29  29  ALA ALA A . n 
A 1 50  GLY 50  30  30  GLY GLY A . n 
A 1 51  LEU 51  31  31  LEU LEU A . n 
A 1 52  TRP 52  32  32  TRP TRP A . n 
A 1 53  GLU 53  33  33  GLU GLU A . n 
A 1 54  LEU 54  34  34  LEU LEU A . n 
A 1 55  PRO 55  35  35  PRO PRO A . n 
A 1 56  GLY 56  36  36  GLY GLY A . n 
A 1 57  GLY 57  37  37  GLY GLY A . n 
A 1 58  LYS 58  38  38  LYS LYS A . n 
A 1 59  VAL 59  39  39  VAL VAL A . n 
A 1 60  THR 60  40  40  THR THR A . n 
A 1 61  PRO 61  41  41  PRO PRO A . n 
A 1 62  GLY 62  42  42  GLY GLY A . n 
A 1 63  GLU 63  43  43  GLU GLU A . n 
A 1 64  SER 64  44  44  SER SER A . n 
A 1 65  ASP 65  45  45  ASP ASP A . n 
A 1 66  ALA 66  46  46  ALA ALA A . n 
A 1 67  ASP 67  47  47  ASP ASP A . n 
A 1 68  ALA 68  48  48  ALA ALA A . n 
A 1 69  LEU 69  49  49  LEU LEU A . n 
A 1 70  ALA 70  50  50  ALA ALA A . n 
A 1 71  ARG 71  51  51  ARG ARG A . n 
A 1 72  GLU 72  52  52  GLU GLU A . n 
A 1 73  LEU 73  53  53  LEU LEU A . n 
A 1 74  ARG 74  54  54  ARG ARG A . n 
A 1 75  GLU 75  55  55  GLU GLU A . n 
A 1 76  GLU 76  56  56  GLU GLU A . n 
A 1 77  LEU 77  57  57  LEU LEU A . n 
A 1 78  GLY 78  58  58  GLY GLY A . n 
A 1 79  VAL 79  59  59  VAL VAL A . n 
A 1 80  ASP 80  60  60  ASP ASP A . n 
A 1 81  VAL 81  61  61  VAL VAL A . n 
A 1 82  ALA 82  62  62  ALA ALA A . n 
A 1 83  VAL 83  63  63  VAL VAL A . n 
A 1 84  GLY 84  64  64  GLY GLY A . n 
A 1 85  GLU 85  65  65  GLU GLU A . n 
A 1 86  ARG 86  66  66  ARG ARG A . n 
A 1 87  LEU 87  67  67  LEU LEU A . n 
A 1 88  GLY 88  68  68  GLY GLY A . n 
A 1 89  ALA 89  69  69  ALA ALA A . n 
A 1 90  ASP 90  70  70  ASP ASP A . n 
A 1 91  VAL 91  71  71  VAL VAL A . n 
A 1 92  ALA 92  72  72  ALA ALA A . n 
A 1 93  LEU 93  73  73  LEU LEU A . n 
A 1 94  ASN 94  74  74  ASN ASN A . n 
A 1 95  ASP 95  75  75  ASP ASP A . n 
A 1 96  ALA 96  76  76  ALA ALA A . n 
A 1 97  MET 97  77  77  MET MET A . n 
A 1 98  THR 98  78  78  THR THR A . n 
A 1 99  LEU 99  79  79  LEU LEU A . n 
A 1 100 ARG 100 80  80  ARG ARG A . n 
A 1 101 ALA 101 81  81  ALA ALA A . n 
A 1 102 TYR 102 82  82  TYR TYR A . n 
A 1 103 ARG 103 83  83  ARG ARG A . n 
A 1 104 VAL 104 84  84  VAL VAL A . n 
A 1 105 THR 105 85  85  THR THR A . n 
A 1 106 LEU 106 86  86  LEU LEU A . n 
A 1 107 ARG 107 87  87  ARG ARG A . n 
A 1 108 SER 108 88  88  SER SER A . n 
A 1 109 GLY 109 89  89  GLY GLY A . n 
A 1 110 SER 110 90  90  SER SER A . n 
A 1 111 PRO 111 91  91  PRO PRO A . n 
A 1 112 HIS 112 92  92  HIS HIS A . n 
A 1 113 PRO 113 93  93  PRO PRO A . n 
A 1 114 HIS 114 94  94  HIS HIS A . n 
A 1 115 ASP 115 95  95  ASP ASP A . n 
A 1 116 HIS 116 96  96  HIS HIS A . n 
A 1 117 ARG 117 97  97  ARG ARG A . n 
A 1 118 ALA 118 98  98  ALA ALA A . n 
A 1 119 LEU 119 99  99  LEU LEU A . n 
A 1 120 ARG 120 100 100 ARG ARG A . n 
A 1 121 TRP 121 101 101 TRP TRP A . n 
A 1 122 VAL 122 102 102 VAL VAL A . n 
A 1 123 GLY 123 103 103 GLY GLY A . n 
A 1 124 ALA 124 104 104 ALA ALA A . n 
A 1 125 ASP 125 105 105 ASP ASP A . n 
A 1 126 GLU 126 106 106 GLU GLU A . n 
A 1 127 ILE 127 107 107 ILE ILE A . n 
A 1 128 ASP 128 108 108 ASP ASP A . n 
A 1 129 GLY 129 109 109 GLY GLY A . n 
A 1 130 LEU 130 110 110 LEU LEU A . n 
A 1 131 ALA 131 111 111 ALA ALA A . n 
A 1 132 TRP 132 112 112 TRP TRP A . n 
A 1 133 VAL 133 113 113 VAL VAL A . n 
A 1 134 PRO 134 114 114 PRO PRO A . n 
A 1 135 ALA 135 115 115 ALA ALA A . n 
A 1 136 ASP 136 116 116 ASP ASP A . n 
A 1 137 ARG 137 117 117 ARG ARG A . n 
A 1 138 ALA 138 118 118 ALA ALA A . n 
A 1 139 TRP 139 119 119 TRP TRP A . n 
A 1 140 VAL 140 120 120 VAL VAL A . n 
A 1 141 PRO 141 121 121 PRO PRO A . n 
A 1 142 ASP 142 122 122 ASP ASP A . n 
A 1 143 LEU 143 123 123 LEU LEU A . n 
A 1 144 VAL 144 124 124 VAL VAL A . n 
A 1 145 ALA 145 125 125 ALA ALA A . n 
A 1 146 ALA 146 126 126 ALA ALA A . n 
A 1 147 LEU 147 127 127 LEU LEU A . n 
A 1 148 SER 148 128 128 SER SER A . n 
A 1 149 GLY 149 129 129 GLY GLY A . n 
A 1 150 ARG 150 130 130 ARG ARG A . n 
# 
loop_
_pdbx_nonpoly_scheme.asym_id 
_pdbx_nonpoly_scheme.entity_id 
_pdbx_nonpoly_scheme.mon_id 
_pdbx_nonpoly_scheme.ndb_seq_num 
_pdbx_nonpoly_scheme.pdb_seq_num 
_pdbx_nonpoly_scheme.auth_seq_num 
_pdbx_nonpoly_scheme.pdb_mon_id 
_pdbx_nonpoly_scheme.auth_mon_id 
_pdbx_nonpoly_scheme.pdb_strand_id 
_pdbx_nonpoly_scheme.pdb_ins_code 
B 2 HOH 1   201 66  HOH HOH A . 
B 2 HOH 2   202 208 HOH HOH A . 
B 2 HOH 3   203 38  HOH HOH A . 
B 2 HOH 4   204 114 HOH HOH A . 
B 2 HOH 5   205 183 HOH HOH A . 
B 2 HOH 6   206 72  HOH HOH A . 
B 2 HOH 7   207 155 HOH HOH A . 
B 2 HOH 8   208 179 HOH HOH A . 
B 2 HOH 9   209 29  HOH HOH A . 
B 2 HOH 10  210 203 HOH HOH A . 
B 2 HOH 11  211 176 HOH HOH A . 
B 2 HOH 12  212 170 HOH HOH A . 
B 2 HOH 13  213 56  HOH HOH A . 
B 2 HOH 14  214 129 HOH HOH A . 
B 2 HOH 15  215 171 HOH HOH A . 
B 2 HOH 16  216 144 HOH HOH A . 
B 2 HOH 17  217 19  HOH HOH A . 
B 2 HOH 18  218 169 HOH HOH A . 
B 2 HOH 19  219 185 HOH HOH A . 
B 2 HOH 20  220 215 HOH HOH A . 
B 2 HOH 21  221 172 HOH HOH A . 
B 2 HOH 22  222 125 HOH HOH A . 
B 2 HOH 23  223 53  HOH HOH A . 
B 2 HOH 24  224 116 HOH HOH A . 
B 2 HOH 25  225 31  HOH HOH A . 
B 2 HOH 26  226 120 HOH HOH A . 
B 2 HOH 27  227 205 HOH HOH A . 
B 2 HOH 28  228 82  HOH HOH A . 
B 2 HOH 29  229 47  HOH HOH A . 
B 2 HOH 30  230 109 HOH HOH A . 
B 2 HOH 31  231 184 HOH HOH A . 
B 2 HOH 32  232 119 HOH HOH A . 
B 2 HOH 33  233 213 HOH HOH A . 
B 2 HOH 34  234 227 HOH HOH A . 
B 2 HOH 35  235 218 HOH HOH A . 
B 2 HOH 36  236 16  HOH HOH A . 
B 2 HOH 37  237 67  HOH HOH A . 
B 2 HOH 38  238 133 HOH HOH A . 
B 2 HOH 39  239 1   HOH HOH A . 
B 2 HOH 40  240 105 HOH HOH A . 
B 2 HOH 41  241 108 HOH HOH A . 
B 2 HOH 42  242 118 HOH HOH A . 
B 2 HOH 43  243 106 HOH HOH A . 
B 2 HOH 44  244 23  HOH HOH A . 
B 2 HOH 45  245 22  HOH HOH A . 
B 2 HOH 46  246 48  HOH HOH A . 
B 2 HOH 47  247 121 HOH HOH A . 
B 2 HOH 48  248 11  HOH HOH A . 
B 2 HOH 49  249 4   HOH HOH A . 
B 2 HOH 50  250 178 HOH HOH A . 
B 2 HOH 51  251 194 HOH HOH A . 
B 2 HOH 52  252 8   HOH HOH A . 
B 2 HOH 53  253 128 HOH HOH A . 
B 2 HOH 54  254 112 HOH HOH A . 
B 2 HOH 55  255 177 HOH HOH A . 
B 2 HOH 56  256 44  HOH HOH A . 
B 2 HOH 57  257 49  HOH HOH A . 
B 2 HOH 58  258 154 HOH HOH A . 
B 2 HOH 59  259 59  HOH HOH A . 
B 2 HOH 60  260 27  HOH HOH A . 
B 2 HOH 61  261 65  HOH HOH A . 
B 2 HOH 62  262 139 HOH HOH A . 
B 2 HOH 63  263 26  HOH HOH A . 
B 2 HOH 64  264 12  HOH HOH A . 
B 2 HOH 65  265 52  HOH HOH A . 
B 2 HOH 66  266 167 HOH HOH A . 
B 2 HOH 67  267 64  HOH HOH A . 
B 2 HOH 68  268 21  HOH HOH A . 
B 2 HOH 69  269 192 HOH HOH A . 
B 2 HOH 70  270 163 HOH HOH A . 
B 2 HOH 71  271 69  HOH HOH A . 
B 2 HOH 72  272 9   HOH HOH A . 
B 2 HOH 73  273 199 HOH HOH A . 
B 2 HOH 74  274 45  HOH HOH A . 
B 2 HOH 75  275 103 HOH HOH A . 
B 2 HOH 76  276 145 HOH HOH A . 
B 2 HOH 77  277 222 HOH HOH A . 
B 2 HOH 78  278 134 HOH HOH A . 
B 2 HOH 79  279 151 HOH HOH A . 
B 2 HOH 80  280 40  HOH HOH A . 
B 2 HOH 81  281 195 HOH HOH A . 
B 2 HOH 82  282 89  HOH HOH A . 
B 2 HOH 83  283 13  HOH HOH A . 
B 2 HOH 84  284 17  HOH HOH A . 
B 2 HOH 85  285 70  HOH HOH A . 
B 2 HOH 86  286 115 HOH HOH A . 
B 2 HOH 87  287 110 HOH HOH A . 
B 2 HOH 88  288 2   HOH HOH A . 
B 2 HOH 89  289 113 HOH HOH A . 
B 2 HOH 90  290 174 HOH HOH A . 
B 2 HOH 91  291 18  HOH HOH A . 
B 2 HOH 92  292 68  HOH HOH A . 
B 2 HOH 93  293 33  HOH HOH A . 
B 2 HOH 94  294 88  HOH HOH A . 
B 2 HOH 95  295 77  HOH HOH A . 
B 2 HOH 96  296 3   HOH HOH A . 
B 2 HOH 97  297 25  HOH HOH A . 
B 2 HOH 98  298 7   HOH HOH A . 
B 2 HOH 99  299 76  HOH HOH A . 
B 2 HOH 100 300 107 HOH HOH A . 
B 2 HOH 101 301 37  HOH HOH A . 
B 2 HOH 102 302 46  HOH HOH A . 
B 2 HOH 103 303 20  HOH HOH A . 
B 2 HOH 104 304 137 HOH HOH A . 
B 2 HOH 105 305 14  HOH HOH A . 
B 2 HOH 106 306 211 HOH HOH A . 
B 2 HOH 107 307 207 HOH HOH A . 
B 2 HOH 108 308 147 HOH HOH A . 
B 2 HOH 109 309 83  HOH HOH A . 
B 2 HOH 110 310 180 HOH HOH A . 
B 2 HOH 111 311 209 HOH HOH A . 
B 2 HOH 112 312 62  HOH HOH A . 
B 2 HOH 113 313 6   HOH HOH A . 
B 2 HOH 114 314 164 HOH HOH A . 
B 2 HOH 115 315 117 HOH HOH A . 
B 2 HOH 116 316 36  HOH HOH A . 
B 2 HOH 117 317 41  HOH HOH A . 
B 2 HOH 118 318 123 HOH HOH A . 
B 2 HOH 119 319 124 HOH HOH A . 
B 2 HOH 120 320 130 HOH HOH A . 
B 2 HOH 121 321 35  HOH HOH A . 
B 2 HOH 122 322 94  HOH HOH A . 
B 2 HOH 123 323 61  HOH HOH A . 
B 2 HOH 124 324 157 HOH HOH A . 
B 2 HOH 125 325 42  HOH HOH A . 
B 2 HOH 126 326 220 HOH HOH A . 
B 2 HOH 127 327 10  HOH HOH A . 
B 2 HOH 128 328 161 HOH HOH A . 
B 2 HOH 129 329 196 HOH HOH A . 
B 2 HOH 130 330 57  HOH HOH A . 
B 2 HOH 131 331 148 HOH HOH A . 
B 2 HOH 132 332 122 HOH HOH A . 
B 2 HOH 133 333 200 HOH HOH A . 
B 2 HOH 134 334 175 HOH HOH A . 
B 2 HOH 135 335 141 HOH HOH A . 
B 2 HOH 136 336 225 HOH HOH A . 
B 2 HOH 137 337 92  HOH HOH A . 
B 2 HOH 138 338 132 HOH HOH A . 
B 2 HOH 139 339 43  HOH HOH A . 
B 2 HOH 140 340 193 HOH HOH A . 
B 2 HOH 141 341 51  HOH HOH A . 
B 2 HOH 142 342 34  HOH HOH A . 
B 2 HOH 143 343 214 HOH HOH A . 
B 2 HOH 144 344 186 HOH HOH A . 
B 2 HOH 145 345 191 HOH HOH A . 
B 2 HOH 146 346 104 HOH HOH A . 
B 2 HOH 147 347 111 HOH HOH A . 
B 2 HOH 148 348 201 HOH HOH A . 
B 2 HOH 149 349 202 HOH HOH A . 
B 2 HOH 150 350 39  HOH HOH A . 
B 2 HOH 151 351 80  HOH HOH A . 
B 2 HOH 152 352 216 HOH HOH A . 
B 2 HOH 153 353 190 HOH HOH A . 
B 2 HOH 154 354 224 HOH HOH A . 
B 2 HOH 155 355 50  HOH HOH A . 
B 2 HOH 156 356 135 HOH HOH A . 
B 2 HOH 157 357 219 HOH HOH A . 
B 2 HOH 158 358 60  HOH HOH A . 
B 2 HOH 159 359 217 HOH HOH A . 
B 2 HOH 160 360 165 HOH HOH A . 
B 2 HOH 161 361 71  HOH HOH A . 
B 2 HOH 162 362 73  HOH HOH A . 
B 2 HOH 163 363 166 HOH HOH A . 
B 2 HOH 164 364 212 HOH HOH A . 
B 2 HOH 165 365 168 HOH HOH A . 
B 2 HOH 166 366 226 HOH HOH A . 
B 2 HOH 167 367 188 HOH HOH A . 
B 2 HOH 168 368 187 HOH HOH A . 
B 2 HOH 169 369 182 HOH HOH A . 
B 2 HOH 170 370 32  HOH HOH A . 
B 2 HOH 171 371 228 HOH HOH A . 
B 2 HOH 172 372 204 HOH HOH A . 
B 2 HOH 173 373 221 HOH HOH A . 
B 2 HOH 174 374 197 HOH HOH A . 
B 2 HOH 175 375 189 HOH HOH A . 
B 2 HOH 176 376 210 HOH HOH A . 
B 2 HOH 177 377 229 HOH HOH A . 
B 2 HOH 178 378 181 HOH HOH A . 
# 
_pdbx_struct_assembly.id                   1 
_pdbx_struct_assembly.details              author_defined_assembly 
_pdbx_struct_assembly.method_details       ? 
_pdbx_struct_assembly.oligomeric_details   monomeric 
_pdbx_struct_assembly.oligomeric_count     1 
# 
_pdbx_struct_assembly_gen.assembly_id       1 
_pdbx_struct_assembly_gen.oper_expression   1 
_pdbx_struct_assembly_gen.asym_id_list      A,B 
# 
_pdbx_struct_oper_list.id                   1 
_pdbx_struct_oper_list.type                 'identity operation' 
_pdbx_struct_oper_list.name                 1_555 
_pdbx_struct_oper_list.symmetry_operation   x,y,z 
_pdbx_struct_oper_list.matrix[1][1]         1.0000000000 
_pdbx_struct_oper_list.matrix[1][2]         0.0000000000 
_pdbx_struct_oper_list.matrix[1][3]         0.0000000000 
_pdbx_struct_oper_list.vector[1]            0.0000000000 
_pdbx_struct_oper_list.matrix[2][1]         0.0000000000 
_pdbx_struct_oper_list.matrix[2][2]         1.0000000000 
_pdbx_struct_oper_list.matrix[2][3]         0.0000000000 
_pdbx_struct_oper_list.vector[2]            0.0000000000 
_pdbx_struct_oper_list.matrix[3][1]         0.0000000000 
_pdbx_struct_oper_list.matrix[3][2]         0.0000000000 
_pdbx_struct_oper_list.matrix[3][3]         1.0000000000 
_pdbx_struct_oper_list.vector[3]            0.0000000000 
# 
loop_
_pdbx_audit_revision_history.ordinal 
_pdbx_audit_revision_history.data_content_type 
_pdbx_audit_revision_history.major_revision 
_pdbx_audit_revision_history.minor_revision 
_pdbx_audit_revision_history.revision_date 
1 'Structure model' 1 0 2019-04-24 
2 'Structure model' 1 1 2019-11-06 
3 'Structure model' 1 2 2023-11-22 
# 
_pdbx_audit_revision_details.ordinal             1 
_pdbx_audit_revision_details.revision_ordinal    1 
_pdbx_audit_revision_details.data_content_type   'Structure model' 
_pdbx_audit_revision_details.provider            repository 
_pdbx_audit_revision_details.type                'Initial release' 
_pdbx_audit_revision_details.description         ? 
_pdbx_audit_revision_details.details             ? 
# 
loop_
_pdbx_audit_revision_group.ordinal 
_pdbx_audit_revision_group.revision_ordinal 
_pdbx_audit_revision_group.data_content_type 
_pdbx_audit_revision_group.group 
1 2 'Structure model' 'Data collection'        
2 2 'Structure model' 'Database references'    
3 3 'Structure model' 'Data collection'        
4 3 'Structure model' 'Database references'    
5 3 'Structure model' 'Refinement description' 
# 
loop_
_pdbx_audit_revision_category.ordinal 
_pdbx_audit_revision_category.revision_ordinal 
_pdbx_audit_revision_category.data_content_type 
_pdbx_audit_revision_category.category 
1 2 'Structure model' citation                      
2 2 'Structure model' citation_author               
3 3 'Structure model' chem_comp_atom                
4 3 'Structure model' chem_comp_bond                
5 3 'Structure model' database_2                    
6 3 'Structure model' pdbx_initial_refinement_model 
# 
loop_
_pdbx_audit_revision_item.ordinal 
_pdbx_audit_revision_item.revision_ordinal 
_pdbx_audit_revision_item.data_content_type 
_pdbx_audit_revision_item.item 
1  2 'Structure model' '_citation.country'                   
2  2 'Structure model' '_citation.journal_abbrev'            
3  2 'Structure model' '_citation.journal_id_ASTM'           
4  2 'Structure model' '_citation.journal_id_CSD'            
5  2 'Structure model' '_citation.journal_id_ISSN'           
6  2 'Structure model' '_citation.journal_volume'            
7  2 'Structure model' '_citation.page_first'                
8  2 'Structure model' '_citation.page_last'                 
9  2 'Structure model' '_citation.pdbx_database_id_DOI'      
10 2 'Structure model' '_citation.pdbx_database_id_PubMed'   
11 2 'Structure model' '_citation.title'                     
12 2 'Structure model' '_citation.year'                      
13 2 'Structure model' '_citation_author.name'               
14 3 'Structure model' '_database_2.pdbx_DOI'                
15 3 'Structure model' '_database_2.pdbx_database_accession' 
# 
loop_
_software.citation_id 
_software.classification 
_software.compiler_name 
_software.compiler_version 
_software.contact_author 
_software.contact_author_email 
_software.date 
_software.description 
_software.dependencies 
_software.hardware 
_software.language 
_software.location 
_software.mods 
_software.name 
_software.os 
_software.os_version 
_software.type 
_software.version 
_software.pdbx_ordinal 
? refinement       ? ? ? ? ? ? ? ? ? ? ? REFMAC  ? ? ? 5.8.0049 1 
? 'data reduction' ? ? ? ? ? ? ? ? ? ? ? iMOSFLM ? ? ? .        2 
? 'data scaling'   ? ? ? ? ? ? ? ? ? ? ? SCALA   ? ? ? .        3 
? phasing          ? ? ? ? ? ? ? ? ? ? ? PHASER  ? ? ? .        4 
# 
loop_
_pdbx_unobs_or_zero_occ_atoms.id 
_pdbx_unobs_or_zero_occ_atoms.PDB_model_num 
_pdbx_unobs_or_zero_occ_atoms.polymer_flag 
_pdbx_unobs_or_zero_occ_atoms.occupancy_flag 
_pdbx_unobs_or_zero_occ_atoms.auth_asym_id 
_pdbx_unobs_or_zero_occ_atoms.auth_comp_id 
_pdbx_unobs_or_zero_occ_atoms.auth_seq_id 
_pdbx_unobs_or_zero_occ_atoms.PDB_ins_code 
_pdbx_unobs_or_zero_occ_atoms.auth_atom_id 
_pdbx_unobs_or_zero_occ_atoms.label_alt_id 
_pdbx_unobs_or_zero_occ_atoms.label_asym_id 
_pdbx_unobs_or_zero_occ_atoms.label_comp_id 
_pdbx_unobs_or_zero_occ_atoms.label_seq_id 
_pdbx_unobs_or_zero_occ_atoms.label_atom_id 
1 1 Y 1 A LYS 3  ? CE  ? A LYS 23 CE  
2 1 Y 1 A LYS 3  ? NZ  ? A LYS 23 NZ  
3 1 Y 1 A LYS 38 ? NZ  ? A LYS 58 NZ  
4 1 Y 1 A ASP 75 ? CB  ? A ASP 95 CB  
5 1 Y 1 A ASP 75 ? CG  ? A ASP 95 CG  
6 1 Y 1 A ASP 75 ? OD1 ? A ASP 95 OD1 
7 1 Y 1 A ASP 75 ? OD2 ? A ASP 95 OD2 
8 1 Y 1 A ALA 76 ? CB  ? A ALA 96 CB  
# 
loop_
_pdbx_unobs_or_zero_occ_residues.id 
_pdbx_unobs_or_zero_occ_residues.PDB_model_num 
_pdbx_unobs_or_zero_occ_residues.polymer_flag 
_pdbx_unobs_or_zero_occ_residues.occupancy_flag 
_pdbx_unobs_or_zero_occ_residues.auth_asym_id 
_pdbx_unobs_or_zero_occ_residues.auth_comp_id 
_pdbx_unobs_or_zero_occ_residues.auth_seq_id 
_pdbx_unobs_or_zero_occ_residues.PDB_ins_code 
_pdbx_unobs_or_zero_occ_residues.label_asym_id 
_pdbx_unobs_or_zero_occ_residues.label_comp_id 
_pdbx_unobs_or_zero_occ_residues.label_seq_id 
1  1 Y 1 A MET -19 ? A MET 1  
2  1 Y 1 A GLY -18 ? A GLY 2  
3  1 Y 1 A SER -17 ? A SER 3  
4  1 Y 1 A SER -16 ? A SER 4  
5  1 Y 1 A HIS -15 ? A HIS 5  
6  1 Y 1 A HIS -14 ? A HIS 6  
7  1 Y 1 A HIS -13 ? A HIS 7  
8  1 Y 1 A HIS -12 ? A HIS 8  
9  1 Y 1 A HIS -11 ? A HIS 9  
10 1 Y 1 A HIS -10 ? A HIS 10 
11 1 Y 1 A SER -9  ? A SER 11 
12 1 Y 1 A SER -8  ? A SER 12 
13 1 Y 1 A GLY -7  ? A GLY 13 
14 1 Y 1 A LEU -6  ? A LEU 14 
15 1 Y 1 A VAL -5  ? A VAL 15 
16 1 Y 1 A PRO -4  ? A PRO 16 
17 1 Y 1 A ARG -3  ? A ARG 17 
18 1 Y 1 A GLY -2  ? A GLY 18 
19 1 Y 1 A SER -1  ? A SER 19 
20 1 Y 1 A HIS 0   ? A HIS 20 
21 1 Y 1 A MET 1   ? A MET 21 
22 1 Y 1 A THR 2   ? A THR 22 
# 
loop_
_chem_comp_atom.comp_id 
_chem_comp_atom.atom_id 
_chem_comp_atom.type_symbol 
_chem_comp_atom.pdbx_aromatic_flag 
_chem_comp_atom.pdbx_stereo_config 
_chem_comp_atom.pdbx_ordinal 
ALA N    N N N 1   
ALA CA   C N S 2   
ALA C    C N N 3   
ALA O    O N N 4   
ALA CB   C N N 5   
ALA OXT  O N N 6   
ALA H    H N N 7   
ALA H2   H N N 8   
ALA HA   H N N 9   
ALA HB1  H N N 10  
ALA HB2  H N N 11  
ALA HB3  H N N 12  
ALA HXT  H N N 13  
ARG N    N N N 14  
ARG CA   C N S 15  
ARG C    C N N 16  
ARG O    O N N 17  
ARG CB   C N N 18  
ARG CG   C N N 19  
ARG CD   C N N 20  
ARG NE   N N N 21  
ARG CZ   C N N 22  
ARG NH1  N N N 23  
ARG NH2  N N N 24  
ARG OXT  O N N 25  
ARG H    H N N 26  
ARG H2   H N N 27  
ARG HA   H N N 28  
ARG HB2  H N N 29  
ARG HB3  H N N 30  
ARG HG2  H N N 31  
ARG HG3  H N N 32  
ARG HD2  H N N 33  
ARG HD3  H N N 34  
ARG HE   H N N 35  
ARG HH11 H N N 36  
ARG HH12 H N N 37  
ARG HH21 H N N 38  
ARG HH22 H N N 39  
ARG HXT  H N N 40  
ASN N    N N N 41  
ASN CA   C N S 42  
ASN C    C N N 43  
ASN O    O N N 44  
ASN CB   C N N 45  
ASN CG   C N N 46  
ASN OD1  O N N 47  
ASN ND2  N N N 48  
ASN OXT  O N N 49  
ASN H    H N N 50  
ASN H2   H N N 51  
ASN HA   H N N 52  
ASN HB2  H N N 53  
ASN HB3  H N N 54  
ASN HD21 H N N 55  
ASN HD22 H N N 56  
ASN HXT  H N N 57  
ASP N    N N N 58  
ASP CA   C N S 59  
ASP C    C N N 60  
ASP O    O N N 61  
ASP CB   C N N 62  
ASP CG   C N N 63  
ASP OD1  O N N 64  
ASP OD2  O N N 65  
ASP OXT  O N N 66  
ASP H    H N N 67  
ASP H2   H N N 68  
ASP HA   H N N 69  
ASP HB2  H N N 70  
ASP HB3  H N N 71  
ASP HD2  H N N 72  
ASP HXT  H N N 73  
GLN N    N N N 74  
GLN CA   C N S 75  
GLN C    C N N 76  
GLN O    O N N 77  
GLN CB   C N N 78  
GLN CG   C N N 79  
GLN CD   C N N 80  
GLN OE1  O N N 81  
GLN NE2  N N N 82  
GLN OXT  O N N 83  
GLN H    H N N 84  
GLN H2   H N N 85  
GLN HA   H N N 86  
GLN HB2  H N N 87  
GLN HB3  H N N 88  
GLN HG2  H N N 89  
GLN HG3  H N N 90  
GLN HE21 H N N 91  
GLN HE22 H N N 92  
GLN HXT  H N N 93  
GLU N    N N N 94  
GLU CA   C N S 95  
GLU C    C N N 96  
GLU O    O N N 97  
GLU CB   C N N 98  
GLU CG   C N N 99  
GLU CD   C N N 100 
GLU OE1  O N N 101 
GLU OE2  O N N 102 
GLU OXT  O N N 103 
GLU H    H N N 104 
GLU H2   H N N 105 
GLU HA   H N N 106 
GLU HB2  H N N 107 
GLU HB3  H N N 108 
GLU HG2  H N N 109 
GLU HG3  H N N 110 
GLU HE2  H N N 111 
GLU HXT  H N N 112 
GLY N    N N N 113 
GLY CA   C N N 114 
GLY C    C N N 115 
GLY O    O N N 116 
GLY OXT  O N N 117 
GLY H    H N N 118 
GLY H2   H N N 119 
GLY HA2  H N N 120 
GLY HA3  H N N 121 
GLY HXT  H N N 122 
HIS N    N N N 123 
HIS CA   C N S 124 
HIS C    C N N 125 
HIS O    O N N 126 
HIS CB   C N N 127 
HIS CG   C Y N 128 
HIS ND1  N Y N 129 
HIS CD2  C Y N 130 
HIS CE1  C Y N 131 
HIS NE2  N Y N 132 
HIS OXT  O N N 133 
HIS H    H N N 134 
HIS H2   H N N 135 
HIS HA   H N N 136 
HIS HB2  H N N 137 
HIS HB3  H N N 138 
HIS HD1  H N N 139 
HIS HD2  H N N 140 
HIS HE1  H N N 141 
HIS HE2  H N N 142 
HIS HXT  H N N 143 
HOH O    O N N 144 
HOH H1   H N N 145 
HOH H2   H N N 146 
ILE N    N N N 147 
ILE CA   C N S 148 
ILE C    C N N 149 
ILE O    O N N 150 
ILE CB   C N S 151 
ILE CG1  C N N 152 
ILE CG2  C N N 153 
ILE CD1  C N N 154 
ILE OXT  O N N 155 
ILE H    H N N 156 
ILE H2   H N N 157 
ILE HA   H N N 158 
ILE HB   H N N 159 
ILE HG12 H N N 160 
ILE HG13 H N N 161 
ILE HG21 H N N 162 
ILE HG22 H N N 163 
ILE HG23 H N N 164 
ILE HD11 H N N 165 
ILE HD12 H N N 166 
ILE HD13 H N N 167 
ILE HXT  H N N 168 
LEU N    N N N 169 
LEU CA   C N S 170 
LEU C    C N N 171 
LEU O    O N N 172 
LEU CB   C N N 173 
LEU CG   C N N 174 
LEU CD1  C N N 175 
LEU CD2  C N N 176 
LEU OXT  O N N 177 
LEU H    H N N 178 
LEU H2   H N N 179 
LEU HA   H N N 180 
LEU HB2  H N N 181 
LEU HB3  H N N 182 
LEU HG   H N N 183 
LEU HD11 H N N 184 
LEU HD12 H N N 185 
LEU HD13 H N N 186 
LEU HD21 H N N 187 
LEU HD22 H N N 188 
LEU HD23 H N N 189 
LEU HXT  H N N 190 
LYS N    N N N 191 
LYS CA   C N S 192 
LYS C    C N N 193 
LYS O    O N N 194 
LYS CB   C N N 195 
LYS CG   C N N 196 
LYS CD   C N N 197 
LYS CE   C N N 198 
LYS NZ   N N N 199 
LYS OXT  O N N 200 
LYS H    H N N 201 
LYS H2   H N N 202 
LYS HA   H N N 203 
LYS HB2  H N N 204 
LYS HB3  H N N 205 
LYS HG2  H N N 206 
LYS HG3  H N N 207 
LYS HD2  H N N 208 
LYS HD3  H N N 209 
LYS HE2  H N N 210 
LYS HE3  H N N 211 
LYS HZ1  H N N 212 
LYS HZ2  H N N 213 
LYS HZ3  H N N 214 
LYS HXT  H N N 215 
MET N    N N N 216 
MET CA   C N S 217 
MET C    C N N 218 
MET O    O N N 219 
MET CB   C N N 220 
MET CG   C N N 221 
MET SD   S N N 222 
MET CE   C N N 223 
MET OXT  O N N 224 
MET H    H N N 225 
MET H2   H N N 226 
MET HA   H N N 227 
MET HB2  H N N 228 
MET HB3  H N N 229 
MET HG2  H N N 230 
MET HG3  H N N 231 
MET HE1  H N N 232 
MET HE2  H N N 233 
MET HE3  H N N 234 
MET HXT  H N N 235 
PRO N    N N N 236 
PRO CA   C N S 237 
PRO C    C N N 238 
PRO O    O N N 239 
PRO CB   C N N 240 
PRO CG   C N N 241 
PRO CD   C N N 242 
PRO OXT  O N N 243 
PRO H    H N N 244 
PRO HA   H N N 245 
PRO HB2  H N N 246 
PRO HB3  H N N 247 
PRO HG2  H N N 248 
PRO HG3  H N N 249 
PRO HD2  H N N 250 
PRO HD3  H N N 251 
PRO HXT  H N N 252 
SER N    N N N 253 
SER CA   C N S 254 
SER C    C N N 255 
SER O    O N N 256 
SER CB   C N N 257 
SER OG   O N N 258 
SER OXT  O N N 259 
SER H    H N N 260 
SER H2   H N N 261 
SER HA   H N N 262 
SER HB2  H N N 263 
SER HB3  H N N 264 
SER HG   H N N 265 
SER HXT  H N N 266 
THR N    N N N 267 
THR CA   C N S 268 
THR C    C N N 269 
THR O    O N N 270 
THR CB   C N R 271 
THR OG1  O N N 272 
THR CG2  C N N 273 
THR OXT  O N N 274 
THR H    H N N 275 
THR H2   H N N 276 
THR HA   H N N 277 
THR HB   H N N 278 
THR HG1  H N N 279 
THR HG21 H N N 280 
THR HG22 H N N 281 
THR HG23 H N N 282 
THR HXT  H N N 283 
TRP N    N N N 284 
TRP CA   C N S 285 
TRP C    C N N 286 
TRP O    O N N 287 
TRP CB   C N N 288 
TRP CG   C Y N 289 
TRP CD1  C Y N 290 
TRP CD2  C Y N 291 
TRP NE1  N Y N 292 
TRP CE2  C Y N 293 
TRP CE3  C Y N 294 
TRP CZ2  C Y N 295 
TRP CZ3  C Y N 296 
TRP CH2  C Y N 297 
TRP OXT  O N N 298 
TRP H    H N N 299 
TRP H2   H N N 300 
TRP HA   H N N 301 
TRP HB2  H N N 302 
TRP HB3  H N N 303 
TRP HD1  H N N 304 
TRP HE1  H N N 305 
TRP HE3  H N N 306 
TRP HZ2  H N N 307 
TRP HZ3  H N N 308 
TRP HH2  H N N 309 
TRP HXT  H N N 310 
TYR N    N N N 311 
TYR CA   C N S 312 
TYR C    C N N 313 
TYR O    O N N 314 
TYR CB   C N N 315 
TYR CG   C Y N 316 
TYR CD1  C Y N 317 
TYR CD2  C Y N 318 
TYR CE1  C Y N 319 
TYR CE2  C Y N 320 
TYR CZ   C Y N 321 
TYR OH   O N N 322 
TYR OXT  O N N 323 
TYR H    H N N 324 
TYR H2   H N N 325 
TYR HA   H N N 326 
TYR HB2  H N N 327 
TYR HB3  H N N 328 
TYR HD1  H N N 329 
TYR HD2  H N N 330 
TYR HE1  H N N 331 
TYR HE2  H N N 332 
TYR HH   H N N 333 
TYR HXT  H N N 334 
VAL N    N N N 335 
VAL CA   C N S 336 
VAL C    C N N 337 
VAL O    O N N 338 
VAL CB   C N N 339 
VAL CG1  C N N 340 
VAL CG2  C N N 341 
VAL OXT  O N N 342 
VAL H    H N N 343 
VAL H2   H N N 344 
VAL HA   H N N 345 
VAL HB   H N N 346 
VAL HG11 H N N 347 
VAL HG12 H N N 348 
VAL HG13 H N N 349 
VAL HG21 H N N 350 
VAL HG22 H N N 351 
VAL HG23 H N N 352 
VAL HXT  H N N 353 
# 
loop_
_chem_comp_bond.comp_id 
_chem_comp_bond.atom_id_1 
_chem_comp_bond.atom_id_2 
_chem_comp_bond.value_order 
_chem_comp_bond.pdbx_aromatic_flag 
_chem_comp_bond.pdbx_stereo_config 
_chem_comp_bond.pdbx_ordinal 
ALA N   CA   sing N N 1   
ALA N   H    sing N N 2   
ALA N   H2   sing N N 3   
ALA CA  C    sing N N 4   
ALA CA  CB   sing N N 5   
ALA CA  HA   sing N N 6   
ALA C   O    doub N N 7   
ALA C   OXT  sing N N 8   
ALA CB  HB1  sing N N 9   
ALA CB  HB2  sing N N 10  
ALA CB  HB3  sing N N 11  
ALA OXT HXT  sing N N 12  
ARG N   CA   sing N N 13  
ARG N   H    sing N N 14  
ARG N   H2   sing N N 15  
ARG CA  C    sing N N 16  
ARG CA  CB   sing N N 17  
ARG CA  HA   sing N N 18  
ARG C   O    doub N N 19  
ARG C   OXT  sing N N 20  
ARG CB  CG   sing N N 21  
ARG CB  HB2  sing N N 22  
ARG CB  HB3  sing N N 23  
ARG CG  CD   sing N N 24  
ARG CG  HG2  sing N N 25  
ARG CG  HG3  sing N N 26  
ARG CD  NE   sing N N 27  
ARG CD  HD2  sing N N 28  
ARG CD  HD3  sing N N 29  
ARG NE  CZ   sing N N 30  
ARG NE  HE   sing N N 31  
ARG CZ  NH1  sing N N 32  
ARG CZ  NH2  doub N N 33  
ARG NH1 HH11 sing N N 34  
ARG NH1 HH12 sing N N 35  
ARG NH2 HH21 sing N N 36  
ARG NH2 HH22 sing N N 37  
ARG OXT HXT  sing N N 38  
ASN N   CA   sing N N 39  
ASN N   H    sing N N 40  
ASN N   H2   sing N N 41  
ASN CA  C    sing N N 42  
ASN CA  CB   sing N N 43  
ASN CA  HA   sing N N 44  
ASN C   O    doub N N 45  
ASN C   OXT  sing N N 46  
ASN CB  CG   sing N N 47  
ASN CB  HB2  sing N N 48  
ASN CB  HB3  sing N N 49  
ASN CG  OD1  doub N N 50  
ASN CG  ND2  sing N N 51  
ASN ND2 HD21 sing N N 52  
ASN ND2 HD22 sing N N 53  
ASN OXT HXT  sing N N 54  
ASP N   CA   sing N N 55  
ASP N   H    sing N N 56  
ASP N   H2   sing N N 57  
ASP CA  C    sing N N 58  
ASP CA  CB   sing N N 59  
ASP CA  HA   sing N N 60  
ASP C   O    doub N N 61  
ASP C   OXT  sing N N 62  
ASP CB  CG   sing N N 63  
ASP CB  HB2  sing N N 64  
ASP CB  HB3  sing N N 65  
ASP CG  OD1  doub N N 66  
ASP CG  OD2  sing N N 67  
ASP OD2 HD2  sing N N 68  
ASP OXT HXT  sing N N 69  
GLN N   CA   sing N N 70  
GLN N   H    sing N N 71  
GLN N   H2   sing N N 72  
GLN CA  C    sing N N 73  
GLN CA  CB   sing N N 74  
GLN CA  HA   sing N N 75  
GLN C   O    doub N N 76  
GLN C   OXT  sing N N 77  
GLN CB  CG   sing N N 78  
GLN CB  HB2  sing N N 79  
GLN CB  HB3  sing N N 80  
GLN CG  CD   sing N N 81  
GLN CG  HG2  sing N N 82  
GLN CG  HG3  sing N N 83  
GLN CD  OE1  doub N N 84  
GLN CD  NE2  sing N N 85  
GLN NE2 HE21 sing N N 86  
GLN NE2 HE22 sing N N 87  
GLN OXT HXT  sing N N 88  
GLU N   CA   sing N N 89  
GLU N   H    sing N N 90  
GLU N   H2   sing N N 91  
GLU CA  C    sing N N 92  
GLU CA  CB   sing N N 93  
GLU CA  HA   sing N N 94  
GLU C   O    doub N N 95  
GLU C   OXT  sing N N 96  
GLU CB  CG   sing N N 97  
GLU CB  HB2  sing N N 98  
GLU CB  HB3  sing N N 99  
GLU CG  CD   sing N N 100 
GLU CG  HG2  sing N N 101 
GLU CG  HG3  sing N N 102 
GLU CD  OE1  doub N N 103 
GLU CD  OE2  sing N N 104 
GLU OE2 HE2  sing N N 105 
GLU OXT HXT  sing N N 106 
GLY N   CA   sing N N 107 
GLY N   H    sing N N 108 
GLY N   H2   sing N N 109 
GLY CA  C    sing N N 110 
GLY CA  HA2  sing N N 111 
GLY CA  HA3  sing N N 112 
GLY C   O    doub N N 113 
GLY C   OXT  sing N N 114 
GLY OXT HXT  sing N N 115 
HIS N   CA   sing N N 116 
HIS N   H    sing N N 117 
HIS N   H2   sing N N 118 
HIS CA  C    sing N N 119 
HIS CA  CB   sing N N 120 
HIS CA  HA   sing N N 121 
HIS C   O    doub N N 122 
HIS C   OXT  sing N N 123 
HIS CB  CG   sing N N 124 
HIS CB  HB2  sing N N 125 
HIS CB  HB3  sing N N 126 
HIS CG  ND1  sing Y N 127 
HIS CG  CD2  doub Y N 128 
HIS ND1 CE1  doub Y N 129 
HIS ND1 HD1  sing N N 130 
HIS CD2 NE2  sing Y N 131 
HIS CD2 HD2  sing N N 132 
HIS CE1 NE2  sing Y N 133 
HIS CE1 HE1  sing N N 134 
HIS NE2 HE2  sing N N 135 
HIS OXT HXT  sing N N 136 
HOH O   H1   sing N N 137 
HOH O   H2   sing N N 138 
ILE N   CA   sing N N 139 
ILE N   H    sing N N 140 
ILE N   H2   sing N N 141 
ILE CA  C    sing N N 142 
ILE CA  CB   sing N N 143 
ILE CA  HA   sing N N 144 
ILE C   O    doub N N 145 
ILE C   OXT  sing N N 146 
ILE CB  CG1  sing N N 147 
ILE CB  CG2  sing N N 148 
ILE CB  HB   sing N N 149 
ILE CG1 CD1  sing N N 150 
ILE CG1 HG12 sing N N 151 
ILE CG1 HG13 sing N N 152 
ILE CG2 HG21 sing N N 153 
ILE CG2 HG22 sing N N 154 
ILE CG2 HG23 sing N N 155 
ILE CD1 HD11 sing N N 156 
ILE CD1 HD12 sing N N 157 
ILE CD1 HD13 sing N N 158 
ILE OXT HXT  sing N N 159 
LEU N   CA   sing N N 160 
LEU N   H    sing N N 161 
LEU N   H2   sing N N 162 
LEU CA  C    sing N N 163 
LEU CA  CB   sing N N 164 
LEU CA  HA   sing N N 165 
LEU C   O    doub N N 166 
LEU C   OXT  sing N N 167 
LEU CB  CG   sing N N 168 
LEU CB  HB2  sing N N 169 
LEU CB  HB3  sing N N 170 
LEU CG  CD1  sing N N 171 
LEU CG  CD2  sing N N 172 
LEU CG  HG   sing N N 173 
LEU CD1 HD11 sing N N 174 
LEU CD1 HD12 sing N N 175 
LEU CD1 HD13 sing N N 176 
LEU CD2 HD21 sing N N 177 
LEU CD2 HD22 sing N N 178 
LEU CD2 HD23 sing N N 179 
LEU OXT HXT  sing N N 180 
LYS N   CA   sing N N 181 
LYS N   H    sing N N 182 
LYS N   H2   sing N N 183 
LYS CA  C    sing N N 184 
LYS CA  CB   sing N N 185 
LYS CA  HA   sing N N 186 
LYS C   O    doub N N 187 
LYS C   OXT  sing N N 188 
LYS CB  CG   sing N N 189 
LYS CB  HB2  sing N N 190 
LYS CB  HB3  sing N N 191 
LYS CG  CD   sing N N 192 
LYS CG  HG2  sing N N 193 
LYS CG  HG3  sing N N 194 
LYS CD  CE   sing N N 195 
LYS CD  HD2  sing N N 196 
LYS CD  HD3  sing N N 197 
LYS CE  NZ   sing N N 198 
LYS CE  HE2  sing N N 199 
LYS CE  HE3  sing N N 200 
LYS NZ  HZ1  sing N N 201 
LYS NZ  HZ2  sing N N 202 
LYS NZ  HZ3  sing N N 203 
LYS OXT HXT  sing N N 204 
MET N   CA   sing N N 205 
MET N   H    sing N N 206 
MET N   H2   sing N N 207 
MET CA  C    sing N N 208 
MET CA  CB   sing N N 209 
MET CA  HA   sing N N 210 
MET C   O    doub N N 211 
MET C   OXT  sing N N 212 
MET CB  CG   sing N N 213 
MET CB  HB2  sing N N 214 
MET CB  HB3  sing N N 215 
MET CG  SD   sing N N 216 
MET CG  HG2  sing N N 217 
MET CG  HG3  sing N N 218 
MET SD  CE   sing N N 219 
MET CE  HE1  sing N N 220 
MET CE  HE2  sing N N 221 
MET CE  HE3  sing N N 222 
MET OXT HXT  sing N N 223 
PRO N   CA   sing N N 224 
PRO N   CD   sing N N 225 
PRO N   H    sing N N 226 
PRO CA  C    sing N N 227 
PRO CA  CB   sing N N 228 
PRO CA  HA   sing N N 229 
PRO C   O    doub N N 230 
PRO C   OXT  sing N N 231 
PRO CB  CG   sing N N 232 
PRO CB  HB2  sing N N 233 
PRO CB  HB3  sing N N 234 
PRO CG  CD   sing N N 235 
PRO CG  HG2  sing N N 236 
PRO CG  HG3  sing N N 237 
PRO CD  HD2  sing N N 238 
PRO CD  HD3  sing N N 239 
PRO OXT HXT  sing N N 240 
SER N   CA   sing N N 241 
SER N   H    sing N N 242 
SER N   H2   sing N N 243 
SER CA  C    sing N N 244 
SER CA  CB   sing N N 245 
SER CA  HA   sing N N 246 
SER C   O    doub N N 247 
SER C   OXT  sing N N 248 
SER CB  OG   sing N N 249 
SER CB  HB2  sing N N 250 
SER CB  HB3  sing N N 251 
SER OG  HG   sing N N 252 
SER OXT HXT  sing N N 253 
THR N   CA   sing N N 254 
THR N   H    sing N N 255 
THR N   H2   sing N N 256 
THR CA  C    sing N N 257 
THR CA  CB   sing N N 258 
THR CA  HA   sing N N 259 
THR C   O    doub N N 260 
THR C   OXT  sing N N 261 
THR CB  OG1  sing N N 262 
THR CB  CG2  sing N N 263 
THR CB  HB   sing N N 264 
THR OG1 HG1  sing N N 265 
THR CG2 HG21 sing N N 266 
THR CG2 HG22 sing N N 267 
THR CG2 HG23 sing N N 268 
THR OXT HXT  sing N N 269 
TRP N   CA   sing N N 270 
TRP N   H    sing N N 271 
TRP N   H2   sing N N 272 
TRP CA  C    sing N N 273 
TRP CA  CB   sing N N 274 
TRP CA  HA   sing N N 275 
TRP C   O    doub N N 276 
TRP C   OXT  sing N N 277 
TRP CB  CG   sing N N 278 
TRP CB  HB2  sing N N 279 
TRP CB  HB3  sing N N 280 
TRP CG  CD1  doub Y N 281 
TRP CG  CD2  sing Y N 282 
TRP CD1 NE1  sing Y N 283 
TRP CD1 HD1  sing N N 284 
TRP CD2 CE2  doub Y N 285 
TRP CD2 CE3  sing Y N 286 
TRP NE1 CE2  sing Y N 287 
TRP NE1 HE1  sing N N 288 
TRP CE2 CZ2  sing Y N 289 
TRP CE3 CZ3  doub Y N 290 
TRP CE3 HE3  sing N N 291 
TRP CZ2 CH2  doub Y N 292 
TRP CZ2 HZ2  sing N N 293 
TRP CZ3 CH2  sing Y N 294 
TRP CZ3 HZ3  sing N N 295 
TRP CH2 HH2  sing N N 296 
TRP OXT HXT  sing N N 297 
TYR N   CA   sing N N 298 
TYR N   H    sing N N 299 
TYR N   H2   sing N N 300 
TYR CA  C    sing N N 301 
TYR CA  CB   sing N N 302 
TYR CA  HA   sing N N 303 
TYR C   O    doub N N 304 
TYR C   OXT  sing N N 305 
TYR CB  CG   sing N N 306 
TYR CB  HB2  sing N N 307 
TYR CB  HB3  sing N N 308 
TYR CG  CD1  doub Y N 309 
TYR CG  CD2  sing Y N 310 
TYR CD1 CE1  sing Y N 311 
TYR CD1 HD1  sing N N 312 
TYR CD2 CE2  doub Y N 313 
TYR CD2 HD2  sing N N 314 
TYR CE1 CZ   doub Y N 315 
TYR CE1 HE1  sing N N 316 
TYR CE2 CZ   sing Y N 317 
TYR CE2 HE2  sing N N 318 
TYR CZ  OH   sing N N 319 
TYR OH  HH   sing N N 320 
TYR OXT HXT  sing N N 321 
VAL N   CA   sing N N 322 
VAL N   H    sing N N 323 
VAL N   H2   sing N N 324 
VAL CA  C    sing N N 325 
VAL CA  CB   sing N N 326 
VAL CA  HA   sing N N 327 
VAL C   O    doub N N 328 
VAL C   OXT  sing N N 329 
VAL CB  CG1  sing N N 330 
VAL CB  CG2  sing N N 331 
VAL CB  HB   sing N N 332 
VAL CG1 HG11 sing N N 333 
VAL CG1 HG12 sing N N 334 
VAL CG1 HG13 sing N N 335 
VAL CG2 HG21 sing N N 336 
VAL CG2 HG22 sing N N 337 
VAL CG2 HG23 sing N N 338 
VAL OXT HXT  sing N N 339 
# 
_pdbx_entity_nonpoly.entity_id   2 
_pdbx_entity_nonpoly.name        water 
_pdbx_entity_nonpoly.comp_id     HOH 
# 
_pdbx_initial_refinement_model.id               1 
_pdbx_initial_refinement_model.entity_id_list   ? 
_pdbx_initial_refinement_model.type             'experimental model' 
_pdbx_initial_refinement_model.source_name      PDB 
_pdbx_initial_refinement_model.accession_code   5ZRC 
_pdbx_initial_refinement_model.details          ? 
# 
_pdbx_struct_assembly_auth_evidence.id                     1 
_pdbx_struct_assembly_auth_evidence.assembly_id            1 
_pdbx_struct_assembly_auth_evidence.experimental_support   'gel filtration' 
_pdbx_struct_assembly_auth_evidence.details                ? 
# 
